data_8D42
#
_entry.id   8D42
#
_cell.length_a   1.00
_cell.length_b   1.00
_cell.length_c   1.00
_cell.angle_alpha   90.00
_cell.angle_beta   90.00
_cell.angle_gamma   90.00
#
_symmetry.space_group_name_H-M   'P 1'
#
loop_
_entity.id
_entity.type
_entity.pdbx_description
1 polymer 'DNA polymerase subunit gamma-1'
2 polymer 'DNA polymerase subunit gamma-2, mitochondrial'
3 polymer "DNA (5'-D(P*AP*AP*AP*CP*GP*AP*CP*GP*GP*CP*CP*AP*GP*TP*GP*CP*CP*AP*TP*AP*T)-3')"
4 polymer "DNA (5'-D(P*GP*GP*TP*AP*TP*GP*GP*CP*AP*CP*TP*GP*GP*CP*CP*GP*TP*CP*GP*TP*TP*T)-3')"
5 non-polymer 'CALCIUM ION'
6 non-polymer "2'-DEOXYCYTIDINE-5'-TRIPHOSPHATE"
#
loop_
_entity_poly.entity_id
_entity_poly.type
_entity_poly.pdbx_seq_one_letter_code
_entity_poly.pdbx_strand_id
1 'polypeptide(L)'
;MSRLLWRKVAGATVGPGPVPAPGRWVSSSVPASDPSDGQRRRQQQQQQQQQQQQQPQQPQVLSSEGGQLRHNPLDIQMLS
RGLHEQIFGQGGEMPGEAAVRRSVEHLQKHGLWGQPAVPLPDVELRLPPLYGDNLDQHFRLLAQKQSLPYLEAANLLLQA
QLPPKPPAWAWAEGWTRYGPEGEAVPVAIPEERALVFDVEVCLAEGTCPTLAVAISPSAWYSWCSQRLVEERYSWTSQLS
PADLIPLEVPTGASSPTQRDWQEQLVVGHNVSFDRAHIREQYLIQGSRMRFLDTMSMHMAISGLSSFQRSLWIAAKQGKH
KVQPPTKQGQKSQRKARRGPAISSWDWLDISSVNSLAEVHRLYVGGPPLEKEPRELFVKGTMKDIRENFQDLMQYCAQDV
WATHEVFQQQLPLFLERCPHPVTLAGMLEMGVSYLPVNQNWERYLAEAQGTYEELQREMKKSLMDLANDACQLLSGERYK
EDPWLWDLEWDLQEFKQKKAKKVKKEPATASKLPIEGAGAPGDPMDQEDLGPCSEEEEFQQDVMARACLQKLKGTTELLP
KRPQHLPGHPGWYRKLCPRLDDPAWTPGPSLLSLQMRVTPKLMALTWDGFPLHYSERHGWGYLVPGRRDNLAKLPTGTTL
ESAGVVCPYRAIESLYRKHCLEQGKQQLMPQEAGLAEEFLLTDNSAIWQTVEELDYLEVEAEAKMENLRAAVPGQPLALT
ARGGPKDTQPSYHHGNGPYNDVDIPGCWFFKLPHKDGNSCNVGSPFAKDFLPKMEDGTLQAGPGGASGPRALEINKMISF
WRNAHKRISSQMVVWLPRSALPRAVIRHPDYDEEGLYGAILPQVVTAGTITRRAVEPTWLTASNARPDRVGSELKAMVQA
PPGYTLVGADVDSQELWIAAVLGDAHFAGMHGCTAFGWMTLQGRKSRGTDLHSKTATTVGISREHAKIFNYGRIYGAGQP
FAERLLMQFNHRLTQQEAAEKAQQMYAATKGLRWYRLSDEGEWLVRELNLPVDRTEGGWISLQDLRKVQRETARKSQWKK
WEVVAERAWKGGTESEMFNKLESIATSDIPRTPVLGCCISRALEPSAVQEEFMTSRVNWVVQSSAVDYLHLMLVAMKWLF
EEFAIDGRFCISIHDEVRYLVREEDRYRAALALQITNLLTRCMFAYKLGLNDLPQSVAFFSAVDIDRCLRKEVTMDCKTP
SNPTGMERRYGIPQGEALDIYQIIELTKGSLEKRSQPGP
;
A
2 'polypeptide(L)'
;MRSRVAVRACHKVCRCLLSGFGGRVDAGQPELLTERSSPKGGHVKSHAELEGNGEHPEAPGSGEGSEALLEICQRRHFLS
GSKQQLSRDSLLSGCHPGFGPLGVELRKNLAAEWWTSVVVFREQVFPVDALHHKPGPLLPGDSAFRLVSAETLREILQDK
ELSKEQLVAFLENVLKTSGKLRENLLHGALEHYVNCLDLVNKRLPYGLAQIGVCFHPVFDTKQIRNGVKSIGEKTEASLV
WFTPPRTSNQWLDFWLRHRLQWWRKFAMSPSNFSSSDCQDEEGRKGNKLYYNFPWGKELIETLWNLGDHELLHMYPGNVS
KLHGRDGRKNVVPCVLSVNGDLDRGMLAYLYDSFQLTENSFTRKKNLHRKVLKLHPCLAPIKVALDVGRGPTLELRQVCQ
GLFNELLENGISVWPGYLETMQSSLEQLYSKYDEMSILFTVLVTETTLENGLIHLRSRDTTMKEMMHISKLKDFLIKYIS
SAKNV
;
B,C
3 'polydeoxyribonucleotide'
;(DC)(DG)(DA)(DA)(DA)(DC)(DG)(DA)(DC)(DG)(DG)(DC)(DC)(DA)(DG)(DT)(DG)(DC)(DC)(DA)
(DT)(DA)(DT)
;
P
4 'polydeoxyribonucleotide'
;(DC)(DG)(DA)(DG)(DG)(DT)(DA)(DT)(DG)(DG)(DC)(DA)(DC)(DT)(DG)(DG)(DC)(DC)(DG)(DT)
(DC)(DG)(DT)(DT)(DT)(DT)(DC)(DG)
;
T
#
# COMPACT_ATOMS: atom_id res chain seq x y z
N LEU A 69 26.39 -45.62 31.73
CA LEU A 69 25.19 -44.82 31.92
C LEU A 69 24.83 -44.12 30.61
N ARG A 70 24.19 -44.88 29.72
CA ARG A 70 23.64 -44.34 28.47
C ARG A 70 22.18 -44.68 28.26
N HIS A 71 21.62 -45.64 29.01
CA HIS A 71 20.22 -45.98 28.93
C HIS A 71 19.71 -46.28 30.33
N ASN A 72 18.59 -45.67 30.71
CA ASN A 72 17.95 -46.01 31.95
C ASN A 72 17.18 -47.33 31.82
N PRO A 73 16.83 -47.95 32.95
CA PRO A 73 16.24 -49.30 32.89
C PRO A 73 15.08 -49.43 31.90
N LEU A 74 14.45 -48.32 31.52
CA LEU A 74 13.35 -48.34 30.58
C LEU A 74 13.82 -48.18 29.13
N ASP A 75 15.09 -48.45 28.85
CA ASP A 75 15.63 -48.41 27.49
C ASP A 75 15.40 -47.05 26.84
N ILE A 76 15.61 -45.99 27.62
CA ILE A 76 15.54 -44.61 27.13
C ILE A 76 16.92 -44.02 27.25
N GLN A 77 17.46 -43.53 26.12
CA GLN A 77 18.80 -42.98 26.14
C GLN A 77 18.87 -41.80 27.09
N MET A 78 19.94 -41.75 27.88
CA MET A 78 20.16 -40.71 28.87
C MET A 78 21.37 -39.87 28.46
N LEU A 79 21.75 -38.95 29.34
CA LEU A 79 22.88 -38.07 29.07
C LEU A 79 24.16 -38.88 28.88
N SER A 80 25.08 -38.33 28.09
CA SER A 80 26.33 -39.01 27.81
C SER A 80 27.16 -39.13 29.08
N ARG A 81 28.05 -40.13 29.08
CA ARG A 81 28.82 -40.43 30.28
C ARG A 81 29.71 -39.26 30.68
N GLY A 82 30.38 -38.65 29.71
CA GLY A 82 31.28 -37.55 30.01
C GLY A 82 30.57 -36.38 30.67
N LEU A 83 29.38 -36.04 30.16
CA LEU A 83 28.62 -34.94 30.75
C LEU A 83 28.00 -35.35 32.08
N HIS A 84 27.47 -36.57 32.16
CA HIS A 84 26.82 -37.01 33.38
C HIS A 84 27.80 -37.09 34.55
N GLU A 85 29.03 -37.49 34.28
CA GLU A 85 30.03 -37.67 35.33
C GLU A 85 30.72 -36.36 35.72
N GLN A 86 30.34 -35.23 35.12
CA GLN A 86 30.85 -33.94 35.54
C GLN A 86 29.76 -32.95 35.92
N ILE A 87 28.50 -33.19 35.55
CA ILE A 87 27.41 -32.36 36.04
C ILE A 87 26.85 -32.92 37.34
N PHE A 88 26.51 -34.21 37.37
CA PHE A 88 25.97 -34.86 38.55
C PHE A 88 27.07 -35.58 39.31
N GLY A 89 26.68 -36.29 40.36
CA GLY A 89 27.64 -37.05 41.14
C GLY A 89 27.97 -38.37 40.48
N GLN A 90 29.26 -38.74 40.54
CA GLN A 90 29.68 -40.01 39.95
C GLN A 90 29.04 -41.19 40.67
N GLY A 91 28.98 -41.13 42.00
CA GLY A 91 28.33 -42.17 42.76
C GLY A 91 26.83 -42.18 42.55
N GLY A 92 26.16 -41.15 43.05
CA GLY A 92 24.73 -41.02 42.85
C GLY A 92 23.97 -42.18 43.47
N GLU A 93 22.83 -42.51 42.83
CA GLU A 93 21.99 -43.61 43.29
C GLU A 93 21.14 -44.06 42.13
N MET A 94 20.58 -45.27 42.24
CA MET A 94 19.73 -45.83 41.21
C MET A 94 18.42 -46.31 41.81
N PRO A 95 17.32 -46.25 41.05
CA PRO A 95 16.04 -46.70 41.59
C PRO A 95 16.02 -48.20 41.86
N GLY A 96 15.20 -48.59 42.83
CA GLY A 96 15.02 -50.00 43.11
C GLY A 96 14.28 -50.70 42.00
N GLU A 97 14.39 -52.04 41.99
CA GLU A 97 13.82 -52.81 40.90
C GLU A 97 12.29 -52.83 40.97
N ALA A 98 11.71 -52.70 42.15
CA ALA A 98 10.26 -52.71 42.27
C ALA A 98 9.64 -51.54 41.52
N ALA A 99 10.23 -50.35 41.64
CA ALA A 99 9.73 -49.20 40.91
C ALA A 99 9.85 -49.41 39.41
N VAL A 100 10.94 -50.03 38.96
CA VAL A 100 11.11 -50.30 37.55
C VAL A 100 10.01 -51.26 37.07
N ARG A 101 9.70 -52.28 37.88
CA ARG A 101 8.65 -53.22 37.49
C ARG A 101 7.30 -52.53 37.43
N ARG A 102 7.01 -51.64 38.38
CA ARG A 102 5.76 -50.88 38.35
C ARG A 102 5.67 -50.03 37.10
N SER A 103 6.77 -49.36 36.75
CA SER A 103 6.79 -48.54 35.54
C SER A 103 6.59 -49.38 34.29
N VAL A 104 7.22 -50.55 34.25
CA VAL A 104 7.07 -51.44 33.09
C VAL A 104 5.62 -51.88 32.96
N GLU A 105 4.99 -52.23 34.08
CA GLU A 105 3.58 -52.63 34.03
C GLU A 105 2.72 -51.50 33.50
N HIS A 106 2.95 -50.28 34.00
CA HIS A 106 2.21 -49.12 33.52
C HIS A 106 2.36 -48.96 32.01
N LEU A 107 3.61 -48.97 31.53
CA LEU A 107 3.87 -48.73 30.12
C LEU A 107 3.25 -49.82 29.25
N GLN A 108 3.37 -51.07 29.65
CA GLN A 108 2.83 -52.16 28.84
C GLN A 108 1.31 -52.21 28.88
N LYS A 109 0.69 -51.80 30.00
CA LYS A 109 -0.76 -51.67 29.99
C LYS A 109 -1.20 -50.57 29.03
N HIS A 110 -0.49 -49.45 29.01
CA HIS A 110 -0.82 -48.42 28.04
C HIS A 110 -0.41 -48.80 26.62
N GLY A 111 0.51 -49.76 26.47
CA GLY A 111 0.90 -50.21 25.15
C GLY A 111 2.01 -49.41 24.50
N LEU A 112 3.10 -49.15 25.21
CA LEU A 112 4.22 -48.42 24.66
C LEU A 112 5.56 -49.11 24.88
N TRP A 113 5.58 -50.28 25.53
CA TRP A 113 6.85 -50.84 26.01
C TRP A 113 7.78 -51.19 24.84
N GLY A 114 7.25 -51.85 23.81
CA GLY A 114 8.08 -52.32 22.73
C GLY A 114 8.19 -51.35 21.56
N GLN A 115 8.71 -50.15 21.80
CA GLN A 115 8.87 -49.14 20.77
C GLN A 115 10.27 -48.53 20.86
N PRO A 116 11.30 -49.33 20.63
CA PRO A 116 12.67 -48.78 20.64
C PRO A 116 12.91 -47.83 19.48
N ALA A 117 13.78 -46.85 19.72
CA ALA A 117 14.10 -45.83 18.74
C ALA A 117 15.60 -45.72 18.56
N VAL A 118 16.01 -45.30 17.38
CA VAL A 118 17.44 -45.21 17.06
C VAL A 118 18.11 -44.19 17.97
N PRO A 119 19.28 -44.48 18.53
CA PRO A 119 19.92 -43.52 19.43
C PRO A 119 20.46 -42.31 18.67
N LEU A 120 20.57 -41.21 19.40
CA LEU A 120 21.20 -40.01 18.86
C LEU A 120 22.71 -40.06 19.05
N PRO A 121 23.47 -39.33 18.24
CA PRO A 121 24.92 -39.27 18.44
C PRO A 121 25.26 -38.75 19.82
N ASP A 122 26.34 -39.28 20.39
CA ASP A 122 26.78 -38.84 21.70
C ASP A 122 27.48 -37.49 21.61
N VAL A 123 27.60 -36.83 22.76
CA VAL A 123 28.19 -35.51 22.86
C VAL A 123 29.13 -35.49 24.05
N GLU A 124 30.27 -34.80 23.90
CA GLU A 124 31.24 -34.63 24.97
C GLU A 124 31.68 -33.17 25.01
N LEU A 125 31.67 -32.57 26.19
CA LEU A 125 32.03 -31.17 26.35
C LEU A 125 32.86 -31.00 27.61
N ARG A 126 33.79 -30.04 27.57
CA ARG A 126 34.54 -29.63 28.76
C ARG A 126 33.78 -28.47 29.41
N LEU A 127 32.73 -28.83 30.14
CA LEU A 127 31.87 -27.83 30.74
C LEU A 127 32.67 -26.96 31.71
N PRO A 128 32.36 -25.67 31.80
CA PRO A 128 33.07 -24.81 32.75
C PRO A 128 32.88 -25.32 34.16
N PRO A 129 33.88 -25.17 35.02
CA PRO A 129 33.77 -25.71 36.38
C PRO A 129 32.58 -25.10 37.12
N LEU A 130 31.90 -25.95 37.89
CA LEU A 130 30.75 -25.51 38.68
C LEU A 130 31.26 -24.97 40.02
N TYR A 131 30.33 -24.73 40.94
CA TYR A 131 30.66 -24.27 42.28
C TYR A 131 29.82 -25.05 43.29
N GLY A 132 30.44 -25.41 44.40
CA GLY A 132 29.74 -26.13 45.44
C GLY A 132 29.64 -27.62 45.14
N ASP A 133 28.86 -28.29 45.98
CA ASP A 133 28.71 -29.74 45.85
C ASP A 133 27.95 -30.11 44.59
N ASN A 134 26.81 -29.48 44.35
CA ASN A 134 25.88 -29.91 43.31
C ASN A 134 25.35 -28.68 42.59
N LEU A 135 24.38 -28.90 41.70
CA LEU A 135 23.86 -27.83 40.86
C LEU A 135 23.17 -26.75 41.68
N ASP A 136 22.41 -27.15 42.71
CA ASP A 136 21.65 -26.17 43.48
C ASP A 136 22.57 -25.14 44.12
N GLN A 137 23.65 -25.61 44.74
CA GLN A 137 24.59 -24.67 45.36
C GLN A 137 25.26 -23.80 44.31
N HIS A 138 25.57 -24.36 43.15
CA HIS A 138 26.16 -23.57 42.07
C HIS A 138 25.24 -22.42 41.68
N PHE A 139 23.96 -22.73 41.44
CA PHE A 139 23.02 -21.69 41.05
C PHE A 139 22.82 -20.68 42.17
N ARG A 140 22.76 -21.14 43.42
CA ARG A 140 22.62 -20.22 44.55
C ARG A 140 23.79 -19.25 44.60
N LEU A 141 25.01 -19.75 44.45
CA LEU A 141 26.18 -18.88 44.49
C LEU A 141 26.15 -17.89 43.34
N LEU A 142 25.81 -18.34 42.14
CA LEU A 142 25.74 -17.43 41.00
C LEU A 142 24.72 -16.33 41.24
N ALA A 143 23.51 -16.70 41.68
CA ALA A 143 22.47 -15.70 41.89
C ALA A 143 22.87 -14.72 42.99
N GLN A 144 23.45 -15.21 44.08
CA GLN A 144 23.87 -14.32 45.16
C GLN A 144 24.94 -13.35 44.68
N LYS A 145 25.91 -13.85 43.90
CA LYS A 145 26.95 -12.97 43.37
C LYS A 145 26.34 -11.90 42.49
N GLN A 146 25.36 -12.27 41.66
CA GLN A 146 24.70 -11.29 40.81
C GLN A 146 23.95 -10.25 41.63
N SER A 147 23.24 -10.68 42.68
CA SER A 147 22.28 -9.82 43.35
C SER A 147 22.83 -9.10 44.58
N LEU A 148 24.07 -9.35 44.98
CA LEU A 148 24.57 -8.75 46.22
C LEU A 148 24.54 -7.23 46.21
N PRO A 149 25.08 -6.52 45.21
CA PRO A 149 25.11 -5.06 45.28
C PRO A 149 23.72 -4.44 45.35
N TYR A 150 22.76 -5.03 44.62
CA TYR A 150 21.42 -4.46 44.61
C TYR A 150 20.69 -4.71 45.92
N LEU A 151 20.94 -5.84 46.57
CA LEU A 151 20.41 -6.03 47.92
C LEU A 151 21.07 -5.05 48.90
N GLU A 152 22.35 -4.74 48.71
CA GLU A 152 22.99 -3.72 49.53
C GLU A 152 22.29 -2.38 49.38
N ALA A 153 22.02 -1.98 48.13
CA ALA A 153 21.32 -0.72 47.89
C ALA A 153 19.92 -0.74 48.50
N ALA A 154 19.20 -1.85 48.34
CA ALA A 154 17.85 -1.95 48.89
C ALA A 154 17.87 -1.84 50.40
N ASN A 155 18.83 -2.50 51.06
CA ASN A 155 18.93 -2.39 52.51
C ASN A 155 19.26 -0.97 52.93
N LEU A 156 20.17 -0.31 52.21
CA LEU A 156 20.47 1.09 52.53
C LEU A 156 19.22 1.95 52.44
N LEU A 157 18.39 1.70 51.42
CA LEU A 157 17.17 2.47 51.28
C LEU A 157 16.13 2.11 52.35
N LEU A 158 16.16 0.87 52.83
CA LEU A 158 15.17 0.43 53.81
C LEU A 158 15.36 1.10 55.16
N GLN A 159 16.59 1.51 55.48
CA GLN A 159 16.90 2.15 56.76
C GLN A 159 16.88 3.67 56.66
N ALA A 160 16.44 4.23 55.54
CA ALA A 160 16.51 5.66 55.34
C ALA A 160 15.65 6.41 56.35
N GLN A 161 16.14 7.57 56.78
CA GLN A 161 15.39 8.50 57.61
C GLN A 161 15.17 9.75 56.75
N LEU A 162 14.03 9.79 56.09
CA LEU A 162 13.77 10.85 55.12
C LEU A 162 13.59 12.18 55.82
N PRO A 163 14.35 13.22 55.47
CA PRO A 163 14.12 14.54 56.06
C PRO A 163 12.80 15.13 55.60
N PRO A 164 12.44 16.32 56.07
CA PRO A 164 11.18 16.94 55.62
C PRO A 164 11.29 17.46 54.21
N LYS A 165 10.13 17.65 53.59
CA LYS A 165 10.07 18.18 52.25
C LYS A 165 10.52 19.64 52.23
N PRO A 166 11.07 20.10 51.11
CA PRO A 166 11.53 21.49 51.03
C PRO A 166 10.37 22.47 51.16
N PRO A 167 10.58 23.61 51.80
CA PRO A 167 9.47 24.58 51.93
C PRO A 167 8.96 25.08 50.59
N ALA A 168 9.85 25.26 49.60
CA ALA A 168 9.46 25.79 48.30
C ALA A 168 10.30 25.12 47.22
N TRP A 169 9.62 24.55 46.22
CA TRP A 169 10.32 23.94 45.10
C TRP A 169 10.89 25.02 44.19
N ALA A 170 11.94 24.66 43.45
CA ALA A 170 12.70 25.62 42.67
C ALA A 170 12.27 25.62 41.21
N TRP A 171 12.47 26.77 40.57
CA TRP A 171 12.19 26.96 39.15
C TRP A 171 13.55 27.07 38.46
N ALA A 172 14.14 25.92 38.13
CA ALA A 172 15.50 25.82 37.66
C ALA A 172 15.53 25.05 36.35
N GLU A 173 16.74 24.73 35.89
CA GLU A 173 16.92 24.13 34.57
C GLU A 173 16.93 22.60 34.61
N GLY A 174 17.77 22.01 35.46
CA GLY A 174 17.91 20.55 35.51
C GLY A 174 17.81 20.04 36.92
N TRP A 175 18.61 19.04 37.24
CA TRP A 175 18.57 18.42 38.57
C TRP A 175 18.96 19.40 39.65
N THR A 176 18.18 19.42 40.74
CA THR A 176 18.52 20.22 41.91
C THR A 176 18.30 19.38 43.16
N ARG A 177 19.19 19.55 44.13
CA ARG A 177 19.18 18.82 45.39
C ARG A 177 18.85 19.77 46.53
N TYR A 178 17.99 19.30 47.45
CA TYR A 178 17.52 20.11 48.56
C TYR A 178 18.06 19.54 49.87
N GLY A 179 18.77 20.37 50.63
CA GLY A 179 19.33 19.96 51.89
C GLY A 179 18.55 20.50 53.07
N PRO A 180 19.17 20.50 54.25
CA PRO A 180 18.48 21.03 55.43
C PRO A 180 18.15 22.51 55.28
N GLU A 181 17.05 22.92 55.90
CA GLU A 181 16.59 24.31 55.90
C GLU A 181 16.12 24.77 54.52
N GLY A 182 15.89 23.83 53.61
CA GLY A 182 15.32 24.15 52.31
C GLY A 182 16.30 24.63 51.27
N GLU A 183 17.60 24.69 51.57
CA GLU A 183 18.56 25.15 50.60
C GLU A 183 18.49 24.28 49.34
N ALA A 184 18.59 24.92 48.18
CA ALA A 184 18.54 24.24 46.89
C ALA A 184 19.84 24.50 46.14
N VAL A 185 20.42 23.43 45.59
CA VAL A 185 21.67 23.56 44.84
C VAL A 185 21.56 22.79 43.54
N PRO A 186 21.96 23.36 42.40
CA PRO A 186 21.91 22.61 41.14
C PRO A 186 23.01 21.57 41.06
N VAL A 187 22.66 20.39 40.55
CA VAL A 187 23.59 19.28 40.41
C VAL A 187 23.38 18.63 39.05
N ALA A 188 24.42 17.92 38.59
CA ALA A 188 24.33 17.23 37.30
C ALA A 188 23.42 16.00 37.40
N ILE A 189 23.59 15.21 38.45
CA ILE A 189 22.78 14.01 38.66
C ILE A 189 22.67 13.74 40.16
N PRO A 190 21.68 12.96 40.60
CA PRO A 190 21.59 12.67 42.05
C PRO A 190 22.86 12.05 42.63
N GLU A 191 23.52 11.17 41.89
CA GLU A 191 24.74 10.51 42.34
C GLU A 191 24.50 9.77 43.66
N GLU A 192 23.54 8.86 43.63
CA GLU A 192 23.15 8.07 44.78
C GLU A 192 23.09 6.60 44.40
N ARG A 193 23.44 5.73 45.34
CA ARG A 193 23.40 4.30 45.07
C ARG A 193 21.97 3.82 44.86
N ALA A 194 21.01 4.37 45.60
CA ALA A 194 19.61 4.00 45.50
C ALA A 194 18.75 5.25 45.43
N LEU A 195 17.58 5.12 44.82
CA LEU A 195 16.65 6.23 44.67
C LEU A 195 15.24 5.70 44.51
N VAL A 196 14.27 6.51 44.92
CA VAL A 196 12.87 6.33 44.56
C VAL A 196 12.47 7.49 43.67
N PHE A 197 11.97 7.18 42.48
CA PHE A 197 11.95 8.13 41.37
C PHE A 197 10.57 8.12 40.71
N ASP A 198 10.03 9.31 40.43
CA ASP A 198 8.76 9.44 39.75
C ASP A 198 8.86 10.54 38.69
N VAL A 199 8.18 10.31 37.56
CA VAL A 199 8.20 11.25 36.44
C VAL A 199 6.76 11.57 36.04
N GLU A 200 6.57 12.75 35.46
CA GLU A 200 5.28 13.19 34.94
C GLU A 200 5.47 13.68 33.52
N VAL A 201 4.60 13.23 32.61
CA VAL A 201 4.63 13.61 31.22
C VAL A 201 3.34 14.31 30.85
N CYS A 202 3.44 15.38 30.06
CA CYS A 202 2.29 16.11 29.58
C CYS A 202 1.90 15.56 28.20
N LEU A 203 0.73 14.93 28.13
CA LEU A 203 0.27 14.33 26.88
C LEU A 203 -0.11 15.36 25.83
N ALA A 204 -0.22 16.64 26.21
CA ALA A 204 -0.61 17.66 25.24
C ALA A 204 0.49 17.93 24.22
N GLU A 205 1.75 17.71 24.58
CA GLU A 205 2.87 18.02 23.70
C GLU A 205 3.59 16.78 23.20
N GLY A 206 3.18 15.59 23.62
CA GLY A 206 3.79 14.36 23.14
C GLY A 206 4.12 13.36 24.23
N THR A 207 5.41 13.04 24.37
CA THR A 207 5.86 12.07 25.37
C THR A 207 7.14 12.52 26.06
N CYS A 208 7.65 13.72 25.77
CA CYS A 208 8.84 14.20 26.43
C CYS A 208 8.56 14.44 27.92
N PRO A 209 9.45 14.00 28.81
CA PRO A 209 9.21 14.23 30.25
C PRO A 209 9.12 15.71 30.57
N THR A 210 8.27 16.02 31.54
CA THR A 210 8.07 17.41 31.98
C THR A 210 8.83 17.69 33.27
N LEU A 211 8.55 16.92 34.33
CA LEU A 211 9.24 17.11 35.60
C LEU A 211 9.18 15.82 36.39
N ALA A 212 10.14 15.67 37.31
CA ALA A 212 10.29 14.44 38.07
C ALA A 212 10.81 14.76 39.47
N VAL A 213 10.55 13.84 40.38
CA VAL A 213 10.96 13.97 41.78
C VAL A 213 11.59 12.67 42.23
N ALA A 214 12.71 12.76 42.95
CA ALA A 214 13.44 11.60 43.43
C ALA A 214 13.83 11.82 44.89
N ILE A 215 13.95 10.71 45.61
CA ILE A 215 14.42 10.73 46.99
C ILE A 215 15.53 9.69 47.15
N SER A 216 16.62 10.10 47.78
CA SER A 216 17.67 9.19 48.21
C SER A 216 17.53 9.00 49.72
N PRO A 217 18.32 8.12 50.32
CA PRO A 217 18.24 7.96 51.78
C PRO A 217 18.74 9.19 52.55
N SER A 218 19.14 10.25 51.85
CA SER A 218 19.73 11.41 52.50
C SER A 218 19.16 12.76 52.06
N ALA A 219 18.56 12.86 50.88
CA ALA A 219 18.14 14.16 50.38
C ALA A 219 17.05 14.00 49.33
N TRP A 220 16.43 15.13 48.98
CA TRP A 220 15.43 15.21 47.93
C TRP A 220 16.03 15.81 46.67
N TYR A 221 15.57 15.35 45.51
CA TYR A 221 16.00 15.86 44.22
C TYR A 221 14.78 16.15 43.37
N SER A 222 14.86 17.20 42.56
CA SER A 222 13.80 17.53 41.61
C SER A 222 14.43 17.87 40.26
N TRP A 223 13.72 17.52 39.19
CA TRP A 223 14.20 17.76 37.84
C TRP A 223 13.06 18.29 36.97
N CYS A 224 13.41 19.10 35.99
CA CYS A 224 12.44 19.62 35.04
C CYS A 224 13.14 19.87 33.71
N SER A 225 12.37 19.73 32.62
CA SER A 225 12.91 19.89 31.28
C SER A 225 12.87 21.34 30.84
N GLN A 226 13.61 21.65 29.77
CA GLN A 226 13.58 22.98 29.18
C GLN A 226 12.24 23.31 28.57
N ARG A 227 11.42 22.30 28.29
CA ARG A 227 10.11 22.54 27.68
C ARG A 227 9.12 23.18 28.65
N LEU A 228 9.48 23.30 29.94
CA LEU A 228 8.66 24.00 30.91
C LEU A 228 9.23 25.36 31.27
N VAL A 229 10.49 25.42 31.69
CA VAL A 229 11.07 26.69 32.13
C VAL A 229 11.09 27.69 30.98
N GLU A 230 11.49 27.25 29.79
CA GLU A 230 11.53 28.10 28.61
C GLU A 230 10.31 27.84 27.75
N GLU A 231 9.83 28.88 27.09
CA GLU A 231 8.63 28.83 26.28
C GLU A 231 8.97 29.10 24.81
N ARG A 232 8.51 28.22 23.93
CA ARG A 232 8.64 28.41 22.49
C ARG A 232 7.70 27.41 21.82
N TYR A 233 7.16 27.82 20.67
CA TYR A 233 6.08 27.08 20.02
C TYR A 233 6.59 26.01 19.06
N SER A 234 7.90 25.77 19.00
CA SER A 234 8.45 24.77 18.09
C SER A 234 9.43 23.89 18.85
N TRP A 235 9.11 22.60 18.93
CA TRP A 235 10.01 21.59 19.46
C TRP A 235 9.97 20.37 18.57
N THR A 236 11.15 19.83 18.26
CA THR A 236 11.22 18.66 17.38
C THR A 236 10.50 17.47 18.01
N SER A 237 9.73 16.76 17.19
CA SER A 237 9.01 15.60 17.68
C SER A 237 9.93 14.39 17.86
N GLN A 238 10.93 14.23 17.00
CA GLN A 238 11.84 13.09 17.11
C GLN A 238 12.65 13.21 18.39
N LEU A 239 12.54 12.19 19.24
CA LEU A 239 13.19 12.20 20.54
C LEU A 239 14.67 11.93 20.42
N SER A 240 15.44 12.52 21.33
CA SER A 240 16.89 12.39 21.38
C SER A 240 17.30 12.26 22.84
N PRO A 241 18.46 11.66 23.11
CA PRO A 241 18.93 11.59 24.52
C PRO A 241 19.19 12.96 25.13
N ALA A 242 19.37 14.00 24.33
CA ALA A 242 19.67 15.32 24.87
C ALA A 242 18.51 15.89 25.69
N ASP A 243 17.32 15.32 25.58
CA ASP A 243 16.16 15.80 26.32
C ASP A 243 15.68 14.86 27.41
N LEU A 244 16.25 13.66 27.52
CA LEU A 244 15.85 12.71 28.54
C LEU A 244 16.51 13.05 29.87
N ILE A 245 16.10 12.32 30.91
CA ILE A 245 16.59 12.54 32.27
C ILE A 245 17.92 11.81 32.46
N PRO A 246 19.01 12.50 32.78
CA PRO A 246 20.27 11.80 33.03
C PRO A 246 20.40 11.32 34.47
N LEU A 247 20.65 10.01 34.66
CA LEU A 247 20.82 9.44 35.99
C LEU A 247 22.18 8.79 36.19
N GLU A 248 22.66 8.01 35.23
CA GLU A 248 23.86 7.21 35.46
C GLU A 248 25.08 8.11 35.62
N VAL A 249 26.03 7.63 36.42
CA VAL A 249 27.26 8.36 36.71
C VAL A 249 28.25 8.13 35.57
N PRO A 250 29.21 9.02 35.37
CA PRO A 250 30.21 8.84 34.33
C PRO A 250 31.31 7.90 34.80
N THR A 251 32.33 7.74 33.96
CA THR A 251 33.48 6.91 34.30
C THR A 251 34.74 7.44 33.63
N ASP A 260 28.76 5.18 45.32
CA ASP A 260 29.59 5.54 44.18
C ASP A 260 29.94 4.32 43.35
N TRP A 261 29.81 3.13 43.94
CA TRP A 261 30.13 1.91 43.22
C TRP A 261 29.19 1.75 42.03
N GLN A 262 29.70 1.12 40.97
CA GLN A 262 29.06 1.22 39.66
C GLN A 262 27.59 0.82 39.71
N GLU A 263 27.25 -0.19 40.50
CA GLU A 263 25.87 -0.66 40.54
C GLU A 263 24.96 0.40 41.15
N GLN A 264 23.77 0.53 40.57
CA GLN A 264 22.77 1.46 41.07
C GLN A 264 21.39 0.80 40.98
N LEU A 265 20.50 1.23 41.88
CA LEU A 265 19.14 0.71 41.94
C LEU A 265 18.16 1.86 41.93
N VAL A 266 17.07 1.70 41.19
CA VAL A 266 16.00 2.69 41.10
C VAL A 266 14.69 2.00 41.42
N VAL A 267 13.95 2.56 42.36
CA VAL A 267 12.68 1.98 42.81
C VAL A 267 11.55 2.91 42.40
N GLY A 268 10.41 2.32 42.09
CA GLY A 268 9.24 3.11 41.74
C GLY A 268 8.07 2.20 41.46
N HIS A 269 6.92 2.82 41.27
CA HIS A 269 5.68 2.13 40.93
C HIS A 269 5.49 2.19 39.43
N ASN A 270 5.30 1.03 38.80
CA ASN A 270 5.31 0.92 37.35
C ASN A 270 6.61 1.50 36.79
N VAL A 271 7.72 1.05 37.38
CA VAL A 271 9.02 1.68 37.15
C VAL A 271 9.47 1.60 35.69
N SER A 272 8.86 0.72 34.89
CA SER A 272 9.24 0.64 33.49
C SER A 272 8.94 1.96 32.77
N PHE A 273 7.81 2.58 33.11
CA PHE A 273 7.47 3.87 32.52
C PHE A 273 8.57 4.90 32.81
N ASP A 274 9.05 4.94 34.06
CA ASP A 274 10.12 5.87 34.40
C ASP A 274 11.42 5.50 33.69
N ARG A 275 11.71 4.21 33.58
CA ARG A 275 12.91 3.78 32.87
C ARG A 275 12.88 4.25 31.42
N ALA A 276 11.70 4.25 30.81
CA ALA A 276 11.59 4.65 29.42
C ALA A 276 12.02 6.09 29.20
N HIS A 277 12.09 6.90 30.25
CA HIS A 277 12.45 8.31 30.15
C HIS A 277 13.86 8.60 30.63
N ILE A 278 14.70 7.58 30.79
CA ILE A 278 16.07 7.74 31.25
C ILE A 278 16.99 7.87 30.05
N ARG A 279 17.98 8.73 30.17
CA ARG A 279 18.85 9.05 29.03
C ARG A 279 19.76 7.87 28.68
N GLU A 280 20.39 7.27 29.68
CA GLU A 280 21.42 6.27 29.41
C GLU A 280 20.86 4.86 29.22
N GLN A 281 19.54 4.68 29.31
CA GLN A 281 18.97 3.36 29.10
C GLN A 281 18.86 2.99 27.63
N TYR A 282 19.13 3.92 26.72
CA TYR A 282 19.01 3.68 25.29
C TYR A 282 20.35 3.38 24.62
N LEU A 283 21.44 3.35 25.36
CA LEU A 283 22.74 3.00 24.78
C LEU A 283 22.77 1.52 24.44
N ILE A 284 23.53 1.19 23.39
CA ILE A 284 23.55 -0.20 22.90
C ILE A 284 24.14 -1.13 23.96
N GLN A 285 25.29 -0.77 24.51
CA GLN A 285 25.90 -1.59 25.54
C GLN A 285 25.15 -1.43 26.84
N GLY A 286 24.81 -2.54 27.48
CA GLY A 286 24.06 -2.51 28.72
C GLY A 286 24.74 -1.71 29.81
N SER A 287 24.09 -1.56 30.95
CA SER A 287 24.64 -0.85 32.09
C SER A 287 24.31 -1.64 33.35
N ARG A 288 25.03 -1.32 34.43
CA ARG A 288 24.86 -2.03 35.69
C ARG A 288 23.68 -1.52 36.51
N MET A 289 23.00 -0.46 36.07
CA MET A 289 21.81 -0.01 36.77
C MET A 289 20.68 -1.02 36.61
N ARG A 290 19.92 -1.21 37.68
CA ARG A 290 18.80 -2.13 37.67
C ARG A 290 17.59 -1.47 38.32
N PHE A 291 16.41 -1.96 37.98
CA PHE A 291 15.15 -1.36 38.39
C PHE A 291 14.28 -2.40 39.08
N LEU A 292 13.80 -2.06 40.27
CA LEU A 292 12.86 -2.90 41.01
C LEU A 292 11.52 -2.19 41.07
N ASP A 293 10.46 -2.88 40.65
CA ASP A 293 9.14 -2.28 40.50
C ASP A 293 8.26 -2.67 41.68
N THR A 294 7.61 -1.67 42.29
CA THR A 294 6.71 -1.93 43.40
C THR A 294 5.49 -2.73 42.96
N MET A 295 4.99 -2.48 41.74
CA MET A 295 3.81 -3.19 41.27
C MET A 295 4.10 -4.69 41.12
N SER A 296 5.27 -5.04 40.60
CA SER A 296 5.62 -6.45 40.46
C SER A 296 5.74 -7.11 41.83
N MET A 297 6.36 -6.43 42.79
CA MET A 297 6.47 -6.97 44.14
C MET A 297 5.10 -7.18 44.76
N HIS A 298 4.20 -6.22 44.56
CA HIS A 298 2.84 -6.37 45.08
C HIS A 298 2.15 -7.57 44.44
N MET A 299 2.29 -7.72 43.12
CA MET A 299 1.68 -8.87 42.45
C MET A 299 2.23 -10.17 43.00
N ALA A 300 3.54 -10.23 43.25
CA ALA A 300 4.15 -11.44 43.78
C ALA A 300 3.65 -11.74 45.19
N ILE A 301 3.54 -10.72 46.04
CA ILE A 301 3.22 -10.95 47.45
C ILE A 301 1.73 -11.16 47.65
N SER A 302 0.92 -10.16 47.29
CA SER A 302 -0.51 -10.16 47.56
C SER A 302 -1.29 -9.70 46.34
N GLY A 303 -0.96 -10.24 45.17
CA GLY A 303 -1.69 -9.92 43.96
C GLY A 303 -3.03 -10.64 43.89
N LEU A 304 -3.78 -10.33 42.84
CA LEU A 304 -5.10 -10.89 42.62
C LEU A 304 -5.24 -11.37 41.17
N SER A 305 -6.11 -12.34 40.96
CA SER A 305 -6.45 -12.78 39.62
C SER A 305 -7.49 -11.85 39.01
N SER A 306 -7.75 -12.05 37.71
CA SER A 306 -8.71 -11.21 37.03
C SER A 306 -10.10 -11.31 37.67
N PHE A 307 -10.56 -12.53 37.93
CA PHE A 307 -11.83 -12.70 38.61
C PHE A 307 -11.79 -12.12 40.02
N GLN A 308 -10.69 -12.37 40.73
CA GLN A 308 -10.53 -11.78 42.06
C GLN A 308 -10.50 -10.27 42.00
N ARG A 309 -9.81 -9.71 41.00
CA ARG A 309 -9.78 -8.26 40.85
C ARG A 309 -11.18 -7.71 40.60
N SER A 310 -11.95 -8.38 39.75
CA SER A 310 -13.30 -7.92 39.47
C SER A 310 -14.15 -7.92 40.73
N LEU A 311 -14.08 -9.00 41.50
CA LEU A 311 -14.88 -9.07 42.73
C LEU A 311 -14.39 -8.05 43.75
N TRP A 312 -13.08 -7.83 43.84
CA TRP A 312 -12.54 -6.86 44.77
C TRP A 312 -13.02 -5.45 44.43
N ILE A 313 -13.03 -5.10 43.15
CA ILE A 313 -13.56 -3.80 42.75
C ILE A 313 -15.05 -3.72 43.04
N ALA A 314 -15.80 -4.78 42.73
CA ALA A 314 -17.23 -4.77 43.01
C ALA A 314 -17.51 -4.55 44.49
N ALA A 315 -16.66 -5.08 45.37
CA ALA A 315 -16.84 -4.90 46.79
C ALA A 315 -16.25 -3.58 47.31
N LYS A 316 -15.22 -3.06 46.65
CA LYS A 316 -14.58 -1.81 47.07
C LYS A 316 -14.22 -0.94 45.87
N ILE A 342 -16.86 -16.52 46.60
CA ILE A 342 -18.31 -16.69 46.68
C ILE A 342 -18.70 -17.12 48.09
N SER A 343 -17.95 -18.07 48.65
CA SER A 343 -18.26 -18.64 49.96
C SER A 343 -17.37 -18.10 51.06
N SER A 344 -16.13 -17.71 50.76
CA SER A 344 -15.20 -17.19 51.74
C SER A 344 -14.69 -15.83 51.29
N TRP A 345 -14.75 -14.85 52.17
CA TRP A 345 -14.35 -13.48 51.86
C TRP A 345 -13.23 -12.99 52.76
N ASP A 346 -12.48 -13.91 53.39
CA ASP A 346 -11.43 -13.53 54.31
C ASP A 346 -10.16 -13.07 53.62
N TRP A 347 -10.10 -13.16 52.28
CA TRP A 347 -8.93 -12.78 51.53
C TRP A 347 -8.94 -11.32 51.09
N LEU A 348 -10.03 -10.59 51.33
CA LEU A 348 -10.11 -9.21 50.86
C LEU A 348 -9.18 -8.29 51.65
N ASP A 349 -9.06 -8.53 52.96
CA ASP A 349 -8.30 -7.63 53.82
C ASP A 349 -6.79 -7.73 53.58
N ILE A 350 -6.33 -8.71 52.81
CA ILE A 350 -4.92 -8.95 52.60
C ILE A 350 -4.53 -8.85 51.13
N SER A 351 -5.36 -8.20 50.32
CA SER A 351 -5.08 -8.07 48.89
C SER A 351 -5.79 -6.83 48.36
N SER A 352 -5.38 -6.39 47.18
CA SER A 352 -5.96 -5.21 46.55
C SER A 352 -5.53 -5.15 45.10
N VAL A 353 -6.09 -4.17 44.38
CA VAL A 353 -5.71 -3.90 43.00
C VAL A 353 -4.33 -3.26 42.98
N ASN A 354 -3.75 -3.12 41.80
CA ASN A 354 -2.37 -2.71 41.63
C ASN A 354 -2.19 -1.19 41.65
N SER A 355 -3.25 -0.43 41.85
CA SER A 355 -3.13 1.03 41.93
C SER A 355 -2.28 1.42 43.14
N LEU A 356 -1.52 2.52 42.97
CA LEU A 356 -0.63 2.95 44.05
C LEU A 356 -1.43 3.31 45.31
N ALA A 357 -2.57 3.97 45.14
CA ALA A 357 -3.36 4.37 46.30
C ALA A 357 -3.81 3.16 47.10
N GLU A 358 -4.39 2.16 46.42
CA GLU A 358 -4.84 0.97 47.11
C GLU A 358 -3.69 0.20 47.74
N VAL A 359 -2.55 0.16 47.05
CA VAL A 359 -1.37 -0.53 47.58
C VAL A 359 -0.90 0.13 48.87
N HIS A 360 -0.83 1.47 48.87
CA HIS A 360 -0.43 2.17 50.09
C HIS A 360 -1.46 1.98 51.19
N ARG A 361 -2.75 1.94 50.83
CA ARG A 361 -3.78 1.67 51.81
C ARG A 361 -3.59 0.30 52.45
N LEU A 362 -3.21 -0.68 51.65
CA LEU A 362 -3.07 -2.05 52.15
C LEU A 362 -1.83 -2.18 53.03
N TYR A 363 -0.65 -1.92 52.46
CA TYR A 363 0.59 -2.21 53.17
C TYR A 363 0.87 -1.20 54.28
N VAL A 364 0.63 0.08 54.03
CA VAL A 364 0.96 1.14 54.98
C VAL A 364 -0.25 1.55 55.81
N GLY A 365 -1.38 1.81 55.16
CA GLY A 365 -2.55 2.29 55.85
C GLY A 365 -2.42 3.75 56.25
N GLY A 366 -3.38 4.20 57.04
CA GLY A 366 -3.42 5.56 57.50
C GLY A 366 -4.28 6.44 56.61
N PRO A 367 -4.05 7.76 56.64
CA PRO A 367 -4.86 8.67 55.83
C PRO A 367 -4.69 8.37 54.34
N PRO A 368 -5.77 8.40 53.57
CA PRO A 368 -5.64 8.11 52.13
C PRO A 368 -4.72 9.09 51.44
N LEU A 369 -4.44 8.80 50.17
CA LEU A 369 -3.64 9.70 49.35
C LEU A 369 -4.54 10.65 48.56
N GLU A 370 -4.06 11.89 48.43
CA GLU A 370 -4.83 12.94 47.79
C GLU A 370 -4.38 13.08 46.34
N LYS A 371 -5.33 12.93 45.41
CA LYS A 371 -5.07 13.11 43.99
C LYS A 371 -5.20 14.58 43.62
N GLU A 372 -5.09 14.87 42.33
CA GLU A 372 -5.37 16.21 41.82
C GLU A 372 -6.63 16.14 40.95
N PRO A 373 -7.78 16.64 41.41
CA PRO A 373 -9.00 16.49 40.61
C PRO A 373 -8.89 17.13 39.23
N ARG A 374 -8.16 18.24 39.11
CA ARG A 374 -7.93 18.88 37.81
C ARG A 374 -6.65 18.28 37.22
N GLU A 375 -6.83 17.29 36.35
CA GLU A 375 -5.71 16.47 35.85
C GLU A 375 -4.91 17.27 34.83
N LEU A 376 -4.02 18.12 35.35
CA LEU A 376 -3.29 19.03 34.48
C LEU A 376 -2.30 18.31 33.57
N PHE A 377 -1.94 17.07 33.88
CA PHE A 377 -1.04 16.32 33.02
C PHE A 377 -1.77 15.50 31.97
N VAL A 378 -2.88 14.85 32.35
CA VAL A 378 -3.61 14.01 31.42
C VAL A 378 -4.48 14.85 30.49
N LYS A 379 -4.94 16.02 30.95
CA LYS A 379 -5.88 16.82 30.19
C LYS A 379 -5.57 18.31 30.18
N GLY A 380 -4.52 18.76 30.86
CA GLY A 380 -4.14 20.15 30.89
C GLY A 380 -3.23 20.53 29.74
N THR A 381 -2.60 21.69 29.87
CA THR A 381 -1.66 22.20 28.89
C THR A 381 -0.40 22.68 29.60
N MET A 382 0.63 22.98 28.80
CA MET A 382 1.89 23.44 29.37
C MET A 382 1.70 24.71 30.18
N LYS A 383 0.78 25.58 29.76
CA LYS A 383 0.51 26.79 30.53
C LYS A 383 -0.07 26.47 31.89
N ASP A 384 -0.96 25.46 31.95
CA ASP A 384 -1.51 25.05 33.23
C ASP A 384 -0.40 24.58 34.18
N ILE A 385 0.54 23.81 33.65
CA ILE A 385 1.67 23.37 34.46
C ILE A 385 2.49 24.57 34.93
N ARG A 386 2.76 25.51 34.02
CA ARG A 386 3.53 26.69 34.39
C ARG A 386 2.82 27.50 35.46
N GLU A 387 1.49 27.41 35.54
CA GLU A 387 0.75 28.16 36.56
C GLU A 387 0.64 27.39 37.86
N ASN A 388 0.54 26.06 37.80
CA ASN A 388 0.33 25.21 38.98
C ASN A 388 1.56 24.39 39.31
N PHE A 389 2.74 25.01 39.21
CA PHE A 389 3.99 24.27 39.41
C PHE A 389 4.08 23.68 40.80
N GLN A 390 3.87 24.51 41.83
CA GLN A 390 4.09 24.07 43.20
C GLN A 390 3.17 22.94 43.59
N ASP A 391 1.89 23.05 43.25
CA ASP A 391 0.93 22.01 43.63
C ASP A 391 1.26 20.68 42.95
N LEU A 392 1.62 20.73 41.67
CA LEU A 392 1.98 19.51 40.96
C LEU A 392 3.22 18.87 41.58
N MET A 393 4.23 19.68 41.91
CA MET A 393 5.42 19.13 42.53
C MET A 393 5.10 18.51 43.88
N GLN A 394 4.21 19.16 44.65
CA GLN A 394 3.81 18.60 45.93
C GLN A 394 3.11 17.26 45.76
N TYR A 395 2.23 17.16 44.77
CA TYR A 395 1.55 15.88 44.53
C TYR A 395 2.55 14.80 44.13
N CYS A 396 3.52 15.15 43.29
CA CYS A 396 4.53 14.16 42.90
C CYS A 396 5.35 13.72 44.11
N ALA A 397 5.72 14.64 44.99
CA ALA A 397 6.46 14.28 46.19
C ALA A 397 5.64 13.37 47.08
N GLN A 398 4.33 13.64 47.20
CA GLN A 398 3.46 12.78 47.99
C GLN A 398 3.44 11.37 47.42
N ASP A 399 3.32 11.25 46.09
CA ASP A 399 3.33 9.93 45.47
C ASP A 399 4.66 9.22 45.73
N VAL A 400 5.76 9.95 45.64
CA VAL A 400 7.08 9.35 45.89
C VAL A 400 7.17 8.86 47.32
N TRP A 401 6.69 9.65 48.28
CA TRP A 401 6.72 9.24 49.67
C TRP A 401 5.90 7.98 49.89
N ALA A 402 4.71 7.91 49.28
CA ALA A 402 3.90 6.71 49.41
C ALA A 402 4.61 5.51 48.81
N THR A 403 5.28 5.69 47.67
CA THR A 403 6.02 4.60 47.05
C THR A 403 7.14 4.12 47.96
N HIS A 404 7.85 5.05 48.59
CA HIS A 404 8.93 4.66 49.51
C HIS A 404 8.38 3.88 50.69
N GLU A 405 7.26 4.32 51.25
CA GLU A 405 6.67 3.61 52.38
C GLU A 405 6.26 2.20 51.99
N VAL A 406 5.61 2.05 50.83
CA VAL A 406 5.17 0.72 50.43
C VAL A 406 6.37 -0.17 50.14
N PHE A 407 7.44 0.39 49.59
CA PHE A 407 8.66 -0.39 49.38
C PHE A 407 9.24 -0.87 50.71
N GLN A 408 9.28 0.02 51.71
CA GLN A 408 9.74 -0.37 53.03
C GLN A 408 8.92 -1.53 53.57
N GLN A 409 7.60 -1.45 53.42
CA GLN A 409 6.75 -2.48 53.98
C GLN A 409 6.74 -3.76 53.16
N GLN A 410 7.16 -3.71 51.89
CA GLN A 410 7.11 -4.87 51.02
C GLN A 410 8.40 -5.65 50.94
N LEU A 411 9.56 -4.99 50.96
CA LEU A 411 10.81 -5.70 50.70
C LEU A 411 11.03 -6.89 51.62
N PRO A 412 10.88 -6.79 52.95
CA PRO A 412 11.04 -7.99 53.78
C PRO A 412 10.06 -9.09 53.43
N LEU A 413 8.81 -8.74 53.12
CA LEU A 413 7.82 -9.74 52.76
C LEU A 413 8.24 -10.51 51.52
N PHE A 414 8.76 -9.80 50.51
CA PHE A 414 9.20 -10.47 49.29
C PHE A 414 10.42 -11.34 49.57
N LEU A 415 11.40 -10.82 50.32
CA LEU A 415 12.56 -11.62 50.66
C LEU A 415 12.18 -12.86 51.46
N GLU A 416 11.05 -12.83 52.17
CA GLU A 416 10.61 -13.98 52.93
C GLU A 416 9.81 -14.97 52.10
N ARG A 417 8.98 -14.50 51.17
CA ARG A 417 8.13 -15.39 50.40
C ARG A 417 8.83 -15.96 49.16
N CYS A 418 10.00 -15.43 48.81
CA CYS A 418 10.82 -15.99 47.75
C CYS A 418 12.26 -16.10 48.23
N PRO A 419 12.58 -17.05 49.11
CA PRO A 419 13.93 -17.09 49.70
C PRO A 419 15.04 -17.29 48.69
N HIS A 420 14.76 -18.05 47.63
CA HIS A 420 15.82 -18.46 46.73
C HIS A 420 16.43 -17.24 46.04
N PRO A 421 17.76 -17.07 46.06
CA PRO A 421 18.36 -15.90 45.41
C PRO A 421 18.10 -15.84 43.92
N VAL A 422 17.68 -16.95 43.30
CA VAL A 422 17.51 -16.97 41.85
C VAL A 422 16.44 -15.99 41.41
N THR A 423 15.33 -15.92 42.14
CA THR A 423 14.19 -15.12 41.70
C THR A 423 14.56 -13.64 41.59
N LEU A 424 15.28 -13.12 42.57
CA LEU A 424 15.63 -11.70 42.56
C LEU A 424 16.49 -11.35 41.36
N ALA A 425 17.52 -12.18 41.09
CA ALA A 425 18.37 -11.95 39.93
C ALA A 425 17.58 -12.09 38.63
N GLY A 426 16.66 -13.07 38.59
CA GLY A 426 15.84 -13.21 37.40
C GLY A 426 15.01 -11.99 37.12
N MET A 427 14.38 -11.43 38.14
CA MET A 427 13.61 -10.20 37.95
C MET A 427 14.51 -9.04 37.55
N LEU A 428 15.67 -8.93 38.19
CA LEU A 428 16.59 -7.83 37.86
C LEU A 428 17.00 -7.89 36.40
N GLU A 429 17.27 -9.09 35.89
CA GLU A 429 17.67 -9.20 34.49
C GLU A 429 16.47 -9.07 33.55
N MET A 430 15.29 -9.49 33.98
CA MET A 430 14.11 -9.37 33.14
C MET A 430 13.66 -7.93 33.00
N GLY A 431 14.06 -7.07 33.94
CA GLY A 431 13.66 -5.68 33.89
C GLY A 431 14.50 -4.77 33.02
N VAL A 432 15.36 -5.32 32.16
CA VAL A 432 16.24 -4.50 31.33
C VAL A 432 16.09 -4.83 29.85
N SER A 433 14.87 -5.12 29.42
CA SER A 433 14.59 -5.44 28.02
C SER A 433 15.08 -4.34 27.08
N TYR A 434 15.22 -4.66 25.79
CA TYR A 434 15.81 -3.74 24.83
C TYR A 434 15.46 -4.21 23.42
N LEU A 435 15.02 -3.29 22.57
CA LEU A 435 14.65 -3.62 21.18
C LEU A 435 15.24 -2.61 20.21
N PRO A 436 16.33 -2.95 19.51
CA PRO A 436 16.89 -1.99 18.55
C PRO A 436 16.01 -1.86 17.31
N VAL A 437 16.11 -0.68 16.68
CA VAL A 437 15.36 -0.37 15.46
C VAL A 437 16.15 0.65 14.66
N ASN A 438 15.75 0.83 13.40
CA ASN A 438 16.38 1.79 12.51
C ASN A 438 15.28 2.56 11.79
N GLN A 439 15.67 3.40 10.82
CA GLN A 439 14.70 4.23 10.11
C GLN A 439 13.60 3.40 9.49
N ASN A 440 13.91 2.16 9.10
CA ASN A 440 12.89 1.32 8.47
C ASN A 440 11.63 1.27 9.31
N TRP A 441 11.77 1.21 10.63
CA TRP A 441 10.62 1.24 11.52
C TRP A 441 9.62 2.30 11.07
N GLU A 442 10.07 3.55 10.97
CA GLU A 442 9.16 4.61 10.55
C GLU A 442 8.46 4.23 9.26
N ARG A 443 9.24 3.88 8.24
CA ARG A 443 8.67 3.45 6.97
C ARG A 443 7.54 2.48 7.22
N TYR A 444 7.83 1.39 7.94
CA TYR A 444 6.82 0.38 8.22
C TYR A 444 5.52 1.06 8.63
N LEU A 445 5.56 1.82 9.72
CA LEU A 445 4.37 2.53 10.18
C LEU A 445 3.66 3.19 9.01
N ALA A 446 4.35 4.15 8.37
CA ALA A 446 3.77 4.84 7.23
C ALA A 446 3.11 3.84 6.29
N GLU A 447 3.90 2.91 5.77
CA GLU A 447 3.37 1.97 4.78
C GLU A 447 2.11 1.32 5.32
N ALA A 448 2.19 0.74 6.52
CA ALA A 448 1.03 0.06 7.08
C ALA A 448 -0.17 0.98 7.07
N GLN A 449 0.00 2.18 7.64
CA GLN A 449 -1.12 3.12 7.67
C GLN A 449 -1.66 3.32 6.26
N GLY A 450 -0.78 3.66 5.33
CA GLY A 450 -1.24 3.85 3.96
C GLY A 450 -2.06 2.67 3.49
N THR A 451 -1.49 1.46 3.60
CA THR A 451 -2.21 0.28 3.14
C THR A 451 -3.59 0.23 3.77
N TYR A 452 -3.63 0.36 5.09
CA TYR A 452 -4.91 0.38 5.79
C TYR A 452 -5.89 1.31 5.09
N GLU A 453 -5.53 2.59 5.01
CA GLU A 453 -6.43 3.55 4.40
C GLU A 453 -6.86 3.08 3.02
N GLU A 454 -5.88 2.69 2.19
CA GLU A 454 -6.21 2.27 0.84
C GLU A 454 -7.27 1.19 0.86
N LEU A 455 -7.04 0.13 1.64
CA LEU A 455 -8.01 -0.96 1.68
C LEU A 455 -9.38 -0.43 2.06
N GLN A 456 -9.45 0.40 3.10
CA GLN A 456 -10.73 0.96 3.50
C GLN A 456 -11.42 1.61 2.32
N ARG A 457 -10.69 2.49 1.61
CA ARG A 457 -11.29 3.13 0.45
C ARG A 457 -11.89 2.10 -0.47
N GLU A 458 -11.09 1.09 -0.86
CA GLU A 458 -11.60 0.07 -1.75
C GLU A 458 -12.88 -0.51 -1.18
N MET A 459 -12.84 -0.95 0.08
CA MET A 459 -14.02 -1.53 0.70
C MET A 459 -15.19 -0.56 0.56
N LYS A 460 -15.00 0.68 0.98
CA LYS A 460 -16.07 1.66 0.86
C LYS A 460 -16.59 1.71 -0.56
N LYS A 461 -15.68 1.86 -1.52
CA LYS A 461 -16.10 1.92 -2.92
C LYS A 461 -16.97 0.73 -3.25
N SER A 462 -16.52 -0.48 -2.89
CA SER A 462 -17.30 -1.67 -3.20
C SER A 462 -18.71 -1.52 -2.68
N LEU A 463 -18.86 -1.17 -1.40
CA LEU A 463 -20.20 -1.02 -0.85
C LEU A 463 -21.02 -0.04 -1.68
N MET A 464 -20.45 1.12 -1.99
CA MET A 464 -21.19 2.10 -2.78
C MET A 464 -21.68 1.47 -4.07
N ASP A 465 -20.80 0.73 -4.76
CA ASP A 465 -21.21 0.07 -5.99
C ASP A 465 -22.44 -0.78 -5.74
N LEU A 466 -22.39 -1.63 -4.70
CA LEU A 466 -23.55 -2.45 -4.38
C LEU A 466 -24.80 -1.59 -4.25
N ALA A 467 -24.70 -0.48 -3.51
CA ALA A 467 -25.85 0.39 -3.35
C ALA A 467 -26.43 0.76 -4.72
N ASN A 468 -25.57 1.21 -5.63
CA ASN A 468 -26.05 1.56 -6.96
C ASN A 468 -26.77 0.38 -7.59
N ASP A 469 -26.13 -0.79 -7.57
CA ASP A 469 -26.72 -1.97 -8.19
C ASP A 469 -28.04 -2.36 -7.56
N ALA A 470 -28.32 -1.89 -6.34
CA ALA A 470 -29.60 -2.18 -5.69
C ALA A 470 -30.73 -1.33 -6.25
N CYS A 471 -30.45 -0.10 -6.70
CA CYS A 471 -31.52 0.80 -7.11
C CYS A 471 -32.37 0.17 -8.22
N GLN A 472 -31.72 -0.51 -9.17
CA GLN A 472 -32.46 -1.10 -10.27
C GLN A 472 -33.55 -2.04 -9.79
N LEU A 473 -33.37 -2.68 -8.62
CA LEU A 473 -34.36 -3.62 -8.13
C LEU A 473 -35.72 -2.95 -7.91
N LEU A 474 -35.78 -1.63 -7.87
CA LEU A 474 -37.07 -0.94 -7.76
C LEU A 474 -37.96 -1.29 -8.93
N SER A 475 -37.40 -1.40 -10.13
CA SER A 475 -38.20 -1.63 -11.32
C SER A 475 -39.02 -2.90 -11.15
N GLY A 476 -40.29 -2.82 -11.56
CA GLY A 476 -41.16 -3.97 -11.47
C GLY A 476 -41.32 -4.53 -10.08
N GLU A 477 -41.00 -3.73 -9.06
CA GLU A 477 -41.04 -4.21 -7.67
C GLU A 477 -40.14 -5.43 -7.48
N ARG A 478 -39.05 -5.51 -8.24
CA ARG A 478 -38.16 -6.65 -8.10
C ARG A 478 -37.58 -6.74 -6.70
N TYR A 479 -37.42 -5.61 -6.01
CA TYR A 479 -36.92 -5.64 -4.65
C TYR A 479 -37.81 -6.51 -3.76
N LYS A 480 -39.09 -6.62 -4.11
CA LYS A 480 -40.02 -7.39 -3.31
C LYS A 480 -39.73 -8.89 -3.35
N GLU A 481 -38.83 -9.34 -4.23
CA GLU A 481 -38.44 -10.74 -4.31
C GLU A 481 -37.04 -11.01 -3.77
N ASP A 482 -36.26 -9.97 -3.50
CA ASP A 482 -34.93 -10.18 -2.95
C ASP A 482 -35.05 -10.61 -1.49
N PRO A 483 -34.42 -11.73 -1.09
CA PRO A 483 -34.62 -12.21 0.28
C PRO A 483 -33.83 -11.45 1.33
N TRP A 484 -33.23 -10.32 0.95
CA TRP A 484 -32.51 -9.46 1.89
C TRP A 484 -33.15 -8.08 2.00
N LEU A 485 -33.38 -7.40 0.89
CA LEU A 485 -33.80 -6.01 0.88
C LEU A 485 -35.32 -5.86 0.82
N TRP A 486 -36.07 -6.95 0.89
CA TRP A 486 -37.52 -6.88 0.72
C TRP A 486 -38.17 -5.97 1.75
N ASP A 487 -37.64 -5.94 2.97
CA ASP A 487 -38.28 -5.25 4.08
C ASP A 487 -37.81 -3.82 4.25
N LEU A 488 -36.90 -3.34 3.40
CA LEU A 488 -36.42 -1.97 3.51
C LEU A 488 -37.53 -1.00 3.11
N GLU A 489 -37.24 0.30 3.25
CA GLU A 489 -38.19 1.36 2.92
C GLU A 489 -38.09 1.66 1.42
N TRP A 490 -38.85 0.88 0.64
CA TRP A 490 -38.90 1.06 -0.81
C TRP A 490 -40.11 1.91 -1.20
N ASP A 491 -40.04 3.18 -0.84
CA ASP A 491 -41.12 4.14 -1.10
C ASP A 491 -40.60 5.28 -1.97
N LEU A 492 -41.39 5.63 -2.98
CA LEU A 492 -41.05 6.69 -3.92
C LEU A 492 -42.01 7.85 -3.68
N GLN A 493 -41.45 9.01 -3.37
CA GLN A 493 -42.25 10.20 -3.05
C GLN A 493 -42.52 11.02 -4.31
N GLU A 494 -43.53 11.87 -4.23
CA GLU A 494 -43.89 12.76 -5.32
C GLU A 494 -43.10 14.06 -5.24
N PHE A 495 -42.82 14.63 -6.39
CA PHE A 495 -42.15 15.92 -6.45
C PHE A 495 -43.12 17.02 -6.03
N LYS A 496 -42.57 18.12 -5.51
CA LYS A 496 -43.36 19.17 -4.91
C LYS A 496 -43.17 20.48 -5.65
N GLN A 497 -44.28 21.20 -5.86
CA GLN A 497 -44.28 22.50 -6.49
C GLN A 497 -45.24 23.42 -5.74
N LYS A 498 -44.85 24.67 -5.55
CA LYS A 498 -45.68 25.64 -4.85
C LYS A 498 -45.19 27.04 -5.22
N LYS A 499 -45.88 28.05 -4.69
CA LYS A 499 -45.52 29.45 -4.88
C LYS A 499 -45.12 29.75 -6.31
N LEU A 530 -31.43 19.13 -46.05
CA LEU A 530 -30.55 20.03 -46.78
C LEU A 530 -29.62 20.75 -45.84
N GLY A 531 -28.32 20.69 -46.12
CA GLY A 531 -27.32 21.28 -45.26
C GLY A 531 -26.64 22.48 -45.89
N PRO A 532 -26.88 23.68 -45.36
CA PRO A 532 -26.11 24.85 -45.79
C PRO A 532 -24.78 24.95 -45.04
N CYS A 533 -24.05 26.05 -45.27
CA CYS A 533 -22.81 26.34 -44.55
C CYS A 533 -22.97 27.65 -43.79
N SER A 534 -22.49 27.67 -42.55
CA SER A 534 -22.65 28.84 -41.70
C SER A 534 -21.86 30.02 -42.24
N GLU A 535 -22.47 31.21 -42.16
CA GLU A 535 -21.81 32.43 -42.58
C GLU A 535 -20.97 33.00 -41.45
N GLU A 536 -20.21 34.04 -41.77
CA GLU A 536 -19.52 34.81 -40.75
C GLU A 536 -20.54 35.62 -39.94
N GLU A 537 -20.16 35.96 -38.72
CA GLU A 537 -21.02 36.63 -37.74
C GLU A 537 -22.02 35.68 -37.12
N GLU A 538 -21.78 34.36 -37.21
CA GLU A 538 -22.60 33.41 -36.46
C GLU A 538 -22.51 33.67 -34.96
N PHE A 539 -21.48 34.39 -34.53
CA PHE A 539 -21.36 34.86 -33.16
C PHE A 539 -22.67 35.46 -32.66
N GLN A 540 -23.44 36.06 -33.58
CA GLN A 540 -24.75 36.58 -33.21
C GLN A 540 -25.67 35.44 -32.76
N GLN A 541 -25.62 34.29 -33.46
CA GLN A 541 -26.44 33.16 -33.07
C GLN A 541 -26.04 32.63 -31.69
N ASP A 542 -24.74 32.55 -31.43
CA ASP A 542 -24.29 32.13 -30.11
C ASP A 542 -24.73 33.11 -29.03
N VAL A 543 -24.66 34.41 -29.32
CA VAL A 543 -25.10 35.41 -28.36
C VAL A 543 -26.60 35.29 -28.11
N MET A 544 -27.39 35.02 -29.15
CA MET A 544 -28.82 34.84 -28.99
C MET A 544 -29.12 33.62 -28.12
N ALA A 545 -28.42 32.52 -28.35
CA ALA A 545 -28.62 31.33 -27.52
C ALA A 545 -28.23 31.62 -26.07
N ARG A 546 -27.12 32.32 -25.86
CA ARG A 546 -26.69 32.66 -24.51
C ARG A 546 -27.71 33.56 -23.83
N ALA A 547 -28.29 34.50 -24.58
CA ALA A 547 -29.31 35.37 -24.02
C ALA A 547 -30.55 34.58 -23.62
N CYS A 548 -30.95 33.61 -24.44
CA CYS A 548 -32.07 32.76 -24.08
C CYS A 548 -31.77 31.97 -22.82
N LEU A 549 -30.54 31.44 -22.72
CA LEU A 549 -30.15 30.70 -21.52
C LEU A 549 -30.20 31.58 -20.29
N GLN A 550 -29.69 32.82 -20.40
CA GLN A 550 -29.75 33.75 -19.29
C GLN A 550 -31.20 34.08 -18.91
N LYS A 551 -32.06 34.23 -19.91
CA LYS A 551 -33.47 34.49 -19.63
C LYS A 551 -34.08 33.34 -18.85
N LEU A 552 -33.75 32.10 -19.22
CA LEU A 552 -34.28 30.96 -18.49
C LEU A 552 -33.67 30.86 -17.09
N LYS A 553 -32.42 31.29 -16.91
CA LYS A 553 -31.76 31.09 -15.62
C LYS A 553 -32.47 31.86 -14.50
N GLY A 554 -33.19 32.92 -14.84
CA GLY A 554 -33.81 33.76 -13.84
C GLY A 554 -35.13 33.28 -13.31
N THR A 555 -35.62 32.12 -13.76
CA THR A 555 -36.92 31.60 -13.34
C THR A 555 -36.81 30.88 -11.99
N THR A 556 -36.33 31.62 -11.00
CA THR A 556 -36.14 31.09 -9.65
C THR A 556 -37.28 31.45 -8.70
N GLU A 557 -38.29 32.18 -9.16
CA GLU A 557 -39.35 32.61 -8.27
C GLU A 557 -40.30 31.47 -7.92
N LEU A 558 -40.49 30.52 -8.83
CA LEU A 558 -41.45 29.45 -8.59
C LEU A 558 -40.92 28.41 -7.62
N LEU A 559 -39.62 28.15 -7.64
CA LEU A 559 -39.05 27.09 -6.82
C LEU A 559 -39.21 27.42 -5.34
N PRO A 560 -39.72 26.50 -4.52
CA PRO A 560 -39.69 26.73 -3.07
C PRO A 560 -38.26 26.80 -2.56
N LYS A 561 -38.04 27.67 -1.56
CA LYS A 561 -36.70 27.83 -1.02
C LYS A 561 -36.26 26.58 -0.26
N ARG A 562 -37.15 25.99 0.53
CA ARG A 562 -36.82 24.77 1.24
C ARG A 562 -36.81 23.61 0.25
N PRO A 563 -35.63 23.14 -0.19
CA PRO A 563 -35.60 22.16 -1.28
C PRO A 563 -35.98 20.77 -0.80
N GLN A 564 -36.45 19.97 -1.76
CA GLN A 564 -36.58 18.54 -1.53
C GLN A 564 -35.21 17.88 -1.57
N HIS A 565 -35.10 16.71 -0.95
CA HIS A 565 -33.88 15.94 -0.95
C HIS A 565 -34.07 14.72 -1.84
N LEU A 566 -33.43 14.74 -3.01
CA LEU A 566 -33.37 13.61 -3.92
C LEU A 566 -34.68 12.83 -3.96
N PRO A 567 -35.76 13.43 -4.45
CA PRO A 567 -37.00 12.65 -4.63
C PRO A 567 -36.81 11.59 -5.71
N GLY A 568 -37.63 10.55 -5.62
CA GLY A 568 -37.58 9.45 -6.56
C GLY A 568 -36.67 8.33 -6.12
N HIS A 569 -35.50 8.68 -5.56
CA HIS A 569 -34.63 7.68 -5.00
C HIS A 569 -35.31 7.02 -3.80
N PRO A 570 -35.11 5.73 -3.57
CA PRO A 570 -35.68 5.10 -2.37
C PRO A 570 -35.19 5.79 -1.11
N GLY A 571 -36.08 5.84 -0.11
CA GLY A 571 -35.73 6.51 1.13
C GLY A 571 -34.50 5.91 1.79
N TRP A 572 -34.39 4.58 1.77
CA TRP A 572 -33.22 3.94 2.36
C TRP A 572 -31.95 4.40 1.66
N TYR A 573 -31.99 4.52 0.33
CA TYR A 573 -30.84 5.05 -0.39
C TYR A 573 -30.59 6.51 -0.04
N ARG A 574 -31.67 7.29 0.10
CA ARG A 574 -31.52 8.71 0.38
C ARG A 574 -30.89 8.96 1.75
N LYS A 575 -31.12 8.06 2.71
CA LYS A 575 -30.50 8.21 4.01
C LYS A 575 -28.98 8.27 3.91
N LEU A 576 -28.39 7.57 2.96
CA LEU A 576 -26.95 7.54 2.78
C LEU A 576 -26.43 8.73 1.98
N CYS A 577 -27.31 9.57 1.45
CA CYS A 577 -26.88 10.66 0.58
C CYS A 577 -26.76 11.95 1.36
N PRO A 578 -25.59 12.59 1.41
CA PRO A 578 -25.48 13.88 2.07
C PRO A 578 -26.31 14.96 1.37
N ARG A 579 -26.68 15.98 2.15
CA ARG A 579 -27.40 17.10 1.58
C ARG A 579 -26.58 17.77 0.49
N LEU A 580 -27.26 18.15 -0.60
CA LEU A 580 -26.56 18.71 -1.75
C LEU A 580 -25.91 20.05 -1.41
N ASP A 581 -26.61 20.89 -0.64
CA ASP A 581 -26.15 22.25 -0.38
C ASP A 581 -25.00 22.31 0.62
N ASP A 582 -24.76 21.25 1.38
CA ASP A 582 -23.73 21.29 2.40
C ASP A 582 -22.34 21.39 1.77
N PRO A 583 -21.36 21.92 2.52
CA PRO A 583 -19.97 21.91 2.03
C PRO A 583 -19.29 20.56 2.17
N ALA A 584 -19.95 19.59 2.79
CA ALA A 584 -19.39 18.25 2.96
C ALA A 584 -19.98 17.23 1.99
N TRP A 585 -20.66 17.69 0.95
CA TRP A 585 -21.31 16.78 0.01
C TRP A 585 -20.26 15.95 -0.74
N THR A 586 -20.60 14.69 -0.99
CA THR A 586 -19.82 13.81 -1.84
C THR A 586 -20.77 12.98 -2.68
N PRO A 587 -20.38 12.61 -3.90
CA PRO A 587 -21.28 11.88 -4.78
C PRO A 587 -21.54 10.46 -4.30
N GLY A 588 -22.72 9.95 -4.66
CA GLY A 588 -23.10 8.61 -4.32
C GLY A 588 -23.48 8.49 -2.86
N PRO A 589 -23.77 7.27 -2.41
CA PRO A 589 -24.10 7.03 -0.98
C PRO A 589 -22.85 6.97 -0.11
N SER A 590 -22.11 8.08 -0.08
CA SER A 590 -20.84 8.13 0.63
C SER A 590 -20.99 7.96 2.14
N LEU A 591 -22.20 8.13 2.68
CA LEU A 591 -22.40 7.94 4.11
C LEU A 591 -22.43 6.47 4.50
N LEU A 592 -22.70 5.57 3.55
CA LEU A 592 -22.74 4.15 3.86
C LEU A 592 -21.39 3.70 4.39
N SER A 593 -21.42 2.87 5.43
CA SER A 593 -20.19 2.39 6.05
C SER A 593 -20.52 1.11 6.82
N LEU A 594 -19.48 0.38 7.18
CA LEU A 594 -19.64 -0.75 8.08
C LEU A 594 -20.32 -0.29 9.36
N GLN A 595 -20.87 -1.24 10.09
CA GLN A 595 -21.60 -1.07 11.34
C GLN A 595 -23.01 -0.55 11.09
N MET A 596 -23.38 -0.21 9.87
CA MET A 596 -24.76 0.13 9.56
C MET A 596 -25.55 -1.12 9.24
N ARG A 597 -26.81 -1.14 9.67
CA ARG A 597 -27.66 -2.30 9.42
C ARG A 597 -27.85 -2.56 7.93
N VAL A 598 -27.64 -1.55 7.08
CA VAL A 598 -27.83 -1.71 5.65
C VAL A 598 -26.72 -2.59 5.06
N THR A 599 -25.49 -2.42 5.53
CA THR A 599 -24.35 -3.05 4.88
C THR A 599 -24.46 -4.56 4.81
N PRO A 600 -24.72 -5.29 5.90
CA PRO A 600 -24.88 -6.75 5.77
C PRO A 600 -26.00 -7.14 4.83
N LYS A 601 -27.09 -6.38 4.80
CA LYS A 601 -28.17 -6.68 3.88
C LYS A 601 -27.71 -6.56 2.43
N LEU A 602 -26.94 -5.51 2.14
CA LEU A 602 -26.46 -5.32 0.77
C LEU A 602 -25.50 -6.42 0.34
N MET A 603 -24.60 -6.83 1.23
CA MET A 603 -23.63 -7.86 0.88
C MET A 603 -24.28 -9.22 0.64
N ALA A 604 -25.54 -9.38 1.03
CA ALA A 604 -26.23 -10.66 0.88
C ALA A 604 -25.48 -11.78 1.60
N LEU A 605 -25.01 -11.49 2.82
CA LEU A 605 -24.25 -12.45 3.59
C LEU A 605 -25.13 -13.63 3.98
N THR A 606 -24.50 -14.77 4.22
CA THR A 606 -25.19 -15.98 4.63
C THR A 606 -24.36 -16.69 5.70
N TRP A 607 -25.04 -17.54 6.45
CA TRP A 607 -24.39 -18.37 7.47
C TRP A 607 -24.77 -19.82 7.19
N ASP A 608 -23.80 -20.60 6.72
CA ASP A 608 -24.05 -21.96 6.25
C ASP A 608 -25.02 -21.93 5.07
N GLY A 609 -24.93 -20.86 4.29
CA GLY A 609 -25.83 -20.66 3.16
C GLY A 609 -27.17 -20.08 3.51
N PHE A 610 -27.39 -19.65 4.76
CA PHE A 610 -28.66 -19.09 5.19
C PHE A 610 -28.56 -17.57 5.31
N PRO A 611 -29.44 -16.81 4.67
CA PRO A 611 -29.30 -15.36 4.66
C PRO A 611 -29.48 -14.75 6.04
N LEU A 612 -28.81 -13.62 6.25
CA LEU A 612 -28.88 -12.91 7.52
C LEU A 612 -30.19 -12.13 7.64
N HIS A 613 -30.43 -11.60 8.83
CA HIS A 613 -31.64 -10.87 9.13
C HIS A 613 -31.49 -10.19 10.48
N TYR A 614 -32.23 -9.09 10.67
CA TYR A 614 -32.21 -8.33 11.91
C TYR A 614 -33.60 -8.31 12.52
N SER A 615 -33.66 -8.26 13.85
CA SER A 615 -34.93 -8.33 14.58
C SER A 615 -34.82 -7.48 15.82
N GLU A 616 -35.80 -7.62 16.72
CA GLU A 616 -35.83 -6.91 17.99
C GLU A 616 -35.61 -7.81 19.19
N ARG A 617 -35.95 -9.10 19.09
CA ARG A 617 -35.62 -10.08 20.13
C ARG A 617 -34.19 -10.57 20.03
N HIS A 618 -33.34 -9.88 19.26
CA HIS A 618 -31.95 -10.26 19.09
C HIS A 618 -31.31 -9.23 18.17
N GLY A 619 -29.98 -9.26 18.09
CA GLY A 619 -29.27 -8.50 17.08
C GLY A 619 -29.35 -9.22 15.75
N TRP A 620 -28.22 -9.42 15.10
CA TRP A 620 -28.21 -10.05 13.79
C TRP A 620 -28.28 -11.57 13.92
N GLY A 621 -29.15 -12.18 13.12
CA GLY A 621 -29.28 -13.63 13.07
C GLY A 621 -29.29 -14.14 11.64
N TYR A 622 -29.77 -15.36 11.44
CA TYR A 622 -29.86 -15.95 10.12
C TYR A 622 -31.20 -16.63 9.95
N LEU A 623 -31.55 -16.88 8.68
CA LEU A 623 -32.88 -17.29 8.27
C LEU A 623 -32.81 -18.67 7.62
N VAL A 624 -33.50 -19.63 8.21
CA VAL A 624 -33.58 -20.99 7.67
C VAL A 624 -34.85 -21.08 6.82
N PRO A 625 -34.75 -21.43 5.54
CA PRO A 625 -35.90 -21.32 4.64
C PRO A 625 -36.79 -22.56 4.58
N GLY A 626 -36.64 -23.52 5.49
CA GLY A 626 -37.37 -24.76 5.39
C GLY A 626 -38.70 -24.79 6.11
N ARG A 627 -39.26 -23.63 6.42
CA ARG A 627 -40.46 -23.54 7.25
C ARG A 627 -41.72 -23.53 6.39
N ARG A 628 -42.84 -23.86 7.03
CA ARG A 628 -44.15 -23.80 6.38
C ARG A 628 -45.21 -23.61 7.46
N ASP A 629 -46.47 -23.75 7.06
CA ASP A 629 -47.61 -23.52 7.95
C ASP A 629 -47.62 -22.08 8.47
N ASN A 630 -47.47 -21.14 7.54
CA ASN A 630 -47.55 -19.72 7.83
C ASN A 630 -46.74 -19.35 9.07
N LEU A 631 -45.45 -19.65 9.01
CA LEU A 631 -44.54 -19.30 10.10
C LEU A 631 -44.14 -17.84 10.00
N VAL A 645 -45.73 -10.69 3.33
CA VAL A 645 -45.01 -10.71 2.06
C VAL A 645 -44.70 -12.16 1.69
N VAL A 646 -44.84 -12.48 0.40
CA VAL A 646 -44.71 -13.85 -0.07
C VAL A 646 -43.28 -14.24 -0.44
N CYS A 647 -42.35 -13.28 -0.46
CA CYS A 647 -40.97 -13.54 -0.86
C CYS A 647 -40.35 -14.68 -0.04
N PRO A 648 -40.39 -14.63 1.29
CA PRO A 648 -39.72 -15.69 2.07
C PRO A 648 -40.35 -17.05 1.90
N TYR A 649 -41.56 -17.15 1.36
CA TYR A 649 -42.22 -18.44 1.24
C TYR A 649 -41.63 -19.29 0.13
N ARG A 650 -41.23 -18.67 -0.98
CA ARG A 650 -40.69 -19.43 -2.11
C ARG A 650 -39.33 -18.95 -2.58
N ALA A 651 -39.09 -17.63 -2.57
CA ALA A 651 -37.87 -17.11 -3.16
C ALA A 651 -36.62 -17.56 -2.40
N ILE A 652 -36.69 -17.54 -1.07
CA ILE A 652 -35.50 -17.82 -0.27
C ILE A 652 -35.05 -19.27 -0.46
N GLU A 653 -36.01 -20.20 -0.55
CA GLU A 653 -35.66 -21.61 -0.59
C GLU A 653 -34.61 -21.91 -1.65
N SER A 654 -34.76 -21.31 -2.84
CA SER A 654 -33.84 -21.59 -3.93
C SER A 654 -32.39 -21.44 -3.51
N LEU A 655 -32.09 -20.41 -2.71
CA LEU A 655 -30.72 -20.21 -2.27
C LEU A 655 -30.13 -21.47 -1.67
N TYR A 656 -30.86 -22.09 -0.74
CA TYR A 656 -30.33 -23.30 -0.09
C TYR A 656 -30.04 -24.38 -1.12
N ARG A 657 -30.92 -24.52 -2.12
CA ARG A 657 -30.65 -25.48 -3.19
C ARG A 657 -29.26 -25.24 -3.77
N LYS A 658 -28.97 -23.99 -4.13
CA LYS A 658 -27.69 -23.68 -4.76
C LYS A 658 -26.51 -24.00 -3.85
N HIS A 659 -26.73 -24.11 -2.55
CA HIS A 659 -25.70 -24.58 -1.62
C HIS A 659 -25.81 -26.06 -1.30
N CYS A 660 -27.01 -26.62 -1.34
CA CYS A 660 -27.17 -28.04 -1.04
C CYS A 660 -26.72 -28.93 -2.19
N LEU A 661 -26.84 -28.46 -3.42
CA LEU A 661 -26.42 -29.21 -4.59
C LEU A 661 -25.00 -28.89 -5.03
N GLU A 662 -24.32 -27.98 -4.33
CA GLU A 662 -22.94 -27.64 -4.67
C GLU A 662 -21.92 -28.42 -3.84
N GLN A 663 -22.33 -28.94 -2.69
CA GLN A 663 -21.43 -29.69 -1.83
C GLN A 663 -20.84 -30.89 -2.57
N PRO A 730 -39.83 -27.75 14.83
CA PRO A 730 -39.69 -29.03 14.13
C PRO A 730 -38.59 -29.01 13.06
N SER A 731 -37.71 -28.01 13.13
CA SER A 731 -36.67 -27.86 12.15
C SER A 731 -35.67 -29.02 12.22
N TYR A 732 -35.27 -29.52 11.05
CA TYR A 732 -34.21 -30.52 11.02
C TYR A 732 -32.84 -29.91 11.27
N HIS A 733 -32.65 -28.64 10.92
CA HIS A 733 -31.43 -27.93 11.23
C HIS A 733 -31.43 -27.52 12.70
N HIS A 734 -30.27 -27.62 13.34
CA HIS A 734 -30.11 -27.35 14.76
C HIS A 734 -29.13 -26.21 14.97
N GLY A 735 -29.46 -25.31 15.87
CA GLY A 735 -28.61 -24.18 16.16
C GLY A 735 -29.01 -23.51 17.46
N ASN A 736 -28.82 -22.19 17.51
CA ASN A 736 -29.10 -21.44 18.73
C ASN A 736 -30.50 -21.74 19.25
N GLY A 737 -31.50 -21.64 18.39
CA GLY A 737 -32.86 -21.96 18.74
C GLY A 737 -33.84 -20.99 18.12
N PRO A 738 -34.98 -21.50 17.66
CA PRO A 738 -35.97 -20.64 17.02
C PRO A 738 -36.66 -19.72 18.02
N TYR A 739 -37.24 -18.65 17.49
CA TYR A 739 -38.03 -17.71 18.28
C TYR A 739 -39.25 -17.33 17.44
N ASN A 740 -40.40 -17.91 17.78
CA ASN A 740 -41.61 -17.65 17.02
C ASN A 740 -42.11 -16.22 17.17
N ASP A 741 -41.56 -15.45 18.10
CA ASP A 741 -41.90 -14.03 18.17
C ASP A 741 -41.63 -13.35 16.83
N VAL A 742 -40.55 -13.73 16.15
CA VAL A 742 -40.30 -13.30 14.79
C VAL A 742 -41.07 -14.23 13.86
N ASP A 743 -41.96 -13.66 13.05
CA ASP A 743 -42.94 -14.42 12.28
C ASP A 743 -42.80 -14.21 10.77
N ILE A 744 -41.57 -14.24 10.26
CA ILE A 744 -41.36 -14.17 8.82
C ILE A 744 -41.95 -15.43 8.20
N PRO A 745 -42.85 -15.33 7.23
CA PRO A 745 -43.52 -16.54 6.72
C PRO A 745 -42.53 -17.54 6.17
N GLY A 746 -42.80 -18.82 6.43
CA GLY A 746 -42.05 -19.90 5.82
C GLY A 746 -40.56 -19.91 6.12
N CYS A 747 -40.15 -19.42 7.28
CA CYS A 747 -38.74 -19.40 7.62
C CYS A 747 -38.56 -19.25 9.12
N TRP A 748 -37.47 -19.82 9.63
CA TRP A 748 -37.10 -19.74 11.04
C TRP A 748 -35.98 -18.74 11.22
N PHE A 749 -35.99 -18.03 12.35
CA PHE A 749 -34.93 -17.10 12.70
C PHE A 749 -34.08 -17.69 13.81
N PHE A 750 -32.76 -17.69 13.61
CA PHE A 750 -31.83 -18.23 14.59
C PHE A 750 -30.79 -17.17 14.93
N LYS A 751 -30.56 -16.94 16.22
CA LYS A 751 -29.56 -15.97 16.64
C LYS A 751 -28.17 -16.40 16.19
N LEU A 752 -27.33 -15.42 15.89
CA LEU A 752 -25.91 -15.70 15.71
C LEU A 752 -25.31 -16.02 17.07
N PRO A 753 -24.72 -17.21 17.27
CA PRO A 753 -24.22 -17.54 18.61
C PRO A 753 -23.24 -16.52 19.14
N HIS A 754 -23.62 -15.83 20.21
CA HIS A 754 -22.73 -14.89 20.87
C HIS A 754 -21.79 -15.65 21.79
N LYS A 755 -20.53 -15.20 21.84
CA LYS A 755 -19.54 -15.90 22.64
C LYS A 755 -19.90 -15.88 24.13
N ASP A 756 -20.80 -14.99 24.54
CA ASP A 756 -21.25 -14.91 25.92
C ASP A 756 -22.53 -15.71 26.15
N GLY A 757 -22.92 -16.56 25.21
CA GLY A 757 -24.08 -17.41 25.39
C GLY A 757 -25.37 -16.72 25.03
N ASN A 758 -26.44 -17.51 25.04
CA ASN A 758 -27.75 -17.00 24.66
C ASN A 758 -28.13 -15.81 25.54
N SER A 759 -29.19 -15.12 25.13
CA SER A 759 -29.74 -13.93 25.78
C SER A 759 -28.92 -12.69 25.47
N CYS A 760 -27.86 -12.79 24.66
CA CYS A 760 -27.08 -11.64 24.24
C CYS A 760 -27.34 -11.34 22.78
N ASN A 761 -27.35 -10.05 22.45
CA ASN A 761 -27.63 -9.58 21.09
C ASN A 761 -26.34 -9.24 20.38
N VAL A 762 -26.17 -9.78 19.18
CA VAL A 762 -25.00 -9.52 18.35
C VAL A 762 -25.27 -8.26 17.55
N GLY A 763 -24.55 -7.19 17.87
CA GLY A 763 -24.76 -5.91 17.22
C GLY A 763 -24.10 -5.75 15.87
N SER A 764 -23.27 -6.71 15.46
CA SER A 764 -22.61 -6.62 14.17
C SER A 764 -22.04 -7.98 13.77
N PRO A 765 -22.31 -8.48 12.56
CA PRO A 765 -21.70 -9.75 12.13
C PRO A 765 -20.25 -9.62 11.74
N PHE A 766 -19.66 -8.43 11.83
CA PHE A 766 -18.25 -8.22 11.54
C PHE A 766 -17.40 -8.06 12.80
N ALA A 767 -17.88 -8.56 13.94
CA ALA A 767 -17.16 -8.43 15.20
C ALA A 767 -15.91 -9.31 15.19
N LYS A 768 -15.12 -9.18 16.26
CA LYS A 768 -13.85 -9.89 16.34
C LYS A 768 -14.05 -11.41 16.36
N ASP A 769 -15.04 -11.88 17.10
CA ASP A 769 -15.22 -13.31 17.26
C ASP A 769 -15.75 -13.99 16.00
N PHE A 770 -16.16 -13.22 14.99
CA PHE A 770 -16.65 -13.78 13.74
C PHE A 770 -15.57 -13.85 12.67
N LEU A 771 -14.33 -13.48 12.99
CA LEU A 771 -13.24 -13.58 12.03
C LEU A 771 -13.07 -14.98 11.45
N PRO A 772 -13.21 -16.07 12.22
CA PRO A 772 -13.12 -17.40 11.61
C PRO A 772 -14.05 -17.59 10.43
N LYS A 773 -15.24 -16.98 10.47
CA LYS A 773 -16.18 -16.99 9.35
C LYS A 773 -16.48 -18.45 8.98
N MET A 774 -16.45 -18.83 7.71
CA MET A 774 -16.78 -20.18 7.27
C MET A 774 -15.85 -20.55 6.13
N GLU A 775 -16.20 -21.63 5.43
CA GLU A 775 -15.42 -22.08 4.29
C GLU A 775 -15.70 -21.21 3.07
N ASP A 776 -14.91 -21.41 2.02
CA ASP A 776 -15.05 -20.62 0.81
C ASP A 776 -16.38 -20.86 0.10
N GLY A 777 -17.08 -21.94 0.41
CA GLY A 777 -18.34 -22.27 -0.22
C GLY A 777 -19.56 -21.65 0.42
N THR A 778 -19.38 -20.77 1.39
CA THR A 778 -20.51 -20.15 2.08
C THR A 778 -20.10 -18.75 2.52
N LEU A 779 -21.05 -18.04 3.14
CA LEU A 779 -20.79 -16.72 3.70
C LEU A 779 -20.30 -15.75 2.63
N GLN A 780 -20.84 -15.89 1.43
CA GLN A 780 -20.38 -15.10 0.29
C GLN A 780 -21.51 -14.97 -0.72
N ALA A 781 -21.32 -14.06 -1.67
CA ALA A 781 -22.23 -13.88 -2.79
C ALA A 781 -21.49 -14.10 -4.10
N GLY A 782 -22.23 -14.52 -5.13
CA GLY A 782 -21.65 -14.85 -6.41
C GLY A 782 -20.86 -13.75 -7.08
N PRO A 783 -21.35 -12.50 -7.08
CA PRO A 783 -20.66 -11.44 -7.83
C PRO A 783 -19.19 -11.32 -7.49
N GLY A 784 -18.42 -10.71 -8.39
CA GLY A 784 -16.99 -10.61 -8.23
C GLY A 784 -16.53 -9.24 -7.78
N GLY A 785 -16.11 -8.42 -8.74
CA GLY A 785 -15.63 -7.09 -8.40
C GLY A 785 -16.66 -6.31 -7.60
N ALA A 786 -16.20 -5.65 -6.55
CA ALA A 786 -17.06 -4.86 -5.67
C ALA A 786 -18.21 -5.72 -5.15
N SER A 787 -17.86 -6.86 -4.57
CA SER A 787 -18.82 -7.82 -4.07
C SER A 787 -18.50 -8.15 -2.62
N GLY A 788 -19.38 -8.95 -2.01
CA GLY A 788 -19.26 -9.31 -0.62
C GLY A 788 -17.98 -10.04 -0.29
N PRO A 789 -17.59 -11.02 -1.11
CA PRO A 789 -16.34 -11.75 -0.83
C PRO A 789 -15.13 -10.84 -0.67
N ARG A 790 -14.92 -9.91 -1.62
CA ARG A 790 -13.74 -9.04 -1.53
C ARG A 790 -13.80 -8.14 -0.31
N ALA A 791 -14.99 -7.64 0.04
CA ALA A 791 -15.12 -6.82 1.23
C ALA A 791 -14.80 -7.62 2.49
N LEU A 792 -15.26 -8.87 2.56
CA LEU A 792 -14.92 -9.72 3.71
C LEU A 792 -13.42 -9.93 3.78
N GLU A 793 -12.78 -10.18 2.64
CA GLU A 793 -11.33 -10.36 2.63
C GLU A 793 -10.63 -9.11 3.14
N ILE A 794 -11.08 -7.93 2.69
CA ILE A 794 -10.47 -6.69 3.14
C ILE A 794 -10.63 -6.52 4.64
N ASN A 795 -11.82 -6.84 5.15
CA ASN A 795 -12.07 -6.71 6.59
C ASN A 795 -11.15 -7.64 7.38
N LYS A 796 -11.02 -8.89 6.92
CA LYS A 796 -10.11 -9.82 7.58
C LYS A 796 -8.68 -9.29 7.55
N MET A 797 -8.28 -8.71 6.42
CA MET A 797 -6.91 -8.19 6.30
C MET A 797 -6.67 -7.08 7.31
N ILE A 798 -7.63 -6.16 7.47
CA ILE A 798 -7.40 -4.97 8.28
C ILE A 798 -7.84 -5.14 9.73
N SER A 799 -8.38 -6.30 10.11
CA SER A 799 -8.86 -6.48 11.48
C SER A 799 -7.75 -6.22 12.50
N PHE A 800 -6.56 -6.78 12.26
CA PHE A 800 -5.47 -6.63 13.24
C PHE A 800 -5.07 -5.17 13.39
N TRP A 801 -4.80 -4.49 12.27
CA TRP A 801 -4.33 -3.10 12.34
C TRP A 801 -5.38 -2.19 12.95
N ARG A 802 -6.65 -2.37 12.55
CA ARG A 802 -7.72 -1.54 13.09
C ARG A 802 -7.61 -1.38 14.60
N ASN A 803 -7.24 -2.46 15.29
CA ASN A 803 -7.18 -2.44 16.75
C ASN A 803 -5.80 -2.11 17.28
N ALA A 804 -4.74 -2.56 16.62
CA ALA A 804 -3.39 -2.43 17.17
C ALA A 804 -2.68 -1.15 16.73
N HIS A 805 -3.26 -0.36 15.83
CA HIS A 805 -2.52 0.76 15.25
C HIS A 805 -2.19 1.81 16.30
N LYS A 806 -3.12 2.08 17.22
CA LYS A 806 -2.86 3.09 18.23
C LYS A 806 -1.65 2.71 19.09
N ARG A 807 -1.65 1.49 19.62
CA ARG A 807 -0.54 1.04 20.44
C ARG A 807 0.77 1.03 19.64
N ILE A 808 0.73 0.51 18.42
CA ILE A 808 1.96 0.36 17.66
C ILE A 808 2.56 1.72 17.30
N SER A 809 1.71 2.67 16.86
CA SER A 809 2.22 3.98 16.47
C SER A 809 2.60 4.83 17.68
N SER A 810 1.99 4.57 18.84
CA SER A 810 2.30 5.34 20.04
C SER A 810 3.62 4.93 20.69
N GLN A 811 4.27 3.88 20.20
CA GLN A 811 5.51 3.44 20.81
C GLN A 811 6.54 4.56 20.83
N MET A 812 7.25 4.67 21.94
CA MET A 812 8.27 5.70 22.12
C MET A 812 9.59 5.21 21.53
N VAL A 813 10.19 6.04 20.67
CA VAL A 813 11.43 5.70 19.99
C VAL A 813 12.41 6.84 20.19
N VAL A 814 13.64 6.50 20.54
CA VAL A 814 14.73 7.47 20.70
C VAL A 814 15.82 7.12 19.70
N TRP A 815 16.27 8.11 18.94
CA TRP A 815 17.26 7.91 17.90
C TRP A 815 18.62 8.36 18.41
N LEU A 816 19.57 7.44 18.46
CA LEU A 816 20.90 7.76 18.95
C LEU A 816 21.64 8.61 17.93
N PRO A 817 22.31 9.68 18.34
CA PRO A 817 23.20 10.39 17.41
C PRO A 817 24.43 9.56 17.09
N ARG A 818 25.21 10.05 16.14
CA ARG A 818 26.42 9.35 15.72
C ARG A 818 27.42 9.24 16.87
N SER A 819 27.59 10.32 17.64
CA SER A 819 28.57 10.32 18.71
C SER A 819 28.28 9.24 19.75
N ALA A 820 27.03 8.81 19.88
CA ALA A 820 26.67 7.81 20.88
C ALA A 820 26.90 6.38 20.40
N LEU A 821 27.14 6.17 19.11
CA LEU A 821 27.25 4.82 18.59
C LEU A 821 28.59 4.20 18.97
N PRO A 822 28.63 2.89 19.23
CA PRO A 822 29.91 2.22 19.46
C PRO A 822 30.76 2.24 18.21
N ARG A 823 32.08 2.28 18.41
CA ARG A 823 33.01 2.32 17.28
C ARG A 823 32.76 1.17 16.31
N ALA A 824 32.31 0.03 16.81
CA ALA A 824 32.06 -1.11 15.95
C ALA A 824 31.01 -0.83 14.89
N VAL A 825 30.18 0.20 15.10
CA VAL A 825 29.13 0.54 14.14
C VAL A 825 29.58 1.64 13.19
N ILE A 826 30.34 2.62 13.69
CA ILE A 826 30.78 3.72 12.84
C ILE A 826 31.63 3.21 11.69
N ARG A 827 32.56 2.31 11.98
CA ARG A 827 33.53 1.84 11.00
C ARG A 827 33.14 0.50 10.38
N HIS A 828 31.93 0.02 10.65
CA HIS A 828 31.46 -1.19 9.98
C HIS A 828 31.22 -0.90 8.50
N PRO A 829 31.58 -1.81 7.60
CA PRO A 829 31.34 -1.55 6.17
C PRO A 829 29.87 -1.47 5.80
N ASP A 830 28.97 -2.01 6.63
CA ASP A 830 27.54 -2.05 6.35
C ASP A 830 26.78 -0.93 7.04
N TYR A 831 27.44 0.19 7.32
CA TYR A 831 26.83 1.32 8.01
C TYR A 831 26.71 2.49 7.05
N ASP A 832 25.54 3.13 7.03
CA ASP A 832 25.27 4.27 6.16
C ASP A 832 25.13 5.52 7.00
N GLU A 833 25.84 6.58 6.61
CA GLU A 833 25.85 7.82 7.39
C GLU A 833 24.48 8.48 7.40
N GLU A 834 23.61 8.18 6.43
CA GLU A 834 22.32 8.85 6.32
C GLU A 834 21.20 8.08 7.01
N GLY A 835 21.51 6.99 7.71
CA GLY A 835 20.49 6.22 8.40
C GLY A 835 20.26 6.68 9.83
N LEU A 836 19.19 6.16 10.42
CA LEU A 836 18.82 6.44 11.80
C LEU A 836 18.81 5.15 12.58
N TYR A 837 19.40 5.18 13.78
CA TYR A 837 19.46 4.02 14.66
C TYR A 837 18.92 4.42 16.03
N GLY A 838 17.91 3.69 16.50
CA GLY A 838 17.31 3.99 17.78
C GLY A 838 16.89 2.72 18.50
N ALA A 839 16.17 2.85 19.61
CA ALA A 839 15.75 1.68 20.36
C ALA A 839 14.43 1.96 21.04
N ILE A 840 13.67 0.89 21.26
CA ILE A 840 12.46 0.91 22.07
C ILE A 840 12.72 0.07 23.30
N LEU A 841 12.44 0.65 24.47
CA LEU A 841 12.55 -0.05 25.75
C LEU A 841 11.16 -0.45 26.19
N PRO A 842 10.73 -1.69 25.97
CA PRO A 842 9.33 -2.04 26.27
C PRO A 842 9.00 -1.80 27.74
N GLN A 843 7.76 -1.40 27.98
CA GLN A 843 7.27 -1.14 29.32
C GLN A 843 6.75 -2.40 30.00
N VAL A 844 7.23 -3.57 29.59
CA VAL A 844 6.82 -4.82 30.23
C VAL A 844 7.10 -4.74 31.71
N VAL A 845 6.12 -5.15 32.51
CA VAL A 845 6.26 -5.22 33.96
C VAL A 845 6.73 -6.61 34.33
N THR A 846 7.78 -6.71 35.14
CA THR A 846 8.39 -7.99 35.43
C THR A 846 7.38 -9.01 35.95
N ALA A 847 6.40 -8.57 36.73
CA ALA A 847 5.35 -9.44 37.23
C ALA A 847 4.01 -8.69 37.09
N GLY A 848 3.35 -8.87 35.97
CA GLY A 848 2.04 -8.30 35.74
C GLY A 848 0.89 -9.22 36.05
N THR A 849 1.16 -10.44 36.49
CA THR A 849 0.11 -11.39 36.83
C THR A 849 0.50 -12.11 38.11
N ILE A 850 -0.51 -12.64 38.80
CA ILE A 850 -0.27 -13.35 40.05
C ILE A 850 0.73 -14.49 39.86
N THR A 851 0.86 -14.99 38.64
CA THR A 851 1.86 -16.02 38.34
C THR A 851 3.28 -15.49 38.46
N ARG A 852 3.47 -14.18 38.44
CA ARG A 852 4.76 -13.50 38.32
C ARG A 852 5.21 -13.47 36.86
N ARG A 853 4.33 -13.84 35.94
CA ARG A 853 4.66 -13.79 34.52
C ARG A 853 4.69 -12.35 34.01
N ALA A 854 5.68 -12.05 33.17
CA ALA A 854 5.78 -10.71 32.60
C ALA A 854 4.62 -10.44 31.66
N VAL A 855 4.21 -9.17 31.60
CA VAL A 855 3.03 -8.77 30.83
C VAL A 855 3.35 -7.50 30.05
N GLU A 856 2.92 -7.47 28.79
CA GLU A 856 2.96 -6.26 27.98
C GLU A 856 2.04 -6.47 26.80
N PRO A 857 1.22 -5.49 26.41
CA PRO A 857 0.22 -5.72 25.38
C PRO A 857 0.77 -5.69 23.96
N THR A 858 1.83 -4.91 23.74
CA THR A 858 2.35 -4.73 22.39
C THR A 858 3.26 -5.88 21.96
N TRP A 859 4.36 -6.09 22.67
CA TRP A 859 5.41 -6.99 22.22
C TRP A 859 5.21 -8.42 22.68
N LEU A 860 4.89 -8.62 23.97
CA LEU A 860 4.72 -9.96 24.52
C LEU A 860 3.38 -10.53 24.05
N THR A 861 3.34 -10.89 22.78
CA THR A 861 2.13 -11.39 22.15
C THR A 861 2.47 -12.61 21.30
N ALA A 862 1.47 -13.47 21.10
CA ALA A 862 1.65 -14.65 20.28
C ALA A 862 1.50 -14.36 18.78
N SER A 863 1.17 -13.13 18.41
CA SER A 863 0.99 -12.80 17.00
C SER A 863 2.32 -12.80 16.27
N ASN A 864 2.30 -13.24 15.01
CA ASN A 864 3.48 -13.24 14.15
C ASN A 864 3.06 -12.85 12.75
N ALA A 865 4.05 -12.61 11.90
CA ALA A 865 3.76 -12.19 10.53
C ALA A 865 2.91 -13.23 9.81
N ARG A 866 1.91 -12.76 9.07
CA ARG A 866 1.03 -13.62 8.31
C ARG A 866 0.85 -13.03 6.91
N PRO A 867 0.55 -13.86 5.91
CA PRO A 867 0.30 -13.33 4.57
C PRO A 867 -1.08 -12.72 4.39
N ASP A 868 -1.97 -12.87 5.37
CA ASP A 868 -3.34 -12.43 5.24
C ASP A 868 -3.68 -11.20 6.07
N ARG A 869 -2.78 -10.77 6.96
CA ARG A 869 -3.04 -9.64 7.85
C ARG A 869 -2.06 -8.52 7.54
N VAL A 870 -2.56 -7.29 7.55
CA VAL A 870 -1.75 -6.12 7.27
C VAL A 870 -1.04 -5.67 8.55
N GLY A 871 0.23 -5.30 8.41
CA GLY A 871 1.00 -4.82 9.54
C GLY A 871 1.49 -5.89 10.49
N SER A 872 1.46 -7.16 10.07
CA SER A 872 1.85 -8.26 10.94
C SER A 872 3.37 -8.42 11.05
N GLU A 873 4.15 -7.67 10.27
CA GLU A 873 5.60 -7.80 10.29
C GLU A 873 6.25 -6.95 11.37
N LEU A 874 5.50 -6.55 12.41
CA LEU A 874 6.06 -5.69 13.44
C LEU A 874 7.30 -6.31 14.07
N LYS A 875 7.23 -7.60 14.42
CA LYS A 875 8.39 -8.27 14.99
C LYS A 875 9.59 -8.15 14.06
N ALA A 876 9.36 -8.28 12.75
CA ALA A 876 10.46 -8.23 11.79
C ALA A 876 11.13 -6.86 11.73
N MET A 877 10.50 -5.81 12.26
CA MET A 877 11.09 -4.49 12.20
C MET A 877 12.10 -4.23 13.31
N VAL A 878 12.19 -5.12 14.30
CA VAL A 878 13.26 -5.05 15.30
C VAL A 878 14.50 -5.63 14.65
N GLN A 879 15.42 -4.76 14.23
CA GLN A 879 16.57 -5.17 13.44
C GLN A 879 17.86 -4.81 14.17
N ALA A 880 18.77 -5.76 14.21
CA ALA A 880 20.05 -5.53 14.87
C ALA A 880 20.87 -4.52 14.08
N PRO A 881 21.64 -3.66 14.75
CA PRO A 881 22.50 -2.72 14.03
C PRO A 881 23.63 -3.45 13.34
N PRO A 882 24.36 -2.77 12.45
CA PRO A 882 25.49 -3.44 11.78
C PRO A 882 26.52 -3.94 12.79
N GLY A 883 27.06 -5.12 12.52
CA GLY A 883 28.00 -5.75 13.42
C GLY A 883 27.36 -6.50 14.58
N TYR A 884 26.03 -6.59 14.62
CA TYR A 884 25.32 -7.25 15.70
C TYR A 884 24.30 -8.22 15.11
N THR A 885 23.94 -9.23 15.91
CA THR A 885 22.97 -10.23 15.52
C THR A 885 22.07 -10.53 16.71
N LEU A 886 20.93 -11.14 16.42
CA LEU A 886 19.97 -11.56 17.43
C LEU A 886 20.06 -13.07 17.54
N VAL A 887 20.81 -13.54 18.54
CA VAL A 887 20.99 -14.97 18.78
C VAL A 887 19.94 -15.41 19.79
N GLY A 888 19.13 -16.39 19.43
CA GLY A 888 18.08 -16.80 20.33
C GLY A 888 17.59 -18.20 20.01
N ALA A 889 16.60 -18.64 20.79
CA ALA A 889 16.03 -19.95 20.60
C ALA A 889 14.69 -20.04 21.32
N ASP A 890 13.90 -21.03 20.92
CA ASP A 890 12.62 -21.34 21.53
C ASP A 890 12.73 -22.65 22.28
N VAL A 891 12.37 -22.63 23.57
CA VAL A 891 12.43 -23.83 24.38
C VAL A 891 11.48 -24.86 23.79
N ASP A 892 11.94 -26.11 23.67
CA ASP A 892 11.15 -27.17 23.06
C ASP A 892 10.11 -27.67 24.05
N SER A 893 8.86 -27.25 23.86
CA SER A 893 7.73 -27.75 24.65
C SER A 893 8.01 -27.59 26.15
N GLN A 894 8.18 -26.33 26.56
CA GLN A 894 8.62 -26.04 27.92
C GLN A 894 7.64 -26.56 28.96
N GLU A 895 6.42 -26.04 28.95
CA GLU A 895 5.47 -26.34 30.02
C GLU A 895 5.07 -27.80 30.01
N LEU A 896 4.87 -28.38 28.83
CA LEU A 896 4.51 -29.80 28.76
C LEU A 896 5.62 -30.67 29.35
N TRP A 897 6.88 -30.34 29.05
CA TRP A 897 7.98 -31.10 29.63
C TRP A 897 8.04 -30.91 31.14
N ILE A 898 7.79 -29.69 31.62
CA ILE A 898 7.80 -29.45 33.07
C ILE A 898 6.75 -30.33 33.74
N ALA A 899 5.55 -30.37 33.17
CA ALA A 899 4.50 -31.22 33.73
C ALA A 899 4.89 -32.69 33.68
N ALA A 900 5.49 -33.11 32.56
CA ALA A 900 5.89 -34.51 32.42
C ALA A 900 6.90 -34.91 33.47
N VAL A 901 7.91 -34.07 33.69
CA VAL A 901 8.94 -34.40 34.67
C VAL A 901 8.36 -34.37 36.08
N LEU A 902 7.45 -33.43 36.35
CA LEU A 902 6.76 -33.44 37.65
C LEU A 902 6.07 -34.77 37.88
N GLY A 903 5.27 -35.20 36.91
CA GLY A 903 4.57 -36.48 37.05
C GLY A 903 5.53 -37.65 37.20
N ASP A 904 6.59 -37.67 36.40
CA ASP A 904 7.54 -38.78 36.45
C ASP A 904 8.21 -38.85 37.81
N ALA A 905 8.66 -37.71 38.34
CA ALA A 905 9.25 -37.68 39.66
C ALA A 905 8.25 -38.14 40.72
N HIS A 906 6.99 -37.72 40.59
CA HIS A 906 6.00 -38.17 41.56
C HIS A 906 5.81 -39.67 41.53
N PHE A 907 5.79 -40.26 40.33
CA PHE A 907 5.39 -41.66 40.20
C PHE A 907 6.47 -42.62 40.68
N ALA A 908 7.61 -42.65 39.98
CA ALA A 908 8.65 -43.62 40.29
C ALA A 908 10.05 -43.04 40.27
N GLY A 909 10.21 -41.73 40.07
CA GLY A 909 11.54 -41.15 40.08
C GLY A 909 12.36 -41.45 38.85
N MET A 910 11.75 -41.99 37.80
CA MET A 910 12.43 -42.35 36.57
C MET A 910 11.82 -41.58 35.41
N HIS A 911 12.67 -41.07 34.52
CA HIS A 911 12.18 -40.38 33.34
C HIS A 911 11.35 -41.32 32.47
N GLY A 912 10.20 -40.84 32.04
CA GLY A 912 9.34 -41.61 31.16
C GLY A 912 8.56 -42.72 31.83
N CYS A 913 8.57 -42.80 33.16
CA CYS A 913 7.84 -43.86 33.83
C CYS A 913 6.33 -43.74 33.60
N THR A 914 5.83 -42.52 33.44
CA THR A 914 4.44 -42.30 33.12
C THR A 914 4.25 -42.23 31.61
N ALA A 915 3.02 -42.55 31.16
CA ALA A 915 2.75 -42.53 29.73
C ALA A 915 2.90 -41.12 29.16
N PHE A 916 2.51 -40.11 29.92
CA PHE A 916 2.64 -38.73 29.45
C PHE A 916 4.10 -38.39 29.20
N GLY A 917 4.98 -38.71 30.15
CA GLY A 917 6.39 -38.44 29.95
C GLY A 917 6.99 -39.22 28.79
N TRP A 918 6.61 -40.49 28.67
CA TRP A 918 7.01 -41.29 27.51
C TRP A 918 6.66 -40.55 26.23
N MET A 919 5.35 -40.34 26.00
CA MET A 919 4.92 -39.70 24.76
C MET A 919 5.59 -38.35 24.55
N THR A 920 5.88 -37.63 25.64
CA THR A 920 6.56 -36.35 25.51
C THR A 920 7.98 -36.52 24.99
N LEU A 921 8.66 -37.60 25.40
CA LEU A 921 10.04 -37.82 24.97
C LEU A 921 10.12 -38.48 23.59
N GLN A 922 9.35 -39.54 23.36
CA GLN A 922 9.43 -40.35 22.16
C GLN A 922 8.56 -39.84 21.02
N GLY A 923 7.85 -38.74 21.21
CA GLY A 923 6.98 -38.20 20.19
C GLY A 923 7.69 -37.18 19.32
N ARG A 924 7.33 -37.17 18.04
CA ARG A 924 7.91 -36.25 17.08
C ARG A 924 6.80 -35.63 16.23
N LYS A 925 6.91 -34.33 16.00
CA LYS A 925 5.95 -33.64 15.14
C LYS A 925 6.02 -34.15 13.71
N SER A 926 7.22 -34.43 13.21
CA SER A 926 7.39 -34.87 11.84
C SER A 926 6.65 -36.16 11.54
N ARG A 927 6.37 -36.99 12.55
CA ARG A 927 5.61 -38.21 12.35
C ARG A 927 4.21 -38.13 12.93
N GLY A 928 3.81 -36.98 13.46
CA GLY A 928 2.46 -36.84 14.00
C GLY A 928 2.24 -37.52 15.33
N THR A 929 3.31 -37.98 15.99
CA THR A 929 3.21 -38.68 17.26
C THR A 929 3.29 -37.74 18.45
N ASP A 930 3.49 -36.45 18.23
CA ASP A 930 3.52 -35.50 19.35
C ASP A 930 2.11 -35.33 19.93
N LEU A 931 2.05 -34.71 21.11
CA LEU A 931 0.80 -34.61 21.83
C LEU A 931 -0.28 -33.93 20.98
N HIS A 932 0.04 -32.77 20.42
CA HIS A 932 -0.96 -32.01 19.68
C HIS A 932 -1.50 -32.81 18.51
N SER A 933 -0.61 -33.33 17.66
CA SER A 933 -1.06 -34.06 16.49
C SER A 933 -1.79 -35.34 16.88
N LYS A 934 -1.31 -36.03 17.91
CA LYS A 934 -1.97 -37.26 18.32
C LYS A 934 -3.40 -36.98 18.78
N THR A 935 -3.58 -35.95 19.61
CA THR A 935 -4.93 -35.62 20.07
C THR A 935 -5.81 -35.17 18.91
N ALA A 936 -5.25 -34.39 17.98
CA ALA A 936 -6.04 -33.93 16.84
C ALA A 936 -6.51 -35.10 16.00
N THR A 937 -5.63 -36.08 15.77
CA THR A 937 -6.00 -37.24 14.97
C THR A 937 -6.91 -38.20 15.72
N THR A 938 -6.92 -38.15 17.05
CA THR A 938 -7.82 -39.00 17.83
C THR A 938 -9.21 -38.40 18.02
N VAL A 939 -9.32 -37.08 18.08
CA VAL A 939 -10.62 -36.44 18.25
C VAL A 939 -11.13 -35.80 16.97
N GLY A 940 -10.25 -35.45 16.03
CA GLY A 940 -10.68 -34.94 14.74
C GLY A 940 -10.88 -33.44 14.68
N ILE A 941 -9.82 -32.68 14.95
CA ILE A 941 -9.87 -31.22 14.81
C ILE A 941 -8.54 -30.73 14.29
N SER A 942 -8.42 -29.41 14.09
CA SER A 942 -7.18 -28.83 13.62
C SER A 942 -6.10 -28.92 14.70
N ARG A 943 -4.85 -28.86 14.26
CA ARG A 943 -3.74 -28.94 15.20
C ARG A 943 -3.75 -27.79 16.19
N GLU A 944 -4.01 -26.58 15.71
CA GLU A 944 -4.03 -25.43 16.62
C GLU A 944 -5.17 -25.54 17.63
N HIS A 945 -6.34 -25.99 17.20
CA HIS A 945 -7.43 -26.18 18.14
C HIS A 945 -7.08 -27.23 19.18
N ALA A 946 -6.43 -28.31 18.75
CA ALA A 946 -5.98 -29.33 19.69
C ALA A 946 -4.96 -28.77 20.67
N LYS A 947 -4.06 -27.91 20.19
CA LYS A 947 -3.09 -27.28 21.08
C LYS A 947 -3.78 -26.41 22.13
N ILE A 948 -4.76 -25.62 21.70
CA ILE A 948 -5.51 -24.80 22.64
C ILE A 948 -6.20 -25.67 23.67
N PHE A 949 -6.83 -26.75 23.21
CA PHE A 949 -7.53 -27.66 24.12
C PHE A 949 -6.56 -28.26 25.13
N ASN A 950 -5.40 -28.73 24.66
CA ASN A 950 -4.43 -29.36 25.55
C ASN A 950 -3.91 -28.38 26.58
N TYR A 951 -3.56 -27.17 26.15
CA TYR A 951 -3.06 -26.17 27.10
C TYR A 951 -4.13 -25.81 28.11
N GLY A 952 -5.38 -25.71 27.68
CA GLY A 952 -6.46 -25.44 28.62
C GLY A 952 -6.61 -26.55 29.64
N ARG A 953 -6.56 -27.80 29.19
CA ARG A 953 -6.70 -28.93 30.11
C ARG A 953 -5.54 -28.99 31.08
N ILE A 954 -4.33 -28.67 30.63
CA ILE A 954 -3.15 -28.76 31.49
C ILE A 954 -3.30 -27.83 32.68
N TYR A 955 -3.83 -26.63 32.47
CA TYR A 955 -3.94 -25.63 33.52
C TYR A 955 -5.08 -25.90 34.49
N GLY A 956 -5.75 -27.03 34.38
CA GLY A 956 -6.80 -27.39 35.31
C GLY A 956 -8.21 -27.12 34.85
N ALA A 957 -8.40 -26.72 33.61
CA ALA A 957 -9.75 -26.49 33.11
C ALA A 957 -10.55 -27.79 33.13
N GLY A 958 -11.81 -27.69 33.57
CA GLY A 958 -12.67 -28.84 33.69
C GLY A 958 -13.37 -29.21 32.40
N GLN A 959 -14.24 -30.20 32.50
CA GLN A 959 -14.99 -30.66 31.34
C GLN A 959 -15.88 -29.58 30.74
N PRO A 960 -16.63 -28.79 31.51
CA PRO A 960 -17.49 -27.77 30.88
C PRO A 960 -16.72 -26.80 30.01
N PHE A 961 -15.50 -26.42 30.41
CA PHE A 961 -14.69 -25.54 29.58
C PHE A 961 -14.40 -26.19 28.23
N ALA A 962 -14.01 -27.47 28.24
CA ALA A 962 -13.77 -28.18 27.00
C ALA A 962 -15.04 -28.28 26.17
N GLU A 963 -16.16 -28.56 26.80
CA GLU A 963 -17.43 -28.64 26.08
C GLU A 963 -17.71 -27.34 25.34
N ARG A 964 -17.62 -26.21 26.05
CA ARG A 964 -17.90 -24.93 25.43
C ARG A 964 -16.91 -24.62 24.32
N LEU A 965 -15.62 -24.89 24.56
CA LEU A 965 -14.62 -24.56 23.55
C LEU A 965 -14.80 -25.38 22.29
N LEU A 966 -15.08 -26.67 22.42
CA LEU A 966 -15.25 -27.52 21.26
C LEU A 966 -16.60 -27.33 20.58
N MET A 967 -17.60 -26.79 21.30
CA MET A 967 -18.81 -26.33 20.62
C MET A 967 -18.51 -25.06 19.82
N GLN A 968 -17.68 -24.18 20.36
CA GLN A 968 -17.30 -22.98 19.64
C GLN A 968 -16.53 -23.31 18.37
N PHE A 969 -15.61 -24.28 18.44
CA PHE A 969 -14.73 -24.54 17.30
C PHE A 969 -15.51 -24.92 16.06
N ASN A 970 -16.52 -25.77 16.20
CA ASN A 970 -17.43 -26.08 15.10
C ASN A 970 -18.86 -25.98 15.61
N HIS A 971 -19.63 -25.06 15.03
CA HIS A 971 -20.99 -24.80 15.47
C HIS A 971 -21.95 -25.93 15.14
N ARG A 972 -21.58 -26.79 14.18
CA ARG A 972 -22.48 -27.89 13.81
C ARG A 972 -22.66 -28.86 14.96
N LEU A 973 -21.61 -29.10 15.73
CA LEU A 973 -21.65 -30.11 16.79
C LEU A 973 -22.71 -29.76 17.82
N THR A 974 -23.54 -30.75 18.15
CA THR A 974 -24.57 -30.57 19.16
C THR A 974 -23.98 -30.71 20.56
N GLN A 975 -24.73 -30.19 21.54
CA GLN A 975 -24.23 -30.19 22.91
C GLN A 975 -24.30 -31.57 23.54
N GLN A 976 -25.37 -32.33 23.26
CA GLN A 976 -25.52 -33.65 23.85
C GLN A 976 -24.42 -34.60 23.38
N GLU A 977 -23.79 -34.31 22.25
CA GLU A 977 -22.62 -35.06 21.80
C GLU A 977 -21.31 -34.38 22.16
N ALA A 978 -21.31 -33.06 22.32
CA ALA A 978 -20.12 -32.38 22.83
C ALA A 978 -19.80 -32.85 24.24
N ALA A 979 -20.83 -33.09 25.06
CA ALA A 979 -20.59 -33.64 26.38
C ALA A 979 -19.93 -35.01 26.30
N GLU A 980 -20.40 -35.87 25.38
CA GLU A 980 -19.80 -37.18 25.21
C GLU A 980 -18.35 -37.05 24.76
N LYS A 981 -18.08 -36.14 23.82
CA LYS A 981 -16.71 -35.91 23.37
C LYS A 981 -15.81 -35.53 24.53
N ALA A 982 -16.24 -34.55 25.32
CA ALA A 982 -15.43 -34.09 26.44
C ALA A 982 -15.23 -35.20 27.46
N GLN A 983 -16.28 -35.96 27.76
CA GLN A 983 -16.17 -37.03 28.76
C GLN A 983 -15.17 -38.08 28.31
N GLN A 984 -15.29 -38.53 27.05
CA GLN A 984 -14.36 -39.54 26.54
C GLN A 984 -12.93 -39.03 26.56
N MET A 985 -12.72 -37.79 26.10
CA MET A 985 -11.37 -37.25 26.04
C MET A 985 -10.75 -37.11 27.42
N TYR A 986 -11.50 -36.60 28.40
CA TYR A 986 -10.95 -36.43 29.73
C TYR A 986 -10.75 -37.77 30.43
N ALA A 987 -11.64 -38.73 30.20
CA ALA A 987 -11.41 -40.07 30.76
C ALA A 987 -10.14 -40.68 30.19
N ALA A 988 -9.89 -40.48 28.90
CA ALA A 988 -8.65 -40.95 28.31
C ALA A 988 -7.44 -40.25 28.94
N THR A 989 -7.53 -38.93 29.13
CA THR A 989 -6.39 -38.19 29.65
C THR A 989 -6.36 -38.20 31.18
N LYS A 990 -7.46 -37.81 31.81
CA LYS A 990 -7.48 -37.67 33.26
C LYS A 990 -7.71 -39.01 33.96
N GLY A 991 -8.86 -39.63 33.72
CA GLY A 991 -9.21 -40.88 34.36
C GLY A 991 -10.20 -40.68 35.50
N LEU A 992 -10.58 -41.80 36.11
CA LEU A 992 -11.52 -41.79 37.22
C LEU A 992 -10.87 -41.21 38.46
N ARG A 993 -11.70 -40.68 39.35
CA ARG A 993 -11.19 -39.84 40.45
C ARG A 993 -10.58 -40.68 41.55
N TRP A 994 -11.38 -41.53 42.20
CA TRP A 994 -10.92 -42.27 43.37
C TRP A 994 -11.39 -43.72 43.25
N TYR A 995 -11.26 -44.47 44.34
CA TYR A 995 -11.56 -45.90 44.31
C TYR A 995 -13.00 -46.16 43.89
N ARG A 996 -13.95 -45.42 44.46
CA ARG A 996 -15.36 -45.58 44.12
C ARG A 996 -16.01 -44.22 44.02
N LEU A 997 -17.09 -44.15 43.24
CA LEU A 997 -17.84 -42.92 43.06
C LEU A 997 -16.94 -41.72 42.75
N TRP A 1049 -6.83 -39.37 41.29
CA TRP A 1049 -7.10 -39.90 39.96
C TRP A 1049 -6.37 -41.22 39.72
N LYS A 1050 -7.00 -42.10 38.94
CA LYS A 1050 -6.42 -43.39 38.61
C LYS A 1050 -6.79 -43.76 37.18
N GLY A 1051 -5.91 -44.53 36.54
CA GLY A 1051 -6.19 -45.08 35.23
C GLY A 1051 -5.95 -44.16 34.06
N GLY A 1052 -5.39 -42.98 34.30
CA GLY A 1052 -5.15 -42.02 33.24
C GLY A 1052 -3.68 -41.90 32.88
N THR A 1053 -3.44 -41.30 31.72
CA THR A 1053 -2.07 -41.10 31.27
C THR A 1053 -1.38 -39.98 32.03
N GLU A 1054 -2.11 -38.97 32.46
CA GLU A 1054 -1.58 -37.88 33.27
C GLU A 1054 -2.13 -37.90 34.69
N SER A 1055 -2.49 -39.08 35.20
CA SER A 1055 -3.07 -39.16 36.53
C SER A 1055 -2.09 -38.65 37.59
N GLU A 1056 -0.85 -39.09 37.52
CA GLU A 1056 0.11 -38.74 38.55
C GLU A 1056 0.48 -37.26 38.49
N MET A 1057 0.56 -36.70 37.29
CA MET A 1057 0.84 -35.27 37.16
C MET A 1057 -0.24 -34.43 37.84
N PHE A 1058 -1.51 -34.75 37.56
CA PHE A 1058 -2.60 -34.03 38.19
C PHE A 1058 -2.61 -34.27 39.71
N ASN A 1059 -2.31 -35.49 40.14
CA ASN A 1059 -2.25 -35.77 41.56
C ASN A 1059 -1.21 -34.88 42.24
N LYS A 1060 -0.02 -34.78 41.65
CA LYS A 1060 1.02 -33.95 42.25
C LYS A 1060 0.62 -32.48 42.23
N LEU A 1061 0.05 -32.00 41.12
CA LEU A 1061 -0.33 -30.60 41.05
C LEU A 1061 -1.38 -30.26 42.10
N GLU A 1062 -2.40 -31.12 42.25
CA GLU A 1062 -3.43 -30.88 43.26
C GLU A 1062 -2.84 -30.96 44.66
N SER A 1063 -1.94 -31.91 44.90
CA SER A 1063 -1.34 -32.04 46.23
C SER A 1063 -0.54 -30.79 46.59
N ILE A 1064 0.27 -30.29 45.65
CA ILE A 1064 1.10 -29.12 45.93
C ILE A 1064 0.22 -27.88 46.07
N ALA A 1065 -0.84 -27.77 45.27
CA ALA A 1065 -1.73 -26.64 45.39
C ALA A 1065 -2.49 -26.65 46.72
N THR A 1066 -2.80 -27.83 47.25
CA THR A 1066 -3.56 -27.96 48.48
C THR A 1066 -2.71 -27.82 49.73
N SER A 1067 -1.39 -27.72 49.59
CA SER A 1067 -0.52 -27.58 50.76
C SER A 1067 -0.88 -26.33 51.55
N ASP A 1068 -0.41 -26.29 52.80
CA ASP A 1068 -0.71 -25.14 53.66
C ASP A 1068 -0.17 -23.85 53.05
N ILE A 1069 1.07 -23.88 52.57
CA ILE A 1069 1.67 -22.72 51.91
C ILE A 1069 2.25 -23.19 50.57
N PRO A 1070 1.47 -23.19 49.49
CA PRO A 1070 1.99 -23.70 48.21
C PRO A 1070 3.24 -22.95 47.79
N ARG A 1071 4.21 -23.71 47.26
CA ARG A 1071 5.46 -23.14 46.78
C ARG A 1071 5.84 -23.84 45.48
N THR A 1072 6.62 -23.14 44.66
CA THR A 1072 7.11 -23.75 43.43
C THR A 1072 8.06 -24.88 43.76
N PRO A 1073 7.92 -26.06 43.14
CA PRO A 1073 8.74 -27.20 43.53
C PRO A 1073 10.23 -27.02 43.28
N VAL A 1074 10.62 -26.06 42.44
CA VAL A 1074 12.02 -25.88 42.09
C VAL A 1074 12.66 -24.83 43.00
N LEU A 1075 12.16 -23.60 42.96
CA LEU A 1075 12.76 -22.50 43.70
C LEU A 1075 12.06 -22.19 45.01
N GLY A 1076 10.82 -22.62 45.20
CA GLY A 1076 10.16 -22.50 46.48
C GLY A 1076 9.45 -21.18 46.73
N CYS A 1077 9.32 -20.31 45.74
CA CYS A 1077 8.55 -19.09 45.92
C CYS A 1077 7.13 -19.45 46.37
N CYS A 1078 6.65 -18.75 47.39
CA CYS A 1078 5.32 -19.03 47.93
C CYS A 1078 4.24 -18.34 47.10
N ILE A 1079 3.06 -18.94 47.09
CA ILE A 1079 1.95 -18.35 46.36
C ILE A 1079 1.46 -17.10 47.08
N SER A 1080 0.77 -16.24 46.34
CA SER A 1080 0.30 -14.98 46.90
C SER A 1080 -0.66 -15.22 48.05
N ARG A 1081 -0.65 -14.30 49.02
CA ARG A 1081 -1.49 -14.45 50.20
C ARG A 1081 -2.97 -14.50 49.85
N ALA A 1082 -3.35 -13.99 48.68
CA ALA A 1082 -4.75 -13.98 48.28
C ALA A 1082 -5.28 -15.35 47.89
N LEU A 1083 -4.41 -16.36 47.79
CA LEU A 1083 -4.81 -17.68 47.35
C LEU A 1083 -4.48 -18.79 48.35
N GLU A 1084 -4.09 -18.43 49.58
CA GLU A 1084 -3.76 -19.44 50.56
C GLU A 1084 -5.01 -20.26 50.90
N PRO A 1085 -4.88 -21.56 51.16
CA PRO A 1085 -6.07 -22.34 51.52
C PRO A 1085 -6.82 -21.80 52.72
N SER A 1086 -6.12 -21.23 53.69
CA SER A 1086 -6.81 -20.64 54.84
C SER A 1086 -7.70 -19.49 54.40
N ALA A 1087 -7.21 -18.63 53.52
CA ALA A 1087 -7.97 -17.46 53.08
C ALA A 1087 -9.09 -17.86 52.12
N VAL A 1088 -8.82 -18.77 51.19
CA VAL A 1088 -9.82 -19.12 50.18
C VAL A 1088 -10.70 -20.29 50.63
N GLN A 1089 -10.15 -21.21 51.42
CA GLN A 1089 -10.93 -22.32 51.98
C GLN A 1089 -11.56 -23.15 50.86
N GLU A 1090 -10.70 -23.75 50.04
CA GLU A 1090 -11.08 -24.65 48.95
C GLU A 1090 -11.73 -23.90 47.79
N GLU A 1091 -11.36 -22.66 47.54
CA GLU A 1091 -11.88 -21.89 46.42
C GLU A 1091 -10.74 -21.45 45.52
N PHE A 1092 -11.04 -21.25 44.24
CA PHE A 1092 -10.05 -20.86 43.24
C PHE A 1092 -9.04 -21.97 42.96
N MET A 1093 -9.47 -23.23 43.02
CA MET A 1093 -8.53 -24.33 42.86
C MET A 1093 -7.91 -24.32 41.46
N THR A 1094 -8.73 -24.06 40.43
CA THR A 1094 -8.20 -23.99 39.08
C THR A 1094 -7.13 -22.91 38.95
N SER A 1095 -7.32 -21.79 39.65
CA SER A 1095 -6.32 -20.73 39.63
C SER A 1095 -4.99 -21.22 40.19
N ARG A 1096 -5.03 -21.95 41.31
CA ARG A 1096 -3.80 -22.48 41.88
C ARG A 1096 -3.15 -23.51 40.97
N VAL A 1097 -3.96 -24.36 40.32
CA VAL A 1097 -3.41 -25.35 39.40
C VAL A 1097 -2.70 -24.67 38.24
N ASN A 1098 -3.32 -23.63 37.69
CA ASN A 1098 -2.65 -22.86 36.64
C ASN A 1098 -1.38 -22.20 37.18
N TRP A 1099 -1.45 -21.67 38.41
CA TRP A 1099 -0.34 -20.92 38.96
C TRP A 1099 0.88 -21.81 39.15
N VAL A 1100 0.69 -23.04 39.64
CA VAL A 1100 1.85 -23.88 39.91
C VAL A 1100 2.67 -24.09 38.63
N VAL A 1101 1.99 -24.44 37.54
CA VAL A 1101 2.70 -24.71 36.29
C VAL A 1101 3.33 -23.43 35.75
N GLN A 1102 2.57 -22.33 35.70
CA GLN A 1102 3.12 -21.13 35.09
C GLN A 1102 4.24 -20.53 35.93
N SER A 1103 4.16 -20.64 37.27
CA SER A 1103 5.24 -20.18 38.12
C SER A 1103 6.48 -21.06 37.99
N SER A 1104 6.29 -22.37 37.78
CA SER A 1104 7.43 -23.21 37.45
C SER A 1104 8.09 -22.75 36.16
N ALA A 1105 7.28 -22.38 35.16
CA ALA A 1105 7.83 -21.83 33.93
C ALA A 1105 8.60 -20.54 34.20
N VAL A 1106 8.08 -19.69 35.08
CA VAL A 1106 8.79 -18.45 35.42
C VAL A 1106 10.12 -18.77 36.09
N ASP A 1107 10.14 -19.78 36.96
CA ASP A 1107 11.40 -20.20 37.57
C ASP A 1107 12.39 -20.69 36.52
N TYR A 1108 11.90 -21.44 35.54
CA TYR A 1108 12.74 -21.90 34.44
C TYR A 1108 13.34 -20.71 33.70
N LEU A 1109 12.53 -19.70 33.43
CA LEU A 1109 13.01 -18.50 32.76
C LEU A 1109 14.07 -17.79 33.60
N HIS A 1110 13.84 -17.69 34.90
CA HIS A 1110 14.83 -17.06 35.78
C HIS A 1110 16.15 -17.81 35.76
N LEU A 1111 16.09 -19.15 35.81
CA LEU A 1111 17.30 -19.96 35.75
C LEU A 1111 18.04 -19.72 34.44
N MET A 1112 17.31 -19.69 33.33
CA MET A 1112 17.93 -19.42 32.04
C MET A 1112 18.65 -18.07 32.06
N LEU A 1113 17.97 -17.03 32.56
CA LEU A 1113 18.57 -15.69 32.57
C LEU A 1113 19.83 -15.67 33.41
N VAL A 1114 19.79 -16.28 34.60
CA VAL A 1114 20.96 -16.27 35.49
C VAL A 1114 22.12 -16.99 34.82
N ALA A 1115 21.85 -18.17 34.25
CA ALA A 1115 22.93 -18.93 33.62
C ALA A 1115 23.53 -18.18 32.44
N MET A 1116 22.69 -17.58 31.61
CA MET A 1116 23.20 -16.83 30.46
C MET A 1116 24.05 -15.66 30.92
N LYS A 1117 23.59 -14.92 31.94
CA LYS A 1117 24.38 -13.80 32.43
C LYS A 1117 25.72 -14.27 32.97
N TRP A 1118 25.73 -15.37 33.73
CA TRP A 1118 26.99 -15.87 34.28
C TRP A 1118 27.94 -16.25 33.16
N LEU A 1119 27.45 -16.99 32.16
CA LEU A 1119 28.32 -17.42 31.08
C LEU A 1119 28.85 -16.24 30.29
N PHE A 1120 28.02 -15.24 30.03
CA PHE A 1120 28.48 -14.05 29.32
C PHE A 1120 29.54 -13.31 30.12
N GLU A 1121 29.33 -13.16 31.43
CA GLU A 1121 30.28 -12.41 32.23
C GLU A 1121 31.62 -13.14 32.33
N GLU A 1122 31.59 -14.45 32.53
CA GLU A 1122 32.83 -15.19 32.77
C GLU A 1122 33.75 -15.15 31.55
N PHE A 1123 33.20 -15.37 30.36
CA PHE A 1123 33.99 -15.52 29.15
C PHE A 1123 34.04 -14.26 28.30
N ALA A 1124 33.61 -13.13 28.85
CA ALA A 1124 33.71 -11.84 28.16
C ALA A 1124 33.02 -11.90 26.79
N ILE A 1125 31.81 -12.44 26.77
CA ILE A 1125 31.00 -12.48 25.56
C ILE A 1125 30.37 -11.10 25.37
N ASP A 1126 30.74 -10.43 24.28
CA ASP A 1126 30.28 -9.07 24.01
C ASP A 1126 28.84 -9.12 23.52
N GLY A 1127 27.92 -9.37 24.46
CA GLY A 1127 26.51 -9.48 24.14
C GLY A 1127 25.67 -8.83 25.22
N ARG A 1128 24.36 -9.00 25.07
CA ARG A 1128 23.40 -8.37 25.97
C ARG A 1128 22.06 -9.05 25.80
N PHE A 1129 21.33 -9.19 26.91
CA PHE A 1129 19.98 -9.74 26.83
C PHE A 1129 19.08 -8.78 26.06
N CYS A 1130 18.34 -9.31 25.08
CA CYS A 1130 17.45 -8.50 24.28
C CYS A 1130 16.01 -8.58 24.79
N ILE A 1131 15.39 -9.75 24.70
CA ILE A 1131 14.00 -9.89 25.11
C ILE A 1131 13.68 -11.37 25.30
N SER A 1132 12.62 -11.65 26.05
CA SER A 1132 12.04 -12.98 26.13
C SER A 1132 10.53 -12.86 25.95
N ILE A 1133 9.99 -13.60 25.00
CA ILE A 1133 8.57 -13.60 24.71
C ILE A 1133 8.06 -15.02 24.83
N HIS A 1134 7.05 -15.22 25.68
CA HIS A 1134 6.54 -16.56 25.94
C HIS A 1134 7.70 -17.48 26.33
N ASP A 1135 7.97 -18.51 25.53
CA ASP A 1135 9.02 -19.47 25.83
C ASP A 1135 10.23 -19.31 24.94
N GLU A 1136 10.31 -18.24 24.16
CA GLU A 1136 11.47 -17.96 23.32
C GLU A 1136 12.28 -16.82 23.92
N VAL A 1137 13.59 -16.87 23.71
CA VAL A 1137 14.52 -15.89 24.25
C VAL A 1137 15.46 -15.44 23.15
N ARG A 1138 15.83 -14.16 23.19
CA ARG A 1138 16.71 -13.56 22.19
C ARG A 1138 17.67 -12.61 22.90
N TYR A 1139 18.93 -12.64 22.44
CA TYR A 1139 20.01 -11.81 22.95
C TYR A 1139 20.63 -11.04 21.80
N LEU A 1140 20.98 -9.78 22.06
CA LEU A 1140 21.71 -8.95 21.10
C LEU A 1140 23.19 -9.18 21.31
N VAL A 1141 23.83 -9.90 20.38
CA VAL A 1141 25.22 -10.31 20.53
C VAL A 1141 26.02 -9.73 19.37
N ARG A 1142 27.23 -9.27 19.67
CA ARG A 1142 28.09 -8.77 18.61
C ARG A 1142 28.41 -9.91 17.63
N GLU A 1143 28.62 -9.53 16.37
CA GLU A 1143 28.69 -10.51 15.29
C GLU A 1143 29.80 -11.53 15.54
N GLU A 1144 30.99 -11.06 15.91
CA GLU A 1144 32.14 -11.95 15.99
C GLU A 1144 31.95 -13.09 16.97
N ASP A 1145 31.14 -12.89 18.00
CA ASP A 1145 30.90 -13.91 19.02
C ASP A 1145 29.63 -14.69 18.77
N ARG A 1146 28.97 -14.49 17.62
CA ARG A 1146 27.66 -15.09 17.39
C ARG A 1146 27.69 -16.58 17.67
N TYR A 1147 28.76 -17.27 17.27
CA TYR A 1147 28.84 -18.70 17.50
C TYR A 1147 29.02 -19.02 18.98
N ARG A 1148 29.97 -18.35 19.64
CA ARG A 1148 30.23 -18.67 21.04
C ARG A 1148 28.96 -18.54 21.86
N ALA A 1149 28.27 -17.40 21.75
CA ALA A 1149 27.02 -17.23 22.48
C ALA A 1149 26.07 -18.39 22.22
N ALA A 1150 25.98 -18.83 20.97
CA ALA A 1150 25.11 -19.96 20.66
C ALA A 1150 25.42 -21.14 21.56
N LEU A 1151 26.70 -21.53 21.61
CA LEU A 1151 27.09 -22.63 22.49
C LEU A 1151 26.64 -22.35 23.92
N ALA A 1152 26.91 -21.14 24.41
CA ALA A 1152 26.48 -20.78 25.75
C ALA A 1152 25.00 -21.08 25.93
N LEU A 1153 24.17 -20.62 24.99
CA LEU A 1153 22.74 -20.90 25.08
C LEU A 1153 22.50 -22.38 25.27
N GLN A 1154 23.08 -23.20 24.41
CA GLN A 1154 22.94 -24.64 24.55
C GLN A 1154 23.33 -25.07 25.95
N ILE A 1155 24.51 -24.66 26.40
CA ILE A 1155 24.95 -25.02 27.74
C ILE A 1155 23.88 -24.64 28.75
N THR A 1156 23.41 -23.39 28.69
CA THR A 1156 22.36 -22.95 29.59
C THR A 1156 21.23 -23.97 29.62
N ASN A 1157 20.65 -24.25 28.45
CA ASN A 1157 19.56 -25.22 28.38
C ASN A 1157 19.90 -26.44 29.20
N LEU A 1158 21.02 -27.09 28.87
CA LEU A 1158 21.42 -28.29 29.59
C LEU A 1158 21.31 -28.06 31.09
N LEU A 1159 22.08 -27.11 31.61
CA LEU A 1159 22.08 -26.87 33.04
C LEU A 1159 20.67 -26.69 33.55
N THR A 1160 19.89 -25.83 32.88
CA THR A 1160 18.54 -25.57 33.34
C THR A 1160 17.77 -26.88 33.49
N ARG A 1161 17.76 -27.69 32.43
CA ARG A 1161 17.03 -28.95 32.52
C ARG A 1161 17.60 -29.82 33.63
N CYS A 1162 18.94 -29.90 33.70
CA CYS A 1162 19.56 -30.64 34.79
C CYS A 1162 19.05 -30.13 36.13
N MET A 1163 19.02 -28.80 36.30
CA MET A 1163 18.52 -28.23 37.55
C MET A 1163 17.10 -28.70 37.80
N PHE A 1164 16.24 -28.63 36.79
CA PHE A 1164 14.85 -29.06 36.97
C PHE A 1164 14.79 -30.53 37.34
N ALA A 1165 15.74 -31.33 36.86
CA ALA A 1165 15.77 -32.74 37.24
C ALA A 1165 16.31 -32.92 38.64
N TYR A 1166 17.23 -32.05 39.08
CA TYR A 1166 17.90 -32.26 40.35
C TYR A 1166 16.93 -32.06 41.53
N LYS A 1167 16.13 -30.99 41.48
CA LYS A 1167 15.27 -30.67 42.62
C LYS A 1167 14.13 -31.66 42.78
N LEU A 1168 13.82 -32.46 41.77
CA LEU A 1168 12.75 -33.43 41.86
C LEU A 1168 13.25 -34.82 42.28
N GLY A 1169 14.55 -34.99 42.51
CA GLY A 1169 15.09 -36.27 42.92
C GLY A 1169 15.51 -37.19 41.79
N LEU A 1170 15.68 -36.67 40.59
CA LEU A 1170 16.13 -37.46 39.44
C LEU A 1170 17.59 -37.12 39.15
N ASN A 1171 18.41 -38.16 38.98
CA ASN A 1171 19.84 -37.99 38.76
C ASN A 1171 20.26 -38.30 37.33
N ASP A 1172 19.32 -38.25 36.38
CA ASP A 1172 19.63 -38.40 34.96
C ASP A 1172 18.81 -37.39 34.17
N LEU A 1173 19.24 -37.15 32.94
CA LEU A 1173 18.51 -36.29 32.03
C LEU A 1173 18.51 -36.96 30.67
N PRO A 1174 17.34 -37.16 30.05
CA PRO A 1174 17.32 -37.77 28.72
C PRO A 1174 18.13 -36.95 27.72
N GLN A 1175 18.82 -37.67 26.82
CA GLN A 1175 19.58 -36.99 25.78
C GLN A 1175 18.68 -36.22 24.82
N SER A 1176 17.42 -36.61 24.70
CA SER A 1176 16.51 -35.96 23.76
C SER A 1176 16.34 -34.48 24.09
N VAL A 1177 16.17 -34.15 25.36
CA VAL A 1177 15.89 -32.78 25.79
C VAL A 1177 17.15 -32.07 26.28
N ALA A 1178 18.33 -32.64 26.02
CA ALA A 1178 19.56 -32.06 26.55
C ALA A 1178 19.86 -30.69 25.94
N PHE A 1179 19.60 -30.52 24.64
CA PHE A 1179 20.01 -29.33 23.93
C PHE A 1179 18.85 -28.80 23.09
N PHE A 1180 18.95 -27.53 22.72
CA PHE A 1180 17.97 -26.94 21.82
C PHE A 1180 17.96 -27.70 20.49
N SER A 1181 16.77 -27.92 19.95
CA SER A 1181 16.66 -28.55 18.63
C SER A 1181 17.46 -27.76 17.60
N ALA A 1182 17.46 -26.44 17.72
CA ALA A 1182 18.27 -25.58 16.85
C ALA A 1182 18.42 -24.22 17.50
N VAL A 1183 19.49 -23.53 17.13
CA VAL A 1183 19.77 -22.18 17.60
C VAL A 1183 19.73 -21.23 16.40
N ASP A 1184 19.00 -20.14 16.55
CA ASP A 1184 18.77 -19.21 15.45
C ASP A 1184 19.74 -18.03 15.52
N ILE A 1185 20.31 -17.69 14.37
CA ILE A 1185 21.19 -16.54 14.24
C ILE A 1185 20.66 -15.69 13.10
N ASP A 1186 20.32 -14.43 13.40
CA ASP A 1186 19.65 -13.57 12.44
C ASP A 1186 19.86 -12.12 12.86
N ARG A 1187 19.59 -11.21 11.93
CA ARG A 1187 19.62 -9.78 12.19
C ARG A 1187 18.22 -9.20 12.39
N CYS A 1188 17.21 -10.04 12.54
CA CYS A 1188 15.85 -9.58 12.79
C CYS A 1188 15.09 -10.66 13.54
N LEU A 1189 13.96 -10.27 14.11
CA LEU A 1189 13.12 -11.18 14.90
C LEU A 1189 12.06 -11.80 14.00
N ARG A 1190 12.01 -13.13 13.97
CA ARG A 1190 10.99 -13.84 13.22
C ARG A 1190 10.95 -15.27 13.71
N LYS A 1191 9.83 -15.95 13.45
CA LYS A 1191 9.66 -17.32 13.93
C LYS A 1191 10.74 -18.24 13.39
N GLU A 1192 11.06 -18.12 12.10
CA GLU A 1192 12.11 -18.89 11.48
C GLU A 1192 12.97 -17.98 10.62
N VAL A 1193 14.25 -18.34 10.49
CA VAL A 1193 15.19 -17.54 9.73
C VAL A 1193 15.01 -17.65 8.23
N THR A 1194 14.10 -18.50 7.77
CA THR A 1194 13.91 -18.73 6.34
C THR A 1194 12.74 -17.96 5.75
N MET A 1195 11.73 -17.63 6.55
CA MET A 1195 10.55 -16.97 6.03
C MET A 1195 10.85 -15.51 5.70
N ASP A 1196 10.27 -15.02 4.61
CA ASP A 1196 10.53 -13.68 4.10
C ASP A 1196 9.54 -12.64 4.62
N CYS A 1197 8.53 -13.06 5.39
CA CYS A 1197 7.56 -12.15 5.99
C CYS A 1197 6.78 -11.39 4.91
N LYS A 1198 6.03 -12.15 4.12
CA LYS A 1198 5.17 -11.56 3.09
C LYS A 1198 3.86 -11.10 3.73
N THR A 1199 3.55 -9.83 3.60
CA THR A 1199 2.33 -9.24 4.12
C THR A 1199 1.79 -8.25 3.09
N PRO A 1200 0.49 -7.95 3.15
CA PRO A 1200 -0.05 -6.95 2.21
C PRO A 1200 0.67 -5.61 2.29
N SER A 1201 1.11 -5.22 3.48
CA SER A 1201 1.88 -3.98 3.62
C SER A 1201 3.34 -4.16 3.23
N ASN A 1202 3.83 -5.40 3.13
CA ASN A 1202 5.20 -5.69 2.71
C ASN A 1202 5.14 -6.78 1.65
N PRO A 1203 4.61 -6.47 0.46
CA PRO A 1203 4.37 -7.53 -0.52
C PRO A 1203 5.63 -8.12 -1.12
N THR A 1204 6.72 -7.35 -1.21
CA THR A 1204 7.95 -7.83 -1.83
C THR A 1204 8.78 -8.70 -0.91
N GLY A 1205 8.49 -8.73 0.38
CA GLY A 1205 9.22 -9.55 1.32
C GLY A 1205 10.31 -8.79 2.04
N MET A 1206 10.80 -9.39 3.12
CA MET A 1206 11.83 -8.75 3.93
C MET A 1206 13.12 -8.58 3.15
N GLU A 1207 13.52 -9.61 2.41
CA GLU A 1207 14.80 -9.58 1.71
C GLU A 1207 14.83 -8.51 0.63
N ARG A 1208 13.73 -8.40 -0.15
CA ARG A 1208 13.73 -7.48 -1.28
C ARG A 1208 13.77 -6.03 -0.83
N ARG A 1209 12.98 -5.68 0.19
CA ARG A 1209 12.75 -4.27 0.50
C ARG A 1209 13.87 -3.70 1.37
N TYR A 1210 14.21 -4.37 2.46
CA TYR A 1210 15.16 -3.84 3.42
C TYR A 1210 16.56 -4.40 3.27
N GLY A 1211 16.70 -5.62 2.75
CA GLY A 1211 18.00 -6.22 2.54
C GLY A 1211 18.45 -7.20 3.60
N ILE A 1212 17.57 -7.63 4.49
CA ILE A 1212 17.91 -8.60 5.51
C ILE A 1212 18.01 -9.98 4.86
N PRO A 1213 19.16 -10.64 4.86
CA PRO A 1213 19.26 -11.98 4.28
C PRO A 1213 18.70 -13.03 5.23
N GLN A 1214 18.77 -14.28 4.80
CA GLN A 1214 18.37 -15.39 5.64
C GLN A 1214 19.39 -15.64 6.74
N GLY A 1215 18.91 -16.17 7.86
CA GLY A 1215 19.74 -16.50 8.99
C GLY A 1215 20.22 -17.94 8.96
N GLU A 1216 20.65 -18.42 10.11
CA GLU A 1216 21.13 -19.78 10.27
C GLU A 1216 20.40 -20.45 11.42
N ALA A 1217 20.21 -21.76 11.29
CA ALA A 1217 19.60 -22.58 12.34
C ALA A 1217 20.57 -23.74 12.60
N LEU A 1218 21.44 -23.57 13.59
CA LEU A 1218 22.51 -24.53 13.84
C LEU A 1218 22.09 -25.57 14.87
N ASP A 1219 22.76 -26.72 14.80
CA ASP A 1219 22.57 -27.81 15.75
C ASP A 1219 23.69 -27.79 16.79
N ILE A 1220 23.57 -28.71 17.76
CA ILE A 1220 24.61 -28.81 18.79
C ILE A 1220 25.94 -29.21 18.17
N TYR A 1221 25.92 -30.19 17.26
CA TYR A 1221 27.15 -30.68 16.65
C TYR A 1221 27.80 -29.61 15.77
N GLN A 1222 26.98 -28.86 15.02
CA GLN A 1222 27.53 -27.80 14.19
C GLN A 1222 28.20 -26.73 15.04
N ILE A 1223 27.57 -26.35 16.14
CA ILE A 1223 28.18 -25.37 17.04
C ILE A 1223 29.46 -25.92 17.65
N ILE A 1224 29.46 -27.21 18.01
CA ILE A 1224 30.65 -27.82 18.60
C ILE A 1224 31.81 -27.76 17.63
N GLU A 1225 31.56 -28.11 16.36
CA GLU A 1225 32.64 -28.07 15.37
C GLU A 1225 33.07 -26.64 15.07
N LEU A 1226 32.13 -25.70 15.07
CA LEU A 1226 32.49 -24.30 14.83
C LEU A 1226 33.31 -23.71 15.96
N THR A 1227 33.08 -24.15 17.21
CA THR A 1227 33.76 -23.59 18.36
C THR A 1227 34.75 -24.55 19.01
N LYS A 1228 34.85 -25.78 18.53
CA LYS A 1228 35.67 -26.81 19.14
C LYS A 1228 35.23 -27.12 20.57
N GLY A 1229 33.99 -26.80 20.90
CA GLY A 1229 33.46 -27.08 22.22
C GLY A 1229 34.05 -26.23 23.33
N SER A 1230 34.57 -25.05 23.00
CA SER A 1230 35.19 -24.17 23.97
C SER A 1230 34.62 -22.76 23.83
N LEU A 1231 34.42 -22.11 24.97
CA LEU A 1231 33.96 -20.73 25.01
C LEU A 1231 35.10 -19.72 25.08
N GLU A 1232 36.33 -20.18 25.22
CA GLU A 1232 37.46 -19.28 25.30
C GLU A 1232 37.61 -18.49 24.01
N LYS A 1233 38.00 -17.22 24.13
CA LYS A 1233 38.34 -16.44 22.96
C LYS A 1233 39.49 -17.06 22.19
N ARG A 1234 40.47 -17.62 22.90
CA ARG A 1234 41.59 -18.32 22.28
C ARG A 1234 41.15 -19.69 21.76
N SER A 1235 40.30 -19.64 20.74
CA SER A 1235 39.79 -20.86 20.11
C SER A 1235 38.99 -20.52 18.86
N GLU B 64 -19.60 -17.73 -23.07
CA GLU B 64 -18.38 -16.95 -23.03
C GLU B 64 -18.67 -15.47 -23.29
N GLY B 65 -18.53 -14.65 -22.25
CA GLY B 65 -18.75 -13.22 -22.38
C GLY B 65 -17.75 -12.53 -23.27
N SER B 66 -16.65 -13.20 -23.62
CA SER B 66 -15.66 -12.58 -24.49
C SER B 66 -16.26 -12.22 -25.85
N GLU B 67 -17.26 -12.98 -26.30
CA GLU B 67 -17.87 -12.68 -27.59
C GLU B 67 -18.80 -11.49 -27.50
N ALA B 68 -19.70 -11.49 -26.50
CA ALA B 68 -20.64 -10.39 -26.35
C ALA B 68 -19.93 -9.09 -26.07
N LEU B 69 -18.89 -9.13 -25.22
CA LEU B 69 -18.15 -7.90 -24.89
C LEU B 69 -17.52 -7.31 -26.14
N LEU B 70 -16.90 -8.14 -26.98
CA LEU B 70 -16.25 -7.61 -28.17
C LEU B 70 -17.26 -7.16 -29.22
N GLU B 71 -18.40 -7.85 -29.33
CA GLU B 71 -19.44 -7.38 -30.23
C GLU B 71 -19.94 -5.99 -29.81
N ILE B 72 -20.17 -5.82 -28.51
CA ILE B 72 -20.60 -4.50 -28.02
C ILE B 72 -19.52 -3.46 -28.26
N CYS B 73 -18.26 -3.82 -27.99
CA CYS B 73 -17.16 -2.88 -28.15
C CYS B 73 -17.05 -2.42 -29.61
N GLN B 74 -17.21 -3.35 -30.55
CA GLN B 74 -17.20 -2.99 -31.96
C GLN B 74 -18.40 -2.12 -32.32
N ARG B 75 -19.59 -2.48 -31.82
CA ARG B 75 -20.81 -1.79 -32.24
C ARG B 75 -20.75 -0.31 -31.88
N ARG B 76 -20.29 0.02 -30.68
CA ARG B 76 -20.23 1.39 -30.22
C ARG B 76 -18.94 2.09 -30.60
N HIS B 77 -18.24 1.58 -31.61
CA HIS B 77 -17.09 2.28 -32.20
C HIS B 77 -15.96 2.48 -31.19
N PHE B 78 -15.83 1.57 -30.23
CA PHE B 78 -14.60 1.53 -29.45
C PHE B 78 -13.47 0.90 -30.28
N LEU B 79 -13.76 -0.18 -30.99
CA LEU B 79 -12.83 -0.81 -31.91
C LEU B 79 -13.21 -0.43 -33.35
N SER B 80 -12.55 -1.06 -34.31
CA SER B 80 -12.81 -0.80 -35.72
C SER B 80 -12.62 -2.08 -36.51
N GLY B 81 -13.03 -2.05 -37.77
CA GLY B 81 -12.92 -3.18 -38.66
C GLY B 81 -14.17 -4.04 -38.66
N SER B 82 -14.22 -4.93 -39.65
CA SER B 82 -15.36 -5.82 -39.80
C SER B 82 -15.41 -6.84 -38.66
N LYS B 83 -16.55 -7.48 -38.53
CA LYS B 83 -16.72 -8.50 -37.49
C LYS B 83 -15.76 -9.66 -37.69
N GLN B 84 -15.57 -10.08 -38.94
CA GLN B 84 -14.69 -11.22 -39.22
C GLN B 84 -13.26 -10.93 -38.80
N GLN B 85 -12.76 -9.73 -39.08
CA GLN B 85 -11.35 -9.45 -38.86
C GLN B 85 -11.00 -9.46 -37.38
N LEU B 86 -11.86 -8.89 -36.53
CA LEU B 86 -11.53 -8.76 -35.11
C LEU B 86 -11.44 -10.12 -34.44
N SER B 87 -10.41 -10.28 -33.59
CA SER B 87 -10.23 -11.50 -32.82
C SER B 87 -9.26 -11.20 -31.68
N ARG B 88 -9.24 -12.11 -30.70
CA ARG B 88 -8.41 -11.90 -29.52
C ARG B 88 -6.93 -11.83 -29.89
N ASP B 89 -6.48 -12.74 -30.75
CA ASP B 89 -5.07 -12.78 -31.12
C ASP B 89 -4.64 -11.48 -31.77
N SER B 90 -5.47 -10.95 -32.69
CA SER B 90 -5.11 -9.70 -33.35
C SER B 90 -5.02 -8.55 -32.36
N LEU B 91 -5.96 -8.48 -31.41
CA LEU B 91 -5.93 -7.42 -30.41
C LEU B 91 -4.67 -7.51 -29.57
N LEU B 92 -4.32 -8.71 -29.10
CA LEU B 92 -3.13 -8.84 -28.26
C LEU B 92 -1.86 -8.55 -29.05
N SER B 93 -1.80 -8.97 -30.31
CA SER B 93 -0.58 -8.82 -31.09
C SER B 93 -0.32 -7.39 -31.53
N GLY B 94 -1.38 -6.59 -31.69
CA GLY B 94 -1.23 -5.24 -32.17
C GLY B 94 -1.31 -5.08 -33.68
N CYS B 95 -1.87 -6.07 -34.38
CA CYS B 95 -2.03 -6.02 -35.82
C CYS B 95 -3.46 -5.72 -36.25
N HIS B 96 -4.32 -5.34 -35.30
CA HIS B 96 -5.71 -5.06 -35.62
C HIS B 96 -5.81 -3.76 -36.41
N PRO B 97 -6.95 -3.54 -37.08
CA PRO B 97 -7.09 -2.30 -37.88
C PRO B 97 -6.89 -1.03 -37.07
N GLY B 98 -7.37 -1.00 -35.85
CA GLY B 98 -7.23 0.17 -35.00
C GLY B 98 -8.40 0.29 -34.05
N PHE B 99 -8.56 1.48 -33.49
CA PHE B 99 -9.60 1.78 -32.52
C PHE B 99 -10.55 2.83 -33.08
N GLY B 100 -11.84 2.68 -32.76
CA GLY B 100 -12.83 3.63 -33.17
C GLY B 100 -12.72 4.91 -32.35
N PRO B 101 -13.49 5.93 -32.73
CA PRO B 101 -13.34 7.23 -32.05
C PRO B 101 -13.48 7.16 -30.55
N LEU B 102 -14.41 6.36 -30.05
CA LEU B 102 -14.54 6.18 -28.60
C LEU B 102 -13.27 5.55 -28.03
N GLY B 103 -12.70 4.57 -28.73
CA GLY B 103 -11.45 4.00 -28.28
C GLY B 103 -10.32 5.01 -28.26
N VAL B 104 -10.27 5.88 -29.28
CA VAL B 104 -9.24 6.92 -29.31
C VAL B 104 -9.41 7.87 -28.14
N GLU B 105 -10.65 8.25 -27.84
CA GLU B 105 -10.89 9.14 -26.70
C GLU B 105 -10.53 8.46 -25.39
N LEU B 106 -10.84 7.18 -25.25
CA LEU B 106 -10.46 6.44 -24.04
C LEU B 106 -8.95 6.39 -23.89
N ARG B 107 -8.24 6.15 -24.99
CA ARG B 107 -6.78 6.14 -24.94
C ARG B 107 -6.24 7.52 -24.58
N LYS B 108 -6.85 8.58 -25.10
CA LYS B 108 -6.42 9.93 -24.76
C LYS B 108 -6.62 10.21 -23.28
N ASN B 109 -7.77 9.80 -22.72
CA ASN B 109 -8.00 9.99 -21.30
C ASN B 109 -6.98 9.21 -20.47
N LEU B 110 -6.71 7.96 -20.86
CA LEU B 110 -5.73 7.15 -20.14
C LEU B 110 -4.35 7.80 -20.19
N ALA B 111 -3.96 8.30 -21.35
CA ALA B 111 -2.66 8.95 -21.49
C ALA B 111 -2.59 10.21 -20.65
N ALA B 112 -3.66 11.00 -20.63
CA ALA B 112 -3.67 12.20 -19.81
C ALA B 112 -3.55 11.86 -18.33
N GLU B 113 -4.27 10.83 -17.87
CA GLU B 113 -4.17 10.41 -16.48
C GLU B 113 -2.76 9.95 -16.15
N TRP B 114 -2.16 9.15 -17.04
CA TRP B 114 -0.80 8.68 -16.83
C TRP B 114 0.18 9.84 -16.75
N TRP B 115 0.05 10.81 -17.67
CA TRP B 115 0.96 11.94 -17.69
C TRP B 115 0.81 12.78 -16.43
N THR B 116 -0.43 13.00 -15.98
CA THR B 116 -0.65 13.75 -14.75
C THR B 116 -0.06 13.02 -13.55
N SER B 117 -0.20 11.70 -13.50
CA SER B 117 0.29 10.95 -12.35
C SER B 117 1.81 10.83 -12.35
N VAL B 118 2.45 10.92 -13.52
CA VAL B 118 3.87 10.58 -13.63
C VAL B 118 4.76 11.80 -13.77
N VAL B 119 4.31 12.79 -14.55
CA VAL B 119 5.19 13.84 -15.06
C VAL B 119 4.95 15.17 -14.34
N VAL B 120 3.71 15.67 -14.40
CA VAL B 120 3.45 17.06 -14.04
C VAL B 120 3.84 17.33 -12.57
N PHE B 121 3.51 16.40 -11.69
CA PHE B 121 3.64 16.65 -10.25
C PHE B 121 5.08 16.54 -9.74
N ARG B 122 6.03 16.14 -10.57
CA ARG B 122 7.39 15.89 -10.12
C ARG B 122 8.35 16.93 -10.67
N GLU B 123 9.36 17.26 -9.86
CA GLU B 123 10.25 18.37 -10.14
C GLU B 123 11.35 18.04 -11.13
N GLN B 124 11.58 16.76 -11.42
CA GLN B 124 12.73 16.35 -12.22
C GLN B 124 12.34 15.34 -13.31
N VAL B 125 11.09 15.35 -13.74
CA VAL B 125 10.63 14.53 -14.85
C VAL B 125 10.31 15.45 -16.02
N PHE B 126 10.90 15.15 -17.18
CA PHE B 126 10.76 15.99 -18.35
C PHE B 126 10.30 15.17 -19.54
N PRO B 127 9.60 15.79 -20.49
CA PRO B 127 9.23 15.07 -21.70
C PRO B 127 10.42 14.88 -22.62
N VAL B 128 10.30 13.90 -23.51
CA VAL B 128 11.34 13.60 -24.49
C VAL B 128 10.69 13.06 -25.74
N ASP B 129 11.28 13.37 -26.89
CA ASP B 129 10.80 12.90 -28.18
C ASP B 129 11.87 12.03 -28.82
N ALA B 130 11.51 10.80 -29.17
CA ALA B 130 12.40 9.87 -29.82
C ALA B 130 11.88 9.58 -31.22
N LEU B 131 12.77 9.69 -32.22
CA LEU B 131 12.38 9.45 -33.59
C LEU B 131 11.94 8.00 -33.77
N HIS B 132 10.95 7.80 -34.63
CA HIS B 132 10.42 6.46 -34.88
C HIS B 132 11.41 5.55 -35.60
N HIS B 133 12.49 6.09 -36.14
CA HIS B 133 13.48 5.30 -36.86
C HIS B 133 14.87 5.74 -36.44
N LYS B 134 15.83 4.82 -36.55
CA LYS B 134 17.23 5.11 -36.27
C LYS B 134 18.04 4.89 -37.54
N PRO B 135 18.63 5.93 -38.13
CA PRO B 135 19.38 5.73 -39.37
C PRO B 135 20.81 5.28 -39.13
N GLY B 136 21.59 5.13 -40.20
CA GLY B 136 22.99 4.80 -40.09
C GLY B 136 23.22 3.31 -40.00
N PRO B 137 24.48 2.90 -39.98
CA PRO B 137 24.81 1.47 -39.85
C PRO B 137 24.45 0.95 -38.47
N LEU B 138 24.28 -0.37 -38.41
CA LEU B 138 23.96 -1.05 -37.16
C LEU B 138 24.64 -2.41 -37.18
N LEU B 139 24.33 -3.25 -36.19
CA LEU B 139 24.91 -4.59 -36.13
C LEU B 139 24.18 -5.50 -37.10
N PRO B 140 24.87 -6.12 -38.06
CA PRO B 140 24.20 -7.06 -38.97
C PRO B 140 23.76 -8.33 -38.25
N GLY B 141 22.71 -8.95 -38.78
CA GLY B 141 22.21 -10.21 -38.26
C GLY B 141 20.92 -10.13 -37.47
N ASP B 142 20.42 -8.93 -37.18
CA ASP B 142 19.18 -8.82 -36.41
C ASP B 142 17.96 -9.29 -37.19
N SER B 143 18.05 -9.32 -38.52
CA SER B 143 16.95 -9.74 -39.40
C SER B 143 15.76 -8.79 -39.35
N ALA B 144 15.92 -7.61 -38.75
CA ALA B 144 14.82 -6.67 -38.64
C ALA B 144 14.49 -6.06 -40.00
N PHE B 145 13.25 -5.60 -40.14
CA PHE B 145 12.85 -4.93 -41.37
C PHE B 145 13.76 -3.75 -41.65
N ARG B 146 13.89 -3.40 -42.93
CA ARG B 146 14.72 -2.29 -43.36
C ARG B 146 13.89 -1.33 -44.18
N LEU B 147 14.27 -0.06 -44.14
CA LEU B 147 13.51 1.00 -44.78
C LEU B 147 14.19 1.37 -46.10
N VAL B 148 13.43 1.32 -47.19
CA VAL B 148 13.94 1.64 -48.51
C VAL B 148 12.80 2.27 -49.32
N SER B 149 13.16 3.24 -50.16
CA SER B 149 12.20 3.93 -51.01
C SER B 149 12.05 3.21 -52.34
N ALA B 150 10.80 3.08 -52.80
CA ALA B 150 10.55 2.38 -54.05
C ALA B 150 11.12 3.14 -55.25
N GLU B 151 11.43 4.43 -55.10
CA GLU B 151 12.04 5.18 -56.19
C GLU B 151 13.38 4.61 -56.58
N THR B 152 14.07 3.93 -55.67
CA THR B 152 15.40 3.39 -55.91
C THR B 152 15.39 1.89 -56.21
N LEU B 153 14.22 1.26 -56.30
CA LEU B 153 14.13 -0.18 -56.46
C LEU B 153 14.26 -0.65 -57.91
N ARG B 154 14.63 0.22 -58.83
CA ARG B 154 14.95 -0.20 -60.19
C ARG B 154 16.28 0.34 -60.69
N GLU B 155 16.71 1.50 -60.18
CA GLU B 155 17.97 2.08 -60.63
C GLU B 155 19.17 1.28 -60.13
N ILE B 156 19.02 0.48 -59.08
CA ILE B 156 20.17 -0.21 -58.50
C ILE B 156 20.73 -1.25 -59.46
N LEU B 157 19.86 -2.09 -60.02
CA LEU B 157 20.32 -3.21 -60.84
C LEU B 157 20.58 -2.85 -62.29
N GLN B 158 20.25 -1.63 -62.72
CA GLN B 158 20.41 -1.28 -64.12
C GLN B 158 21.88 -1.23 -64.52
N ASP B 159 22.17 -1.74 -65.70
CA ASP B 159 23.48 -1.61 -66.34
C ASP B 159 24.59 -2.27 -65.52
N LYS B 160 24.45 -3.58 -65.32
CA LYS B 160 25.56 -4.46 -64.95
C LYS B 160 26.26 -3.98 -63.67
N GLU B 161 25.58 -4.16 -62.55
CA GLU B 161 26.18 -3.97 -61.24
C GLU B 161 26.30 -5.34 -60.57
N LEU B 162 27.41 -6.04 -60.86
CA LEU B 162 27.74 -7.31 -60.23
C LEU B 162 26.50 -8.21 -60.15
N SER B 163 25.98 -8.58 -61.32
CA SER B 163 24.69 -9.24 -61.43
C SER B 163 24.82 -10.75 -61.63
N LYS B 164 25.95 -11.35 -61.23
CA LYS B 164 26.14 -12.80 -61.42
C LYS B 164 25.74 -13.55 -60.15
N GLU B 165 26.41 -13.27 -59.04
CA GLU B 165 26.12 -13.95 -57.79
C GLU B 165 26.28 -13.08 -56.55
N GLN B 166 26.88 -11.89 -56.67
CA GLN B 166 27.02 -11.01 -55.51
C GLN B 166 25.67 -10.51 -54.99
N LEU B 167 24.59 -10.68 -55.77
CA LEU B 167 23.28 -10.26 -55.31
C LEU B 167 22.81 -11.05 -54.11
N VAL B 168 23.34 -12.25 -53.89
CA VAL B 168 23.08 -12.95 -52.63
C VAL B 168 23.79 -12.24 -51.49
N ALA B 169 25.04 -11.83 -51.71
CA ALA B 169 25.76 -11.03 -50.72
C ALA B 169 25.15 -9.65 -50.54
N PHE B 170 24.28 -9.21 -51.46
CA PHE B 170 23.61 -7.94 -51.30
C PHE B 170 22.78 -7.89 -50.02
N LEU B 171 22.39 -9.07 -49.49
CA LEU B 171 21.71 -9.09 -48.20
C LEU B 171 22.54 -8.39 -47.13
N GLU B 172 23.86 -8.59 -47.16
CA GLU B 172 24.72 -7.89 -46.21
C GLU B 172 24.57 -6.38 -46.36
N ASN B 173 24.50 -5.89 -47.60
CA ASN B 173 24.23 -4.47 -47.81
C ASN B 173 22.91 -4.08 -47.16
N VAL B 174 21.88 -4.92 -47.31
CA VAL B 174 20.60 -4.66 -46.67
C VAL B 174 20.79 -4.57 -45.16
N LEU B 175 21.72 -5.33 -44.61
CA LEU B 175 21.96 -5.29 -43.17
C LEU B 175 22.77 -4.07 -42.75
N LYS B 176 23.43 -3.39 -43.69
CA LYS B 176 24.33 -2.29 -43.36
C LYS B 176 24.14 -1.06 -44.22
N THR B 177 22.93 -0.85 -44.77
CA THR B 177 22.66 0.34 -45.57
C THR B 177 21.39 1.07 -45.16
N SER B 178 20.45 0.41 -44.48
CA SER B 178 19.16 0.99 -44.17
C SER B 178 18.89 0.90 -42.68
N GLY B 179 18.09 1.84 -42.18
CA GLY B 179 17.72 1.89 -40.78
C GLY B 179 16.56 0.96 -40.47
N LYS B 180 15.97 1.18 -39.30
CA LYS B 180 14.90 0.33 -38.80
C LYS B 180 13.92 1.18 -38.01
N LEU B 181 12.73 0.63 -37.81
CA LEU B 181 11.74 1.25 -36.94
C LEU B 181 12.03 0.91 -35.49
N ARG B 182 12.05 1.92 -34.63
CA ARG B 182 12.40 1.69 -33.23
C ARG B 182 11.41 0.72 -32.58
N GLU B 183 11.96 -0.20 -31.78
CA GLU B 183 11.14 -1.21 -31.11
C GLU B 183 10.77 -0.80 -29.69
N ASN B 184 11.50 0.15 -29.11
CA ASN B 184 11.20 0.62 -27.76
C ASN B 184 11.67 2.07 -27.64
N LEU B 185 11.09 2.77 -26.67
CA LEU B 185 11.40 4.18 -26.46
C LEU B 185 12.66 4.39 -25.63
N LEU B 186 13.26 3.33 -25.11
CA LEU B 186 14.42 3.47 -24.22
C LEU B 186 15.60 4.08 -24.95
N HIS B 187 15.85 3.66 -26.19
CA HIS B 187 17.08 4.05 -26.88
C HIS B 187 17.17 5.57 -27.06
N GLY B 188 16.07 6.19 -27.50
CA GLY B 188 16.09 7.64 -27.69
C GLY B 188 16.33 8.38 -26.39
N ALA B 189 15.70 7.93 -25.31
CA ALA B 189 15.91 8.56 -24.01
C ALA B 189 17.37 8.43 -23.58
N LEU B 190 17.97 7.25 -23.79
CA LEU B 190 19.39 7.09 -23.48
C LEU B 190 20.24 8.03 -24.31
N GLU B 191 19.87 8.21 -25.59
CA GLU B 191 20.60 9.17 -26.41
C GLU B 191 20.52 10.57 -25.84
N HIS B 192 19.34 10.98 -25.39
CA HIS B 192 19.15 12.34 -24.90
C HIS B 192 19.74 12.56 -23.51
N TYR B 193 19.94 11.50 -22.73
CA TYR B 193 20.42 11.61 -21.36
C TYR B 193 21.48 12.71 -21.18
N VAL B 194 22.53 12.68 -22.00
CA VAL B 194 23.65 13.59 -21.79
C VAL B 194 23.20 15.05 -21.94
N ASN B 195 22.44 15.33 -22.99
CA ASN B 195 21.99 16.71 -23.20
C ASN B 195 21.01 17.15 -22.13
N CYS B 196 20.07 16.27 -21.77
CA CYS B 196 19.09 16.59 -20.74
C CYS B 196 19.73 16.74 -19.36
N LEU B 197 20.94 16.23 -19.18
CA LEU B 197 21.60 16.34 -17.88
C LEU B 197 21.74 17.79 -17.44
N ASP B 198 21.77 18.74 -18.38
CA ASP B 198 21.94 20.13 -18.02
C ASP B 198 20.69 20.74 -17.39
N LEU B 199 19.54 20.08 -17.53
CA LEU B 199 18.30 20.63 -16.99
C LEU B 199 18.33 20.78 -15.47
N VAL B 200 19.11 19.95 -14.78
CA VAL B 200 19.06 19.91 -13.31
C VAL B 200 20.44 20.15 -12.74
N ASN B 201 21.31 20.83 -13.49
CA ASN B 201 22.67 21.11 -13.05
C ASN B 201 23.36 19.85 -12.56
N LYS B 202 23.06 18.74 -13.23
CA LYS B 202 23.66 17.42 -12.98
C LYS B 202 23.17 16.77 -11.70
N ARG B 203 22.03 17.22 -11.15
CA ARG B 203 21.43 16.51 -10.03
C ARG B 203 20.98 15.13 -10.50
N LEU B 204 21.63 14.09 -9.96
CA LEU B 204 21.53 12.76 -10.58
C LEU B 204 20.10 12.24 -10.67
N PRO B 205 19.28 12.30 -9.63
CA PRO B 205 17.93 11.70 -9.73
C PRO B 205 17.02 12.49 -10.66
N TYR B 206 16.72 11.97 -11.84
CA TYR B 206 15.79 12.66 -12.74
C TYR B 206 15.29 11.70 -13.80
N GLY B 207 14.17 12.05 -14.41
CA GLY B 207 13.50 11.17 -15.32
C GLY B 207 13.14 11.84 -16.64
N LEU B 208 13.00 11.00 -17.67
CA LEU B 208 12.50 11.42 -18.97
C LEU B 208 11.36 10.48 -19.37
N ALA B 209 10.23 11.07 -19.73
CA ALA B 209 9.02 10.32 -20.06
C ALA B 209 8.57 10.62 -21.48
N GLN B 210 7.94 9.63 -22.10
CA GLN B 210 7.48 9.77 -23.47
C GLN B 210 6.41 8.71 -23.76
N ILE B 211 5.35 9.13 -24.44
CA ILE B 211 4.33 8.22 -24.95
C ILE B 211 4.47 8.18 -26.47
N GLY B 212 4.66 6.99 -27.01
CA GLY B 212 4.88 6.84 -28.43
C GLY B 212 4.36 5.53 -28.98
N VAL B 213 4.74 5.20 -30.21
CA VAL B 213 4.30 3.97 -30.86
C VAL B 213 5.53 3.17 -31.26
N CYS B 214 5.46 1.86 -31.04
CA CYS B 214 6.55 0.95 -31.36
C CYS B 214 6.02 -0.19 -32.23
N PHE B 215 6.94 -0.83 -32.94
CA PHE B 215 6.61 -1.84 -33.93
C PHE B 215 7.33 -3.13 -33.59
N HIS B 216 6.62 -4.26 -33.75
CA HIS B 216 7.18 -5.55 -33.38
C HIS B 216 6.82 -6.59 -34.46
N PRO B 217 7.78 -7.36 -34.94
CA PRO B 217 7.43 -8.46 -35.85
C PRO B 217 6.58 -9.50 -35.14
N VAL B 218 5.70 -10.14 -35.91
CA VAL B 218 4.75 -11.09 -35.37
C VAL B 218 4.51 -12.20 -36.39
N PHE B 219 4.36 -13.42 -35.89
CA PHE B 219 3.91 -14.55 -36.70
C PHE B 219 2.95 -15.42 -35.89
N GLY B 227 2.00 -12.70 -45.85
CA GLY B 227 2.83 -13.76 -46.39
C GLY B 227 3.25 -14.77 -45.34
N VAL B 228 4.27 -14.40 -44.56
CA VAL B 228 4.80 -15.23 -43.48
C VAL B 228 4.77 -14.50 -42.15
N LYS B 229 5.33 -13.29 -42.11
CA LYS B 229 5.38 -12.49 -40.90
C LYS B 229 4.84 -11.10 -41.19
N SER B 230 4.30 -10.46 -40.15
CA SER B 230 3.74 -9.13 -40.26
C SER B 230 4.30 -8.26 -39.13
N ILE B 231 3.80 -7.03 -39.04
CA ILE B 231 4.24 -6.08 -38.02
C ILE B 231 3.02 -5.62 -37.22
N GLY B 232 3.17 -5.60 -35.91
CA GLY B 232 2.14 -5.09 -35.01
C GLY B 232 2.61 -3.81 -34.36
N GLU B 233 1.72 -2.83 -34.27
CA GLU B 233 2.01 -1.53 -33.71
C GLU B 233 1.33 -1.40 -32.34
N LYS B 234 2.12 -1.04 -31.33
CA LYS B 234 1.62 -0.89 -29.98
C LYS B 234 2.06 0.46 -29.44
N THR B 235 1.13 1.20 -28.84
CA THR B 235 1.45 2.48 -28.24
C THR B 235 1.80 2.27 -26.77
N GLU B 236 2.92 2.83 -26.35
CA GLU B 236 3.47 2.57 -25.03
C GLU B 236 3.97 3.87 -24.40
N ALA B 237 3.88 3.91 -23.07
CA ALA B 237 4.43 5.00 -22.29
C ALA B 237 5.67 4.51 -21.57
N SER B 238 6.76 5.27 -21.67
CA SER B 238 8.05 4.89 -21.13
C SER B 238 8.57 6.01 -20.25
N LEU B 239 9.18 5.61 -19.13
CA LEU B 239 9.88 6.52 -18.24
C LEU B 239 11.25 5.93 -17.93
N VAL B 240 12.30 6.69 -18.23
CA VAL B 240 13.66 6.32 -17.86
C VAL B 240 14.07 7.22 -16.70
N TRP B 241 14.40 6.60 -15.58
CA TRP B 241 14.72 7.30 -14.34
C TRP B 241 16.17 6.99 -13.98
N PHE B 242 17.00 8.03 -13.96
CA PHE B 242 18.41 7.92 -13.63
C PHE B 242 18.60 8.27 -12.16
N THR B 243 19.26 7.39 -11.43
CA THR B 243 19.38 7.48 -9.99
C THR B 243 20.82 7.22 -9.57
N PRO B 244 21.19 7.57 -8.35
CA PRO B 244 22.43 7.07 -7.77
C PRO B 244 22.37 5.55 -7.65
N PRO B 245 23.49 4.85 -7.85
CA PRO B 245 23.43 3.38 -7.76
C PRO B 245 22.93 2.88 -6.42
N ARG B 246 23.37 3.50 -5.32
CA ARG B 246 23.05 2.98 -4.00
C ARG B 246 21.55 2.97 -3.75
N THR B 247 20.86 4.04 -4.14
CA THR B 247 19.43 4.12 -3.97
C THR B 247 18.66 3.33 -5.03
N SER B 248 19.33 2.82 -6.06
CA SER B 248 18.64 2.21 -7.19
C SER B 248 17.54 1.27 -6.73
N ASN B 249 17.90 0.22 -5.99
CA ASN B 249 16.90 -0.76 -5.56
C ASN B 249 15.72 -0.07 -4.89
N GLN B 250 16.01 0.80 -3.93
CA GLN B 250 14.92 1.50 -3.23
C GLN B 250 13.98 2.17 -4.24
N TRP B 251 14.55 2.96 -5.15
CA TRP B 251 13.73 3.64 -6.14
C TRP B 251 12.84 2.64 -6.88
N LEU B 252 13.42 1.52 -7.31
CA LEU B 252 12.62 0.49 -7.96
C LEU B 252 11.35 0.26 -7.17
N ASP B 253 11.50 -0.17 -5.91
CA ASP B 253 10.35 -0.45 -5.07
C ASP B 253 9.37 0.73 -5.08
N PHE B 254 9.90 1.93 -4.87
CA PHE B 254 9.05 3.12 -4.89
C PHE B 254 8.15 3.10 -6.12
N TRP B 255 8.75 3.10 -7.31
CA TRP B 255 7.94 3.11 -8.52
C TRP B 255 7.05 1.88 -8.57
N LEU B 256 7.59 0.71 -8.22
CA LEU B 256 6.78 -0.50 -8.25
C LEU B 256 5.49 -0.30 -7.47
N ARG B 257 5.55 0.43 -6.36
CA ARG B 257 4.34 0.76 -5.64
C ARG B 257 3.50 1.77 -6.44
N HIS B 258 4.08 2.94 -6.71
CA HIS B 258 3.30 4.03 -7.30
C HIS B 258 2.55 3.56 -8.54
N ARG B 259 3.29 3.10 -9.55
CA ARG B 259 2.66 2.66 -10.78
C ARG B 259 1.54 1.66 -10.49
N LEU B 260 1.82 0.67 -9.65
CA LEU B 260 0.80 -0.33 -9.36
C LEU B 260 -0.45 0.33 -8.82
N GLN B 261 -0.29 1.22 -7.84
CA GLN B 261 -1.44 1.91 -7.28
C GLN B 261 -2.20 2.65 -8.36
N TRP B 262 -1.48 3.28 -9.30
CA TRP B 262 -2.15 3.97 -10.39
C TRP B 262 -3.08 3.04 -11.14
N TRP B 263 -2.60 1.83 -11.46
CA TRP B 263 -3.46 0.88 -12.16
C TRP B 263 -4.62 0.44 -11.29
N ARG B 264 -4.44 0.44 -9.97
CA ARG B 264 -5.53 0.13 -9.06
C ARG B 264 -6.47 1.32 -8.86
N LYS B 265 -6.04 2.52 -9.25
CA LYS B 265 -6.82 3.71 -8.97
C LYS B 265 -8.17 3.68 -9.68
N PHE B 266 -8.16 3.42 -10.98
CA PHE B 266 -9.38 3.44 -11.79
C PHE B 266 -10.05 2.08 -11.90
N ALA B 267 -9.44 1.03 -11.36
CA ALA B 267 -9.97 -0.31 -11.55
C ALA B 267 -11.17 -0.55 -10.64
N MET B 268 -12.23 -1.10 -11.23
CA MET B 268 -13.36 -1.56 -10.42
C MET B 268 -12.94 -2.71 -9.51
N SER B 269 -12.11 -3.62 -10.03
CA SER B 269 -11.55 -4.72 -9.25
C SER B 269 -10.04 -4.57 -9.21
N PRO B 270 -9.50 -3.75 -8.31
CA PRO B 270 -8.03 -3.56 -8.29
C PRO B 270 -7.27 -4.84 -7.99
N SER B 271 -7.92 -5.85 -7.42
CA SER B 271 -7.24 -7.11 -7.15
C SER B 271 -6.87 -7.86 -8.41
N ASN B 272 -7.58 -7.64 -9.51
CA ASN B 272 -7.23 -8.31 -10.76
C ASN B 272 -5.89 -7.84 -11.32
N PHE B 273 -5.49 -6.61 -11.04
CA PHE B 273 -4.14 -6.16 -11.34
C PHE B 273 -3.18 -6.79 -10.34
N SER B 274 -2.09 -7.37 -10.83
CA SER B 274 -1.16 -8.08 -9.98
C SER B 274 0.27 -7.77 -10.42
N SER B 275 1.22 -8.07 -9.54
CA SER B 275 2.62 -7.86 -9.81
C SER B 275 3.41 -9.10 -9.40
N SER B 276 4.53 -9.31 -10.08
CA SER B 276 5.44 -10.41 -9.77
C SER B 276 6.87 -9.92 -9.89
N ASP B 277 7.77 -10.61 -9.18
CA ASP B 277 9.18 -10.29 -9.19
C ASP B 277 9.91 -11.24 -10.14
N CYS B 278 10.95 -10.73 -10.79
CA CYS B 278 11.71 -11.53 -11.75
C CYS B 278 13.16 -11.04 -11.74
N GLN B 279 14.05 -11.91 -12.21
CA GLN B 279 15.47 -11.62 -12.28
C GLN B 279 15.98 -11.95 -13.67
N ASP B 280 16.87 -11.10 -14.17
CA ASP B 280 17.45 -11.32 -15.49
C ASP B 280 18.49 -12.43 -15.43
N GLU B 281 18.74 -13.06 -16.59
CA GLU B 281 19.78 -14.06 -16.67
C GLU B 281 21.14 -13.47 -16.31
N GLU B 282 21.30 -12.16 -16.41
CA GLU B 282 22.48 -11.47 -15.90
C GLU B 282 22.40 -11.21 -14.40
N GLY B 283 21.28 -11.54 -13.77
CA GLY B 283 21.11 -11.35 -12.33
C GLY B 283 20.43 -10.07 -11.92
N ARG B 284 20.06 -9.20 -12.87
CA ARG B 284 19.44 -7.94 -12.53
C ARG B 284 17.98 -8.13 -12.13
N LYS B 285 17.50 -7.26 -11.26
CA LYS B 285 16.16 -7.37 -10.69
C LYS B 285 15.13 -6.65 -11.55
N GLY B 286 13.87 -7.04 -11.39
CA GLY B 286 12.80 -6.35 -12.09
C GLY B 286 11.46 -6.88 -11.66
N ASN B 287 10.40 -6.22 -12.14
CA ASN B 287 9.04 -6.59 -11.81
C ASN B 287 8.18 -6.58 -13.07
N LYS B 288 7.16 -7.43 -13.06
CA LYS B 288 6.21 -7.55 -14.15
C LYS B 288 4.80 -7.29 -13.63
N LEU B 289 4.05 -6.47 -14.34
CA LEU B 289 2.68 -6.14 -13.98
C LEU B 289 1.73 -6.84 -14.95
N TYR B 290 0.72 -7.52 -14.40
CA TYR B 290 -0.20 -8.33 -15.19
C TYR B 290 -1.64 -7.93 -14.88
N TYR B 291 -2.49 -8.08 -15.88
CA TYR B 291 -3.94 -8.02 -15.69
C TYR B 291 -4.55 -9.38 -16.02
N ASN B 292 -5.54 -9.77 -15.25
CA ASN B 292 -6.12 -11.12 -15.34
C ASN B 292 -7.34 -11.08 -16.24
N PHE B 293 -7.12 -11.27 -17.54
CA PHE B 293 -8.20 -11.42 -18.47
C PHE B 293 -8.88 -12.77 -18.26
N PRO B 294 -10.11 -12.94 -18.77
CA PRO B 294 -10.86 -14.17 -18.50
C PRO B 294 -10.11 -15.43 -18.89
N TRP B 295 -9.13 -15.32 -19.80
CA TRP B 295 -8.37 -16.48 -20.24
C TRP B 295 -7.07 -16.67 -19.49
N GLY B 296 -6.52 -15.62 -18.89
CA GLY B 296 -5.27 -15.74 -18.15
C GLY B 296 -4.65 -14.39 -17.90
N LYS B 297 -3.45 -14.41 -17.33
CA LYS B 297 -2.72 -13.20 -17.04
C LYS B 297 -2.00 -12.71 -18.28
N GLU B 298 -2.05 -11.40 -18.51
CA GLU B 298 -1.37 -10.77 -19.62
C GLU B 298 -0.53 -9.61 -19.12
N LEU B 299 0.71 -9.54 -19.61
CA LEU B 299 1.62 -8.49 -19.21
C LEU B 299 1.17 -7.14 -19.75
N ILE B 300 1.24 -6.11 -18.92
CA ILE B 300 0.86 -4.76 -19.32
C ILE B 300 1.92 -3.72 -19.00
N GLU B 301 2.87 -4.00 -18.13
CA GLU B 301 3.92 -3.03 -17.82
C GLU B 301 5.07 -3.76 -17.15
N THR B 302 6.27 -3.23 -17.37
CA THR B 302 7.49 -3.82 -16.84
C THR B 302 8.38 -2.74 -16.26
N LEU B 303 9.12 -3.11 -15.21
CA LEU B 303 10.14 -2.26 -14.62
C LEU B 303 11.44 -3.04 -14.55
N TRP B 304 12.52 -2.43 -15.03
CA TRP B 304 13.82 -3.09 -15.07
C TRP B 304 14.89 -2.16 -14.52
N ASN B 305 15.83 -2.72 -13.77
CA ASN B 305 17.01 -2.00 -13.34
C ASN B 305 18.17 -2.41 -14.25
N LEU B 306 18.75 -1.43 -14.95
CA LEU B 306 19.70 -1.71 -16.01
C LEU B 306 21.14 -1.35 -15.67
N GLY B 307 21.38 -0.69 -14.54
CA GLY B 307 22.75 -0.34 -14.25
C GLY B 307 23.29 0.67 -15.24
N ASP B 308 24.61 0.59 -15.45
CA ASP B 308 25.32 1.47 -16.36
C ASP B 308 25.75 0.77 -17.64
N HIS B 309 25.30 -0.46 -17.88
CA HIS B 309 25.74 -1.22 -19.04
C HIS B 309 25.37 -0.50 -20.33
N GLU B 310 24.08 -0.33 -20.58
CA GLU B 310 23.64 0.28 -21.84
C GLU B 310 24.16 1.70 -21.96
N LEU B 311 24.09 2.47 -20.87
CA LEU B 311 24.58 3.85 -20.92
C LEU B 311 26.07 3.90 -21.22
N LEU B 312 26.84 3.01 -20.58
CA LEU B 312 28.28 2.99 -20.83
C LEU B 312 28.60 2.63 -22.28
N HIS B 313 27.91 1.61 -22.81
CA HIS B 313 28.19 1.22 -24.19
C HIS B 313 27.81 2.34 -25.16
N MET B 314 26.64 2.96 -24.95
CA MET B 314 26.19 3.98 -25.88
C MET B 314 27.13 5.18 -25.92
N TYR B 315 27.94 5.39 -24.89
CA TYR B 315 28.87 6.51 -24.81
C TYR B 315 30.24 5.98 -24.43
N PRO B 316 30.94 5.34 -25.36
CA PRO B 316 32.27 4.80 -25.05
C PRO B 316 33.29 5.92 -24.89
N GLY B 317 34.38 5.58 -24.21
CA GLY B 317 35.48 6.51 -24.05
C GLY B 317 35.55 7.14 -22.67
N ASN B 318 35.51 8.47 -22.64
CA ASN B 318 35.63 9.19 -21.38
C ASN B 318 34.43 8.91 -20.49
N VAL B 319 34.65 8.25 -19.36
CA VAL B 319 33.56 7.90 -18.46
C VAL B 319 33.06 9.13 -17.72
N SER B 320 33.94 10.08 -17.41
CA SER B 320 33.58 11.20 -16.55
C SER B 320 32.41 11.99 -17.11
N LYS B 321 32.26 12.04 -18.42
CA LYS B 321 31.24 12.89 -19.02
C LYS B 321 29.82 12.39 -18.71
N LEU B 322 29.68 11.17 -18.23
CA LEU B 322 28.38 10.65 -17.81
C LEU B 322 28.07 10.99 -16.36
N HIS B 323 28.98 11.65 -15.66
CA HIS B 323 28.84 11.86 -14.23
C HIS B 323 27.68 12.79 -13.91
N GLY B 324 27.10 12.59 -12.73
CA GLY B 324 26.13 13.50 -12.17
C GLY B 324 26.28 13.51 -10.66
N ARG B 325 25.59 14.47 -10.04
CA ARG B 325 25.79 14.76 -8.63
C ARG B 325 24.77 14.00 -7.78
N ASP B 326 25.27 13.23 -6.83
CA ASP B 326 24.47 12.59 -5.79
C ASP B 326 25.03 13.09 -4.46
N GLY B 327 24.31 14.00 -3.82
CA GLY B 327 24.88 14.67 -2.66
C GLY B 327 26.07 15.49 -3.10
N ARG B 328 27.27 15.04 -2.72
CA ARG B 328 28.51 15.65 -3.16
C ARG B 328 29.41 14.65 -3.88
N LYS B 329 28.84 13.60 -4.46
CA LYS B 329 29.59 12.56 -5.17
C LYS B 329 29.24 12.57 -6.65
N ASN B 330 30.26 12.63 -7.50
CA ASN B 330 30.07 12.50 -8.93
C ASN B 330 30.08 11.03 -9.29
N VAL B 331 28.98 10.54 -9.85
CA VAL B 331 28.85 9.12 -10.14
C VAL B 331 28.06 8.95 -11.44
N VAL B 332 28.25 7.80 -12.08
CA VAL B 332 27.47 7.44 -13.27
C VAL B 332 26.15 6.87 -12.81
N PRO B 333 25.01 7.40 -13.24
CA PRO B 333 23.72 6.94 -12.71
C PRO B 333 23.41 5.51 -13.11
N CYS B 334 22.66 4.83 -12.23
CA CYS B 334 21.96 3.63 -12.61
C CYS B 334 20.66 3.99 -13.30
N VAL B 335 20.26 3.16 -14.26
CA VAL B 335 19.11 3.43 -15.12
C VAL B 335 17.98 2.50 -14.72
N LEU B 336 16.78 3.06 -14.56
CA LEU B 336 15.57 2.30 -14.31
C LEU B 336 14.59 2.58 -15.45
N SER B 337 14.12 1.53 -16.10
CA SER B 337 13.21 1.66 -17.24
C SER B 337 11.85 1.11 -16.85
N VAL B 338 10.82 1.96 -16.96
CA VAL B 338 9.44 1.56 -16.76
C VAL B 338 8.73 1.73 -18.08
N ASN B 339 8.14 0.64 -18.59
CA ASN B 339 7.49 0.67 -19.89
C ASN B 339 6.14 -0.02 -19.78
N GLY B 340 5.07 0.72 -20.07
CA GLY B 340 3.73 0.18 -20.03
C GLY B 340 3.07 0.31 -21.39
N ASP B 341 2.14 -0.62 -21.67
CA ASP B 341 1.45 -0.65 -22.95
C ASP B 341 0.06 -0.05 -22.76
N LEU B 342 -0.20 1.08 -23.45
CA LEU B 342 -1.45 1.79 -23.28
C LEU B 342 -2.61 1.13 -23.99
N ASP B 343 -2.37 0.50 -25.13
CA ASP B 343 -3.45 -0.23 -25.81
C ASP B 343 -3.90 -1.42 -24.97
N ARG B 344 -2.95 -2.19 -24.43
CA ARG B 344 -3.32 -3.30 -23.58
C ARG B 344 -3.96 -2.82 -22.29
N GLY B 345 -3.49 -1.70 -21.74
CA GLY B 345 -4.13 -1.14 -20.56
C GLY B 345 -5.57 -0.74 -20.83
N MET B 346 -5.82 -0.11 -21.98
CA MET B 346 -7.18 0.26 -22.35
C MET B 346 -8.06 -0.97 -22.51
N LEU B 347 -7.53 -2.02 -23.16
CA LEU B 347 -8.30 -3.25 -23.31
C LEU B 347 -8.62 -3.86 -21.95
N ALA B 348 -7.64 -3.86 -21.04
CA ALA B 348 -7.85 -4.40 -19.71
C ALA B 348 -8.91 -3.61 -18.96
N TYR B 349 -8.88 -2.28 -19.08
CA TYR B 349 -9.88 -1.46 -18.41
C TYR B 349 -11.27 -1.69 -19.00
N LEU B 350 -11.37 -1.87 -20.32
CA LEU B 350 -12.65 -2.20 -20.93
C LEU B 350 -13.16 -3.53 -20.40
N TYR B 351 -12.30 -4.53 -20.30
CA TYR B 351 -12.72 -5.83 -19.75
C TYR B 351 -13.16 -5.70 -18.30
N ASP B 352 -12.42 -4.91 -17.51
CA ASP B 352 -12.74 -4.76 -16.10
C ASP B 352 -14.11 -4.12 -15.90
N SER B 353 -14.42 -3.08 -16.67
CA SER B 353 -15.67 -2.36 -16.50
C SER B 353 -16.89 -3.19 -16.90
N PHE B 354 -16.70 -4.32 -17.56
CA PHE B 354 -17.81 -5.18 -17.93
C PHE B 354 -18.13 -6.16 -16.80
N GLN B 355 -19.28 -6.83 -16.94
CA GLN B 355 -19.76 -7.70 -15.87
C GLN B 355 -18.84 -8.92 -15.70
N LEU B 356 -18.74 -9.74 -16.74
CA LEU B 356 -17.88 -10.93 -16.70
C LEU B 356 -18.33 -11.91 -15.62
N PHE B 361 -25.34 -16.60 -10.41
CA PHE B 361 -25.84 -15.87 -9.25
C PHE B 361 -27.37 -15.77 -9.32
N THR B 362 -28.00 -15.39 -8.20
CA THR B 362 -29.45 -15.47 -8.10
C THR B 362 -30.15 -14.19 -8.58
N ARG B 363 -29.80 -13.03 -8.02
CA ARG B 363 -30.52 -11.81 -8.36
C ARG B 363 -30.15 -11.27 -9.73
N LYS B 364 -29.01 -11.67 -10.28
CA LYS B 364 -28.62 -11.23 -11.62
C LYS B 364 -29.53 -11.80 -12.70
N LYS B 365 -30.36 -12.78 -12.38
CA LYS B 365 -31.23 -13.39 -13.38
C LYS B 365 -32.25 -12.41 -13.94
N ASN B 366 -32.57 -11.35 -13.20
CA ASN B 366 -33.58 -10.38 -13.63
C ASN B 366 -32.94 -9.12 -14.21
N LEU B 367 -32.12 -8.42 -13.42
CA LEU B 367 -31.54 -7.16 -13.85
C LEU B 367 -30.22 -7.41 -14.58
N HIS B 368 -30.36 -7.92 -15.80
CA HIS B 368 -29.21 -8.20 -16.67
C HIS B 368 -28.91 -7.03 -17.60
N ARG B 369 -28.75 -5.84 -17.03
CA ARG B 369 -28.38 -4.68 -17.82
C ARG B 369 -26.94 -4.82 -18.32
N LYS B 370 -26.72 -4.46 -19.58
CA LYS B 370 -25.40 -4.50 -20.20
C LYS B 370 -24.88 -3.07 -20.26
N VAL B 371 -23.78 -2.81 -19.54
CA VAL B 371 -23.24 -1.47 -19.41
C VAL B 371 -21.75 -1.56 -19.13
N LEU B 372 -21.02 -0.52 -19.53
CA LEU B 372 -19.59 -0.42 -19.28
C LEU B 372 -19.37 0.67 -18.25
N LYS B 373 -19.02 0.26 -17.02
CA LYS B 373 -18.85 1.20 -15.91
C LYS B 373 -17.42 1.73 -15.89
N LEU B 374 -17.09 2.49 -16.93
CA LEU B 374 -15.80 3.18 -16.96
C LEU B 374 -15.75 4.24 -15.87
N HIS B 375 -14.55 4.49 -15.37
CA HIS B 375 -14.38 5.50 -14.35
C HIS B 375 -14.72 6.88 -14.92
N PRO B 376 -15.29 7.77 -14.12
CA PRO B 376 -15.61 9.11 -14.67
C PRO B 376 -14.41 9.83 -15.24
N CYS B 377 -13.23 9.65 -14.66
CA CYS B 377 -12.03 10.30 -15.18
C CYS B 377 -11.59 9.72 -16.51
N LEU B 378 -12.05 8.52 -16.86
CA LEU B 378 -11.67 7.88 -18.11
C LEU B 378 -12.78 7.81 -19.13
N ALA B 379 -14.03 7.89 -18.71
CA ALA B 379 -15.14 7.73 -19.64
C ALA B 379 -15.03 8.75 -20.76
N PRO B 380 -15.07 8.33 -22.02
CA PRO B 380 -14.85 9.31 -23.11
C PRO B 380 -15.89 10.41 -23.15
N ILE B 381 -17.14 10.11 -22.80
CA ILE B 381 -18.24 11.05 -22.88
C ILE B 381 -18.92 11.13 -21.51
N LYS B 382 -19.13 12.35 -21.03
CA LYS B 382 -19.71 12.57 -19.71
C LYS B 382 -21.24 12.57 -19.76
N VAL B 383 -21.82 13.47 -20.56
CA VAL B 383 -23.26 13.66 -20.60
C VAL B 383 -23.72 13.63 -22.06
N ALA B 384 -25.00 13.30 -22.23
CA ALA B 384 -25.65 13.28 -23.53
C ALA B 384 -26.88 14.18 -23.49
N LEU B 385 -27.08 14.93 -24.58
CA LEU B 385 -28.16 15.89 -24.69
C LEU B 385 -29.18 15.40 -25.71
N ASP B 386 -30.46 15.51 -25.38
CA ASP B 386 -31.54 15.18 -26.29
C ASP B 386 -32.68 16.15 -26.05
N VAL B 387 -33.81 15.92 -26.73
CA VAL B 387 -34.96 16.82 -26.66
C VAL B 387 -36.24 16.01 -26.60
N GLY B 388 -37.30 16.66 -26.10
CA GLY B 388 -38.64 16.11 -26.17
C GLY B 388 -39.42 16.73 -27.32
N ARG B 389 -40.58 16.14 -27.62
CA ARG B 389 -41.39 16.59 -28.74
C ARG B 389 -42.16 17.85 -28.34
N GLY B 390 -42.01 18.90 -29.14
CA GLY B 390 -42.63 20.17 -28.87
C GLY B 390 -42.19 21.23 -29.87
N PRO B 391 -42.14 22.50 -29.44
CA PRO B 391 -41.64 23.54 -30.34
C PRO B 391 -40.16 23.36 -30.65
N THR B 392 -39.86 22.96 -31.87
CA THR B 392 -38.51 22.51 -32.20
C THR B 392 -37.48 23.62 -32.07
N LEU B 393 -37.83 24.83 -32.53
CA LEU B 393 -36.84 25.90 -32.56
C LEU B 393 -36.37 26.28 -31.16
N GLU B 394 -37.31 26.44 -30.22
CA GLU B 394 -36.93 26.84 -28.87
C GLU B 394 -36.10 25.76 -28.18
N LEU B 395 -36.51 24.51 -28.32
CA LEU B 395 -35.75 23.40 -27.73
C LEU B 395 -34.34 23.35 -28.31
N ARG B 396 -34.24 23.52 -29.63
CA ARG B 396 -32.92 23.51 -30.27
C ARG B 396 -32.06 24.66 -29.77
N GLN B 397 -32.65 25.85 -29.62
CA GLN B 397 -31.88 26.99 -29.14
C GLN B 397 -31.35 26.75 -27.73
N VAL B 398 -32.22 26.26 -26.83
CA VAL B 398 -31.79 26.04 -25.46
C VAL B 398 -30.75 24.94 -25.41
N CYS B 399 -30.91 23.88 -26.21
CA CYS B 399 -29.93 22.81 -26.25
C CYS B 399 -28.59 23.31 -26.77
N GLN B 400 -28.61 24.17 -27.79
CA GLN B 400 -27.36 24.75 -28.29
C GLN B 400 -26.67 25.57 -27.21
N GLY B 401 -27.43 26.39 -26.49
CA GLY B 401 -26.82 27.17 -25.42
C GLY B 401 -26.23 26.28 -24.33
N LEU B 402 -26.97 25.26 -23.92
CA LEU B 402 -26.47 24.35 -22.90
C LEU B 402 -25.22 23.62 -23.38
N PHE B 403 -25.21 23.19 -24.64
CA PHE B 403 -24.05 22.51 -25.20
C PHE B 403 -22.83 23.40 -25.19
N ASN B 404 -23.00 24.66 -25.60
CA ASN B 404 -21.88 25.60 -25.58
C ASN B 404 -21.37 25.80 -24.17
N GLU B 405 -22.29 25.97 -23.21
CA GLU B 405 -21.86 26.18 -21.84
C GLU B 405 -21.10 24.97 -21.30
N LEU B 406 -21.62 23.76 -21.54
CA LEU B 406 -20.95 22.57 -21.03
C LEU B 406 -19.58 22.39 -21.63
N LEU B 407 -19.46 22.59 -22.95
CA LEU B 407 -18.14 22.45 -23.58
C LEU B 407 -17.18 23.52 -23.08
N GLU B 408 -17.66 24.74 -22.86
CA GLU B 408 -16.79 25.81 -22.43
C GLU B 408 -16.10 25.48 -21.12
N ASN B 409 -16.76 24.68 -20.27
CA ASN B 409 -16.24 24.35 -18.95
C ASN B 409 -15.46 23.04 -18.93
N GLY B 410 -15.27 22.39 -20.07
CA GLY B 410 -14.46 21.19 -20.14
C GLY B 410 -15.20 19.88 -20.07
N ILE B 411 -16.52 19.88 -20.18
CA ILE B 411 -17.30 18.65 -20.19
C ILE B 411 -17.53 18.22 -21.63
N SER B 412 -17.41 16.92 -21.89
CA SER B 412 -17.64 16.35 -23.20
C SER B 412 -19.09 15.90 -23.29
N VAL B 413 -19.78 16.33 -24.34
CA VAL B 413 -21.22 16.12 -24.49
C VAL B 413 -21.47 15.38 -25.80
N TRP B 414 -22.41 14.43 -25.75
CA TRP B 414 -22.86 13.74 -26.96
C TRP B 414 -24.08 14.47 -27.49
N PRO B 415 -23.99 15.15 -28.63
CA PRO B 415 -25.16 15.91 -29.14
C PRO B 415 -26.24 15.01 -29.73
N GLY B 416 -26.98 14.33 -28.84
CA GLY B 416 -28.07 13.47 -29.28
C GLY B 416 -29.31 14.22 -29.71
N TYR B 417 -29.38 15.53 -29.46
CA TYR B 417 -30.52 16.33 -29.88
C TYR B 417 -30.56 16.54 -31.38
N LEU B 418 -29.51 16.17 -32.11
CA LEU B 418 -29.50 16.25 -33.56
C LEU B 418 -30.13 15.03 -34.23
N GLU B 419 -30.44 13.98 -33.48
CA GLU B 419 -30.86 12.72 -34.04
C GLU B 419 -32.37 12.68 -34.25
N THR B 420 -32.78 12.00 -35.32
CA THR B 420 -34.17 11.65 -35.56
C THR B 420 -34.33 10.16 -35.32
N MET B 421 -35.15 9.79 -34.35
CA MET B 421 -35.19 8.44 -33.81
C MET B 421 -36.51 7.76 -34.17
N GLN B 422 -36.49 6.42 -34.06
CA GLN B 422 -37.68 5.60 -34.26
C GLN B 422 -37.78 4.54 -33.17
N SER B 423 -37.42 4.87 -31.94
CA SER B 423 -37.42 3.91 -30.85
C SER B 423 -37.71 4.63 -29.54
N SER B 424 -38.09 3.85 -28.53
CA SER B 424 -38.49 4.37 -27.23
C SER B 424 -37.27 4.76 -26.41
N LEU B 425 -37.52 5.24 -25.19
CA LEU B 425 -36.44 5.67 -24.32
C LEU B 425 -35.59 4.51 -23.83
N GLU B 426 -36.15 3.29 -23.81
CA GLU B 426 -35.38 2.15 -23.32
C GLU B 426 -34.16 1.89 -24.19
N GLN B 427 -34.34 1.93 -25.52
CA GLN B 427 -33.22 1.70 -26.42
C GLN B 427 -32.21 2.84 -26.34
N LEU B 428 -32.69 4.08 -26.17
CA LEU B 428 -31.78 5.20 -25.98
C LEU B 428 -30.92 5.00 -24.74
N TYR B 429 -31.55 4.57 -23.64
CA TYR B 429 -30.80 4.31 -22.42
C TYR B 429 -29.79 3.19 -22.62
N SER B 430 -30.18 2.12 -23.30
CA SER B 430 -29.26 1.01 -23.54
C SER B 430 -28.06 1.50 -24.36
N LYS B 431 -28.33 2.27 -25.42
CA LYS B 431 -27.26 2.76 -26.27
C LYS B 431 -26.31 3.66 -25.49
N TYR B 432 -26.84 4.54 -24.65
CA TYR B 432 -25.97 5.43 -23.89
C TYR B 432 -25.20 4.67 -22.81
N ASP B 433 -25.78 3.59 -22.28
CA ASP B 433 -25.06 2.78 -21.30
C ASP B 433 -23.90 2.05 -21.96
N GLU B 434 -24.14 1.40 -23.11
CA GLU B 434 -23.04 0.72 -23.80
C GLU B 434 -21.95 1.70 -24.20
N MET B 435 -22.30 2.96 -24.45
CA MET B 435 -21.32 3.98 -24.75
C MET B 435 -20.68 4.58 -23.50
N SER B 436 -21.12 4.18 -22.31
CA SER B 436 -20.58 4.67 -21.05
C SER B 436 -20.79 6.18 -20.91
N ILE B 437 -22.05 6.58 -20.90
CA ILE B 437 -22.43 7.97 -20.66
C ILE B 437 -22.79 8.12 -19.20
N LEU B 438 -22.14 9.06 -18.52
CA LEU B 438 -22.34 9.22 -17.09
C LEU B 438 -23.77 9.66 -16.77
N PHE B 439 -24.26 10.69 -17.44
CA PHE B 439 -25.59 11.23 -17.21
C PHE B 439 -26.27 11.49 -18.54
N THR B 440 -27.60 11.44 -18.53
CA THR B 440 -28.42 11.81 -19.68
C THR B 440 -29.38 12.91 -19.25
N VAL B 441 -29.36 14.02 -19.97
CA VAL B 441 -30.20 15.19 -19.68
C VAL B 441 -31.25 15.29 -20.78
N LEU B 442 -32.51 15.45 -20.36
CA LEU B 442 -33.64 15.52 -21.27
C LEU B 442 -34.36 16.85 -21.05
N VAL B 443 -34.61 17.56 -22.15
CA VAL B 443 -35.35 18.82 -22.14
C VAL B 443 -36.75 18.54 -22.66
N THR B 444 -37.76 18.90 -21.86
CA THR B 444 -39.16 18.61 -22.16
C THR B 444 -39.92 19.91 -22.30
N GLU B 445 -41.11 19.81 -22.92
CA GLU B 445 -42.00 20.95 -23.07
C GLU B 445 -42.05 21.79 -21.79
N THR B 446 -42.37 21.12 -20.67
CA THR B 446 -42.54 21.84 -19.41
C THR B 446 -41.30 22.64 -19.03
N THR B 447 -40.13 22.22 -19.51
CA THR B 447 -38.90 22.95 -19.22
C THR B 447 -39.03 24.42 -19.59
N LEU B 448 -39.63 24.70 -20.75
CA LEU B 448 -39.75 26.08 -21.21
C LEU B 448 -40.44 26.95 -20.16
N GLU B 449 -41.32 26.36 -19.35
CA GLU B 449 -42.02 27.13 -18.34
C GLU B 449 -41.11 27.49 -17.17
N ASN B 450 -40.27 26.54 -16.73
CA ASN B 450 -39.54 26.71 -15.48
C ASN B 450 -38.07 26.30 -15.55
N GLY B 451 -37.60 25.78 -16.67
CA GLY B 451 -36.19 25.42 -16.79
C GLY B 451 -35.79 24.16 -16.06
N LEU B 452 -36.74 23.32 -15.65
CA LEU B 452 -36.43 22.06 -15.00
C LEU B 452 -36.24 20.99 -16.08
N ILE B 453 -35.08 20.33 -16.05
CA ILE B 453 -34.76 19.28 -17.01
C ILE B 453 -34.71 17.96 -16.25
N HIS B 454 -34.92 16.87 -16.99
CA HIS B 454 -34.78 15.53 -16.44
C HIS B 454 -33.32 15.11 -16.50
N LEU B 455 -32.85 14.45 -15.44
CA LEU B 455 -31.50 13.94 -15.38
C LEU B 455 -31.54 12.49 -14.92
N ARG B 456 -30.89 11.61 -15.69
CA ARG B 456 -30.79 10.20 -15.35
C ARG B 456 -29.31 9.85 -15.19
N SER B 457 -28.99 9.13 -14.12
CA SER B 457 -27.62 8.77 -13.78
C SER B 457 -27.32 7.35 -14.19
N ARG B 458 -26.13 7.13 -14.75
CA ARG B 458 -25.74 5.80 -15.18
C ARG B 458 -25.68 4.85 -13.99
N ASP B 459 -25.12 5.31 -12.87
CA ASP B 459 -24.94 4.43 -11.71
C ASP B 459 -26.27 3.97 -11.15
N THR B 460 -27.23 4.88 -11.03
CA THR B 460 -28.48 4.58 -10.34
C THR B 460 -29.64 4.26 -11.28
N THR B 461 -29.68 4.86 -12.47
CA THR B 461 -30.78 4.69 -13.40
C THR B 461 -32.09 5.24 -12.83
N MET B 462 -31.99 6.26 -11.98
CA MET B 462 -33.14 6.92 -11.37
C MET B 462 -33.21 8.36 -11.86
N LYS B 463 -34.42 8.80 -12.23
CA LYS B 463 -34.60 10.12 -12.79
C LYS B 463 -34.79 11.15 -11.70
N GLU B 464 -34.34 12.38 -11.99
CA GLU B 464 -34.54 13.51 -11.10
C GLU B 464 -34.84 14.75 -11.93
N MET B 465 -35.45 15.74 -11.28
CA MET B 465 -35.75 17.03 -11.89
C MET B 465 -34.77 18.05 -11.33
N MET B 466 -34.05 18.73 -12.23
CA MET B 466 -33.01 19.66 -11.80
C MET B 466 -33.09 20.95 -12.60
N HIS B 467 -32.81 22.07 -11.94
CA HIS B 467 -32.88 23.36 -12.61
C HIS B 467 -31.63 23.61 -13.44
N ILE B 468 -31.80 24.26 -14.58
CA ILE B 468 -30.71 24.43 -15.53
C ILE B 468 -29.63 25.34 -14.97
N SER B 469 -30.03 26.41 -14.27
CA SER B 469 -29.10 27.46 -13.88
C SER B 469 -27.90 26.94 -13.11
N LYS B 470 -27.98 25.73 -12.54
CA LYS B 470 -26.92 25.16 -11.75
C LYS B 470 -26.27 23.94 -12.37
N LEU B 471 -26.89 23.33 -13.38
CA LEU B 471 -26.42 22.05 -13.92
C LEU B 471 -24.90 22.01 -14.05
N LYS B 472 -24.34 22.93 -14.84
CA LYS B 472 -22.91 22.97 -15.08
C LYS B 472 -22.13 22.73 -13.79
N ASP B 473 -22.35 23.60 -12.80
CA ASP B 473 -21.58 23.52 -11.57
C ASP B 473 -21.63 22.11 -11.00
N PHE B 474 -22.84 21.57 -10.85
CA PHE B 474 -22.98 20.24 -10.27
C PHE B 474 -22.08 19.25 -11.00
N LEU B 475 -22.16 19.22 -12.33
CA LEU B 475 -21.33 18.28 -13.07
C LEU B 475 -19.87 18.43 -12.70
N ILE B 476 -19.36 19.66 -12.75
CA ILE B 476 -17.96 19.88 -12.38
C ILE B 476 -17.71 19.27 -11.02
N LYS B 477 -18.54 19.64 -10.03
CA LYS B 477 -18.40 19.10 -8.70
C LYS B 477 -18.23 17.58 -8.76
N TYR B 478 -19.19 16.90 -9.39
CA TYR B 478 -19.13 15.46 -9.51
C TYR B 478 -17.75 15.04 -10.00
N ILE B 479 -17.36 15.53 -11.18
CA ILE B 479 -16.08 15.13 -11.76
C ILE B 479 -14.97 15.40 -10.78
N SER B 480 -14.97 16.60 -10.16
CA SER B 480 -13.91 16.94 -9.23
C SER B 480 -13.81 15.89 -8.14
N SER B 481 -14.95 15.49 -7.57
CA SER B 481 -14.91 14.49 -6.51
C SER B 481 -14.30 13.19 -7.02
N ALA B 482 -14.65 12.79 -8.24
CA ALA B 482 -14.11 11.56 -8.80
C ALA B 482 -12.59 11.59 -8.83
N LYS B 483 -11.99 12.77 -8.98
CA LYS B 483 -10.53 12.85 -9.01
C LYS B 483 -9.94 12.46 -7.67
N ASN B 484 -10.59 12.84 -6.57
CA ASN B 484 -10.04 12.63 -5.24
C ASN B 484 -10.60 11.39 -4.57
N VAL B 485 -11.92 11.26 -4.48
CA VAL B 485 -12.54 10.11 -3.85
C VAL B 485 -12.05 8.83 -4.51
N GLU C 67 21.81 31.45 -36.75
CA GLU C 67 21.14 32.62 -36.17
C GLU C 67 21.12 32.53 -34.65
N ALA C 68 21.19 33.69 -33.99
CA ALA C 68 21.23 33.71 -32.54
C ALA C 68 20.04 32.98 -31.93
N LEU C 69 18.89 33.04 -32.59
CA LEU C 69 17.73 32.33 -32.07
C LEU C 69 18.00 30.83 -31.98
N LEU C 70 18.64 30.27 -33.01
CA LEU C 70 18.90 28.83 -33.01
C LEU C 70 19.83 28.45 -31.86
N GLU C 71 20.90 29.20 -31.65
CA GLU C 71 21.82 28.86 -30.56
C GLU C 71 21.15 29.03 -29.21
N ILE C 72 20.31 30.06 -29.05
CA ILE C 72 19.60 30.24 -27.79
C ILE C 72 18.65 29.07 -27.55
N CYS C 73 17.93 28.64 -28.59
CA CYS C 73 17.03 27.50 -28.44
C CYS C 73 17.82 26.24 -28.08
N GLN C 74 18.99 26.06 -28.67
CA GLN C 74 19.83 24.93 -28.30
C GLN C 74 20.26 25.01 -26.84
N ARG C 75 20.64 26.20 -26.38
CA ARG C 75 21.08 26.36 -25.01
C ARG C 75 19.95 26.08 -24.02
N ARG C 76 18.74 26.55 -24.34
CA ARG C 76 17.60 26.44 -23.43
C ARG C 76 16.75 25.21 -23.69
N HIS C 77 17.33 24.18 -24.30
CA HIS C 77 16.69 22.87 -24.39
C HIS C 77 15.38 22.92 -25.17
N PHE C 78 15.32 23.80 -26.17
CA PHE C 78 14.23 23.76 -27.13
C PHE C 78 14.53 22.77 -28.25
N LEU C 79 15.67 22.94 -28.91
CA LEU C 79 16.14 22.00 -29.92
C LEU C 79 17.06 20.97 -29.28
N SER C 80 17.24 19.85 -29.98
CA SER C 80 18.10 18.77 -29.52
C SER C 80 19.13 18.45 -30.59
N GLY C 81 20.36 18.18 -30.14
CA GLY C 81 21.43 17.83 -31.05
C GLY C 81 22.72 18.55 -30.72
N SER C 82 23.47 18.92 -31.75
CA SER C 82 24.73 19.62 -31.60
C SER C 82 24.75 20.81 -32.55
N LYS C 83 25.85 21.58 -32.51
CA LYS C 83 25.91 22.81 -33.26
C LYS C 83 25.79 22.56 -34.77
N GLN C 84 26.53 21.57 -35.27
CA GLN C 84 26.46 21.28 -36.70
C GLN C 84 25.20 20.52 -37.08
N GLN C 85 24.71 19.64 -36.20
CA GLN C 85 23.53 18.85 -36.53
C GLN C 85 22.29 19.73 -36.71
N LEU C 86 22.22 20.85 -36.00
CA LEU C 86 21.07 21.75 -36.10
C LEU C 86 21.36 22.80 -37.16
N SER C 87 20.51 22.85 -38.19
CA SER C 87 20.65 23.83 -39.24
C SER C 87 19.29 24.07 -39.88
N ARG C 88 19.18 25.18 -40.61
CA ARG C 88 17.90 25.56 -41.20
C ARG C 88 17.31 24.43 -42.04
N ASP C 89 18.11 23.89 -42.96
CA ASP C 89 17.60 22.86 -43.85
C ASP C 89 17.18 21.62 -43.09
N SER C 90 17.98 21.20 -42.11
CA SER C 90 17.64 20.01 -41.34
C SER C 90 16.35 20.21 -40.56
N LEU C 91 16.16 21.39 -39.96
CA LEU C 91 14.94 21.67 -39.23
C LEU C 91 13.73 21.66 -40.16
N LEU C 92 13.85 22.34 -41.31
CA LEU C 92 12.71 22.45 -42.21
C LEU C 92 12.34 21.10 -42.81
N SER C 93 13.33 20.30 -43.20
CA SER C 93 13.06 19.05 -43.90
C SER C 93 12.63 17.93 -42.97
N GLY C 94 12.84 18.06 -41.66
CA GLY C 94 12.41 17.06 -40.72
C GLY C 94 13.40 15.95 -40.44
N CYS C 95 14.68 16.14 -40.78
CA CYS C 95 15.73 15.17 -40.46
C CYS C 95 16.58 15.63 -39.28
N HIS C 96 16.08 16.54 -38.46
CA HIS C 96 16.81 17.02 -37.31
C HIS C 96 16.93 15.94 -36.24
N PRO C 97 17.88 16.07 -35.32
CA PRO C 97 18.00 15.07 -34.24
C PRO C 97 16.77 14.96 -33.38
N GLY C 98 15.99 16.03 -33.23
CA GLY C 98 14.80 16.05 -32.41
C GLY C 98 14.69 17.35 -31.65
N PHE C 99 13.72 17.41 -30.74
CA PHE C 99 13.46 18.59 -29.93
C PHE C 99 13.79 18.34 -28.48
N GLY C 100 14.12 19.41 -27.76
CA GLY C 100 14.33 19.32 -26.34
C GLY C 100 13.02 19.28 -25.58
N PRO C 101 13.12 19.07 -24.26
CA PRO C 101 11.90 18.96 -23.45
C PRO C 101 11.01 20.19 -23.57
N LEU C 102 11.59 21.39 -23.61
CA LEU C 102 10.79 22.59 -23.80
C LEU C 102 10.12 22.59 -25.16
N GLY C 103 10.83 22.15 -26.20
CA GLY C 103 10.22 22.02 -27.51
C GLY C 103 9.06 21.04 -27.50
N VAL C 104 9.22 19.92 -26.80
CA VAL C 104 8.14 18.94 -26.71
C VAL C 104 6.94 19.53 -25.98
N GLU C 105 7.19 20.29 -24.91
CA GLU C 105 6.10 20.95 -24.20
C GLU C 105 5.38 21.92 -25.10
N LEU C 106 6.13 22.71 -25.86
CA LEU C 106 5.51 23.67 -26.77
C LEU C 106 4.68 22.97 -27.82
N ARG C 107 5.20 21.87 -28.39
CA ARG C 107 4.44 21.14 -29.39
C ARG C 107 3.18 20.54 -28.78
N LYS C 108 3.26 20.03 -27.55
CA LYS C 108 2.08 19.47 -26.92
C LYS C 108 1.03 20.54 -26.67
N ASN C 109 1.45 21.73 -26.23
CA ASN C 109 0.50 22.82 -26.07
C ASN C 109 -0.13 23.21 -27.40
N LEU C 110 0.67 23.29 -28.46
CA LEU C 110 0.13 23.63 -29.77
C LEU C 110 -0.87 22.59 -30.24
N ALA C 111 -0.56 21.30 -30.02
CA ALA C 111 -1.49 20.24 -30.41
C ALA C 111 -2.78 20.32 -29.60
N ALA C 112 -2.68 20.61 -28.31
CA ALA C 112 -3.89 20.75 -27.50
C ALA C 112 -4.76 21.91 -28.00
N GLU C 113 -4.12 23.04 -28.31
CA GLU C 113 -4.87 24.17 -28.85
C GLU C 113 -5.54 23.81 -30.16
N TRP C 114 -4.82 23.13 -31.05
CA TRP C 114 -5.40 22.71 -32.32
C TRP C 114 -6.59 21.79 -32.09
N TRP C 115 -6.44 20.83 -31.19
CA TRP C 115 -7.52 19.87 -30.95
C TRP C 115 -8.76 20.57 -30.39
N THR C 116 -8.57 21.45 -29.41
CA THR C 116 -9.73 22.12 -28.83
C THR C 116 -10.39 23.05 -29.84
N SER C 117 -9.60 23.74 -30.66
CA SER C 117 -10.19 24.63 -31.65
C SER C 117 -10.95 23.86 -32.71
N VAL C 118 -10.44 22.71 -33.12
CA VAL C 118 -11.00 22.00 -34.28
C VAL C 118 -12.02 20.96 -33.88
N VAL C 119 -11.72 20.16 -32.86
CA VAL C 119 -12.49 18.96 -32.57
C VAL C 119 -13.50 19.17 -31.45
N VAL C 120 -13.09 19.84 -30.36
CA VAL C 120 -13.90 19.84 -29.15
C VAL C 120 -15.25 20.50 -29.40
N PHE C 121 -15.25 21.67 -30.02
CA PHE C 121 -16.45 22.49 -30.13
C PHE C 121 -17.26 22.21 -31.40
N ARG C 122 -17.18 20.99 -31.94
CA ARG C 122 -17.91 20.65 -33.14
C ARG C 122 -18.51 19.26 -32.99
N GLU C 123 -19.76 19.11 -33.46
CA GLU C 123 -20.50 17.87 -33.30
C GLU C 123 -20.20 16.85 -34.39
N GLN C 124 -19.50 17.24 -35.44
CA GLN C 124 -19.28 16.39 -36.60
C GLN C 124 -17.80 16.07 -36.82
N VAL C 125 -16.94 16.36 -35.84
CA VAL C 125 -15.52 16.06 -35.92
C VAL C 125 -15.22 14.97 -34.89
N PHE C 126 -14.60 13.90 -35.33
CA PHE C 126 -14.29 12.77 -34.46
C PHE C 126 -12.83 12.40 -34.59
N PRO C 127 -12.22 11.83 -33.54
CA PRO C 127 -10.87 11.32 -33.67
C PRO C 127 -10.83 10.03 -34.47
N VAL C 128 -9.67 9.77 -35.07
CA VAL C 128 -9.46 8.57 -35.87
C VAL C 128 -8.06 8.04 -35.58
N ASP C 129 -7.94 6.71 -35.59
CA ASP C 129 -6.68 6.03 -35.28
C ASP C 129 -6.19 5.33 -36.54
N ALA C 130 -5.21 5.92 -37.20
CA ALA C 130 -4.64 5.38 -38.42
C ALA C 130 -3.29 4.74 -38.11
N LEU C 131 -3.11 3.51 -38.58
CA LEU C 131 -1.85 2.80 -38.37
C LEU C 131 -0.72 3.42 -39.19
N HIS C 132 0.48 3.38 -38.64
CA HIS C 132 1.66 3.96 -39.28
C HIS C 132 2.13 3.19 -40.51
N HIS C 133 1.46 2.11 -40.94
CA HIS C 133 1.91 1.35 -42.10
C HIS C 133 0.71 0.71 -42.77
N LYS C 134 0.89 0.35 -44.04
CA LYS C 134 -0.15 -0.33 -44.83
C LYS C 134 0.42 -1.62 -45.40
N PRO C 135 0.08 -2.78 -44.85
CA PRO C 135 0.62 -4.04 -45.35
C PRO C 135 -0.08 -4.48 -46.63
N GLY C 136 0.41 -5.59 -47.18
CA GLY C 136 -0.18 -6.19 -48.36
C GLY C 136 0.46 -5.67 -49.63
N PRO C 137 0.16 -6.32 -50.76
CA PRO C 137 0.73 -5.87 -52.03
C PRO C 137 0.35 -4.43 -52.35
N LEU C 138 1.28 -3.70 -52.96
CA LEU C 138 1.12 -2.28 -53.24
C LEU C 138 1.43 -2.01 -54.70
N LEU C 139 1.22 -0.77 -55.10
CA LEU C 139 1.56 -0.35 -56.45
C LEU C 139 3.08 -0.40 -56.64
N PRO C 140 3.57 -0.89 -57.78
CA PRO C 140 5.01 -0.94 -58.00
C PRO C 140 5.56 0.33 -58.63
N GLY C 141 6.80 0.64 -58.27
CA GLY C 141 7.52 1.75 -58.88
C GLY C 141 6.96 3.11 -58.55
N ASP C 142 7.08 3.52 -57.28
CA ASP C 142 6.70 4.86 -56.86
C ASP C 142 7.72 5.36 -55.85
N SER C 143 7.56 6.61 -55.44
CA SER C 143 8.50 7.25 -54.52
C SER C 143 7.93 7.21 -53.11
N ALA C 144 8.34 6.22 -52.32
CA ALA C 144 7.94 6.10 -50.93
C ALA C 144 8.65 4.95 -50.24
N PHE C 145 8.84 5.06 -48.93
CA PHE C 145 9.59 4.05 -48.19
C PHE C 145 8.83 2.74 -48.09
N ARG C 146 9.58 1.65 -48.09
CA ARG C 146 9.00 0.31 -48.01
C ARG C 146 9.86 -0.54 -47.08
N LEU C 147 9.24 -1.58 -46.54
CA LEU C 147 9.90 -2.46 -45.58
C LEU C 147 10.48 -3.67 -46.29
N VAL C 148 11.80 -3.84 -46.21
CA VAL C 148 12.44 -5.02 -46.77
C VAL C 148 12.19 -6.22 -45.86
N SER C 149 12.00 -7.39 -46.46
CA SER C 149 11.59 -8.57 -45.71
C SER C 149 12.55 -8.82 -44.55
N ALA C 150 11.98 -9.03 -43.37
CA ALA C 150 12.77 -9.20 -42.15
C ALA C 150 13.26 -10.63 -42.00
N GLU C 151 12.34 -11.59 -41.94
CA GLU C 151 12.72 -12.99 -41.75
C GLU C 151 13.47 -13.54 -42.95
N THR C 152 13.23 -12.99 -44.15
CA THR C 152 13.88 -13.50 -45.35
C THR C 152 15.40 -13.43 -45.24
N LEU C 153 15.92 -12.58 -44.36
CA LEU C 153 17.35 -12.44 -44.20
C LEU C 153 17.99 -13.65 -43.51
N ARG C 154 17.19 -14.58 -42.99
CA ARG C 154 17.73 -15.74 -42.29
C ARG C 154 17.69 -17.02 -43.12
N GLU C 155 16.79 -17.13 -44.10
CA GLU C 155 16.63 -18.35 -44.86
C GLU C 155 17.61 -18.46 -46.03
N ILE C 156 17.91 -17.33 -46.68
CA ILE C 156 18.68 -17.36 -47.92
C ILE C 156 20.13 -17.78 -47.68
N LEU C 157 20.62 -17.70 -46.45
CA LEU C 157 22.03 -17.91 -46.17
C LEU C 157 22.40 -19.40 -46.05
N GLN C 158 21.54 -20.31 -46.54
CA GLN C 158 21.88 -21.73 -46.55
C GLN C 158 21.44 -22.43 -47.83
N ASP C 159 20.95 -21.69 -48.82
CA ASP C 159 20.61 -22.28 -50.12
C ASP C 159 20.41 -21.18 -51.15
N LYS C 160 21.12 -21.27 -52.27
CA LYS C 160 21.01 -20.29 -53.36
C LYS C 160 20.13 -20.84 -54.47
N GLU C 161 19.22 -20.00 -54.95
CA GLU C 161 18.31 -20.38 -56.04
C GLU C 161 18.93 -20.06 -57.40
N LEU C 162 20.13 -20.58 -57.62
CA LEU C 162 20.82 -20.52 -58.91
C LEU C 162 21.39 -19.12 -59.19
N SER C 163 21.07 -18.14 -58.34
CA SER C 163 21.64 -16.80 -58.48
C SER C 163 21.44 -16.26 -59.89
N LYS C 164 22.21 -15.23 -60.25
CA LYS C 164 22.24 -14.71 -61.62
C LYS C 164 21.00 -13.89 -61.95
N GLU C 165 20.72 -13.72 -63.25
CA GLU C 165 19.86 -12.64 -63.72
C GLU C 165 18.38 -12.81 -63.39
N GLN C 166 17.97 -13.86 -62.70
CA GLN C 166 16.60 -13.90 -62.20
C GLN C 166 16.46 -13.17 -60.86
N LEU C 167 17.55 -12.63 -60.32
CA LEU C 167 17.47 -11.84 -59.10
C LEU C 167 16.75 -10.51 -59.30
N VAL C 168 16.63 -10.05 -60.54
CA VAL C 168 15.83 -8.85 -60.79
C VAL C 168 14.41 -9.07 -60.29
N ALA C 169 13.86 -10.26 -60.55
CA ALA C 169 12.52 -10.58 -60.07
C ALA C 169 12.41 -10.50 -58.55
N PHE C 170 13.54 -10.62 -57.83
CA PHE C 170 13.51 -10.44 -56.39
C PHE C 170 12.89 -9.10 -56.03
N LEU C 171 13.22 -8.06 -56.79
CA LEU C 171 12.63 -6.75 -56.55
C LEU C 171 11.11 -6.82 -56.66
N GLU C 172 10.60 -7.51 -57.69
CA GLU C 172 9.17 -7.74 -57.79
C GLU C 172 8.65 -8.47 -56.55
N ASN C 173 9.41 -9.47 -56.08
CA ASN C 173 9.00 -10.17 -54.87
C ASN C 173 8.90 -9.22 -53.67
N VAL C 174 9.70 -8.15 -53.67
CA VAL C 174 9.58 -7.15 -52.61
C VAL C 174 8.19 -6.52 -52.65
N LEU C 175 7.72 -6.18 -53.84
CA LEU C 175 6.37 -5.63 -53.96
C LEU C 175 5.30 -6.65 -53.62
N LYS C 176 5.60 -7.94 -53.71
CA LYS C 176 4.63 -8.96 -53.33
C LYS C 176 4.40 -9.02 -51.83
N THR C 177 5.36 -8.54 -51.02
CA THR C 177 5.28 -8.66 -49.58
C THR C 177 5.61 -7.39 -48.82
N SER C 178 6.35 -6.44 -49.40
CA SER C 178 6.83 -5.30 -48.64
C SER C 178 5.67 -4.41 -48.19
N GLY C 179 5.81 -3.90 -46.96
CA GLY C 179 4.90 -2.90 -46.44
C GLY C 179 5.37 -1.50 -46.80
N LYS C 180 4.65 -0.53 -46.27
CA LYS C 180 4.92 0.88 -46.56
C LYS C 180 4.61 1.70 -45.33
N LEU C 181 5.44 2.72 -45.08
CA LEU C 181 5.18 3.62 -43.98
C LEU C 181 4.13 4.66 -44.37
N ARG C 182 3.65 5.38 -43.36
CA ARG C 182 2.57 6.34 -43.55
C ARG C 182 3.12 7.60 -44.22
N GLU C 183 2.85 7.75 -45.52
CA GLU C 183 3.25 8.96 -46.22
C GLU C 183 2.43 10.16 -45.77
N ASN C 184 1.15 9.95 -45.47
CA ASN C 184 0.26 11.01 -45.01
C ASN C 184 -0.89 10.36 -44.27
N LEU C 185 -1.60 11.18 -43.48
CA LEU C 185 -2.73 10.69 -42.71
C LEU C 185 -4.02 10.62 -43.52
N LEU C 186 -4.02 11.11 -44.76
CA LEU C 186 -5.24 11.12 -45.55
C LEU C 186 -5.74 9.71 -45.81
N HIS C 187 -4.85 8.81 -46.21
CA HIS C 187 -5.28 7.46 -46.59
C HIS C 187 -5.86 6.71 -45.40
N GLY C 188 -5.22 6.81 -44.23
CA GLY C 188 -5.75 6.12 -43.06
C GLY C 188 -7.14 6.58 -42.70
N ALA C 189 -7.37 7.89 -42.74
CA ALA C 189 -8.71 8.41 -42.46
C ALA C 189 -9.71 7.94 -43.51
N LEU C 190 -9.32 8.00 -44.79
CA LEU C 190 -10.22 7.53 -45.84
C LEU C 190 -10.60 6.08 -45.65
N GLU C 191 -9.70 5.26 -45.11
CA GLU C 191 -10.00 3.85 -44.90
C GLU C 191 -11.14 3.65 -43.92
N HIS C 192 -11.39 4.61 -43.03
CA HIS C 192 -12.41 4.49 -41.99
C HIS C 192 -13.73 5.14 -42.35
N TYR C 193 -13.89 5.63 -43.58
CA TYR C 193 -15.07 6.41 -43.93
C TYR C 193 -16.35 5.59 -43.77
N VAL C 194 -16.35 4.36 -44.27
CA VAL C 194 -17.58 3.58 -44.29
C VAL C 194 -18.09 3.32 -42.88
N ASN C 195 -17.19 2.93 -41.98
CA ASN C 195 -17.61 2.63 -40.61
C ASN C 195 -17.92 3.91 -39.83
N CYS C 196 -17.10 4.95 -39.99
CA CYS C 196 -17.37 6.19 -39.30
C CYS C 196 -18.62 6.90 -39.83
N LEU C 197 -19.06 6.54 -41.03
CA LEU C 197 -20.31 7.09 -41.54
C LEU C 197 -21.50 6.66 -40.70
N ASP C 198 -21.42 5.48 -40.09
CA ASP C 198 -22.52 5.00 -39.25
C ASP C 198 -22.65 5.82 -37.98
N LEU C 199 -21.53 6.35 -37.47
CA LEU C 199 -21.57 7.08 -36.21
C LEU C 199 -22.49 8.29 -36.28
N VAL C 200 -22.66 8.88 -37.46
CA VAL C 200 -23.51 10.06 -37.63
C VAL C 200 -24.83 9.71 -38.32
N ASN C 201 -25.22 8.43 -38.30
CA ASN C 201 -26.46 7.99 -38.92
C ASN C 201 -26.52 8.43 -40.38
N LYS C 202 -25.40 8.29 -41.07
CA LYS C 202 -25.25 8.59 -42.49
C LYS C 202 -25.49 10.07 -42.81
N ARG C 203 -25.48 10.94 -41.80
CA ARG C 203 -25.59 12.37 -42.07
C ARG C 203 -24.36 12.81 -42.87
N LEU C 204 -24.58 13.24 -44.11
CA LEU C 204 -23.48 13.39 -45.05
C LEU C 204 -22.32 14.24 -44.54
N PRO C 205 -22.54 15.41 -43.95
CA PRO C 205 -21.42 16.23 -43.47
C PRO C 205 -20.87 15.72 -42.14
N TYR C 206 -19.68 15.12 -42.19
CA TYR C 206 -18.97 14.74 -40.98
C TYR C 206 -17.49 14.61 -41.31
N GLY C 207 -16.66 14.66 -40.26
CA GLY C 207 -15.22 14.71 -40.46
C GLY C 207 -14.49 13.82 -39.48
N LEU C 208 -13.21 13.60 -39.79
CA LEU C 208 -12.31 12.83 -38.94
C LEU C 208 -10.99 13.58 -38.79
N ALA C 209 -10.52 13.69 -37.55
CA ALA C 209 -9.31 14.44 -37.24
C ALA C 209 -8.29 13.54 -36.54
N GLN C 210 -7.01 13.82 -36.77
CA GLN C 210 -5.96 13.06 -36.13
C GLN C 210 -4.64 13.83 -36.21
N ILE C 211 -3.86 13.78 -35.14
CA ILE C 211 -2.51 14.31 -35.11
C ILE C 211 -1.55 13.13 -35.02
N GLY C 212 -0.62 13.05 -35.97
CA GLY C 212 0.27 11.90 -36.01
C GLY C 212 1.53 12.21 -36.79
N VAL C 213 2.48 11.30 -36.68
CA VAL C 213 3.78 11.46 -37.33
C VAL C 213 3.72 10.84 -38.72
N CYS C 214 4.49 11.42 -39.65
CA CYS C 214 4.56 10.93 -41.02
C CYS C 214 6.01 10.97 -41.47
N PHE C 215 6.33 10.08 -42.41
CA PHE C 215 7.69 9.89 -42.90
C PHE C 215 7.75 10.28 -44.36
N HIS C 216 8.77 11.06 -44.73
CA HIS C 216 8.95 11.50 -46.10
C HIS C 216 10.36 11.21 -46.58
N PRO C 217 10.52 10.78 -47.83
CA PRO C 217 11.87 10.68 -48.40
C PRO C 217 12.51 12.05 -48.53
N VAL C 218 13.82 12.10 -48.30
CA VAL C 218 14.61 13.31 -48.43
C VAL C 218 15.80 13.00 -49.33
N PHE C 219 15.98 13.82 -50.36
CA PHE C 219 17.08 13.65 -51.30
C PHE C 219 17.78 14.98 -51.55
N VAL C 228 22.21 9.40 -51.37
CA VAL C 228 21.45 8.45 -50.57
C VAL C 228 20.25 9.12 -49.92
N LYS C 229 19.12 8.43 -49.92
CA LYS C 229 17.90 8.98 -49.35
C LYS C 229 17.97 9.01 -47.83
N SER C 230 17.12 9.85 -47.24
CA SER C 230 16.99 9.93 -45.79
C SER C 230 15.51 9.97 -45.44
N ILE C 231 15.23 9.77 -44.16
CA ILE C 231 13.87 9.76 -43.64
C ILE C 231 13.66 11.05 -42.86
N GLY C 232 12.62 11.81 -43.24
CA GLY C 232 12.23 13.00 -42.50
C GLY C 232 10.91 12.77 -41.79
N GLU C 233 10.90 13.03 -40.48
CA GLU C 233 9.72 12.85 -39.65
C GLU C 233 9.04 14.20 -39.46
N LYS C 234 7.74 14.25 -39.71
CA LYS C 234 6.94 15.46 -39.51
C LYS C 234 5.67 15.09 -38.76
N THR C 235 5.42 15.77 -37.65
CA THR C 235 4.17 15.59 -36.92
C THR C 235 3.14 16.55 -37.50
N GLU C 236 2.03 16.02 -37.98
CA GLU C 236 1.05 16.78 -38.73
C GLU C 236 -0.35 16.51 -38.18
N ALA C 237 -1.17 17.55 -38.21
CA ALA C 237 -2.58 17.46 -37.84
C ALA C 237 -3.40 17.47 -39.12
N SER C 238 -4.25 16.45 -39.28
CA SER C 238 -5.02 16.26 -40.50
C SER C 238 -6.50 16.14 -40.15
N LEU C 239 -7.33 16.88 -40.87
CA LEU C 239 -8.77 16.77 -40.79
C LEU C 239 -9.30 16.47 -42.18
N VAL C 240 -10.00 15.35 -42.31
CA VAL C 240 -10.69 15.00 -43.54
C VAL C 240 -12.17 15.34 -43.34
N TRP C 241 -12.71 16.16 -44.25
CA TRP C 241 -14.05 16.70 -44.13
C TRP C 241 -14.87 16.21 -45.32
N PHE C 242 -15.93 15.45 -45.02
CA PHE C 242 -16.85 14.98 -46.03
C PHE C 242 -18.01 15.96 -46.15
N THR C 243 -18.31 16.38 -47.36
CA THR C 243 -19.35 17.38 -47.60
C THR C 243 -20.15 16.97 -48.83
N PRO C 244 -21.36 17.49 -48.97
CA PRO C 244 -22.07 17.37 -50.24
C PRO C 244 -21.29 18.06 -51.34
N PRO C 245 -21.31 17.55 -52.56
CA PRO C 245 -20.64 18.27 -53.66
C PRO C 245 -21.21 19.66 -53.90
N ARG C 246 -22.44 19.93 -53.43
CA ARG C 246 -23.08 21.21 -53.69
C ARG C 246 -22.47 22.33 -52.87
N THR C 247 -21.91 22.02 -51.69
CA THR C 247 -21.40 23.03 -50.77
C THR C 247 -19.93 22.83 -50.45
N SER C 248 -19.19 22.12 -51.31
CA SER C 248 -17.79 21.85 -51.03
C SER C 248 -16.96 23.12 -50.99
N ASN C 249 -17.19 24.04 -51.94
CA ASN C 249 -16.40 25.27 -51.99
C ASN C 249 -16.68 26.14 -50.77
N GLN C 250 -17.94 26.20 -50.34
CA GLN C 250 -18.29 27.00 -49.17
C GLN C 250 -17.57 26.50 -47.92
N TRP C 251 -17.59 25.17 -47.71
CA TRP C 251 -16.85 24.61 -46.59
C TRP C 251 -15.35 24.83 -46.75
N LEU C 252 -14.85 24.78 -47.99
CA LEU C 252 -13.43 24.99 -48.22
C LEU C 252 -12.99 26.37 -47.74
N ASP C 253 -13.68 27.42 -48.19
CA ASP C 253 -13.25 28.76 -47.79
C ASP C 253 -13.59 29.04 -46.33
N PHE C 254 -14.65 28.41 -45.79
CA PHE C 254 -14.92 28.51 -44.37
C PHE C 254 -13.77 27.98 -43.53
N TRP C 255 -13.29 26.78 -43.87
CA TRP C 255 -12.16 26.21 -43.16
C TRP C 255 -10.89 27.03 -43.38
N LEU C 256 -10.73 27.58 -44.58
CA LEU C 256 -9.60 28.48 -44.83
C LEU C 256 -9.60 29.64 -43.84
N ARG C 257 -10.75 30.31 -43.71
CA ARG C 257 -10.85 31.44 -42.79
C ARG C 257 -10.57 31.00 -41.36
N HIS C 258 -11.15 29.88 -40.94
CA HIS C 258 -10.96 29.46 -39.55
C HIS C 258 -9.51 29.12 -39.27
N ARG C 259 -8.85 28.40 -40.18
CA ARG C 259 -7.45 28.04 -39.97
C ARG C 259 -6.56 29.28 -39.95
N LEU C 260 -6.82 30.23 -40.85
CA LEU C 260 -6.01 31.44 -40.87
C LEU C 260 -6.18 32.21 -39.57
N GLN C 261 -7.41 32.32 -39.07
CA GLN C 261 -7.63 33.00 -37.80
C GLN C 261 -6.94 32.27 -36.66
N TRP C 262 -7.01 30.93 -36.65
CA TRP C 262 -6.37 30.18 -35.58
C TRP C 262 -4.86 30.41 -35.59
N TRP C 263 -4.24 30.42 -36.76
CA TRP C 263 -2.81 30.68 -36.84
C TRP C 263 -2.49 32.10 -36.39
N ARG C 264 -3.33 33.06 -36.77
CA ARG C 264 -3.09 34.44 -36.34
C ARG C 264 -3.27 34.62 -34.84
N LYS C 265 -4.07 33.75 -34.20
CA LYS C 265 -4.53 33.99 -32.85
C LYS C 265 -3.36 34.18 -31.88
N PHE C 266 -2.40 33.27 -31.89
CA PHE C 266 -1.31 33.28 -30.93
C PHE C 266 -0.13 34.14 -31.37
N ALA C 267 -0.12 34.64 -32.61
CA ALA C 267 1.04 35.34 -33.13
C ALA C 267 1.16 36.73 -32.52
N MET C 268 2.41 37.16 -32.29
CA MET C 268 2.66 38.54 -31.89
C MET C 268 2.47 39.50 -33.05
N SER C 269 2.62 39.03 -34.29
CA SER C 269 2.47 39.87 -35.49
C SER C 269 1.77 39.03 -36.54
N PRO C 270 0.43 38.95 -36.49
CA PRO C 270 -0.28 38.10 -37.45
C PRO C 270 -0.09 38.50 -38.90
N SER C 271 0.40 39.71 -39.17
CA SER C 271 0.62 40.12 -40.56
C SER C 271 1.60 39.21 -41.28
N ASN C 272 2.46 38.50 -40.55
CA ASN C 272 3.43 37.61 -41.16
C ASN C 272 2.85 36.26 -41.55
N PHE C 273 1.59 35.99 -41.20
CA PHE C 273 0.89 34.81 -41.69
C PHE C 273 0.06 35.21 -42.90
N SER C 274 0.19 34.45 -43.99
CA SER C 274 -0.46 34.79 -45.24
C SER C 274 -1.09 33.54 -45.83
N SER C 275 -1.98 33.75 -46.80
CA SER C 275 -2.64 32.65 -47.50
C SER C 275 -2.66 32.93 -48.99
N SER C 276 -2.77 31.85 -49.77
CA SER C 276 -2.84 31.96 -51.22
C SER C 276 -3.74 30.85 -51.75
N ASP C 277 -4.22 31.05 -52.97
CA ASP C 277 -5.11 30.10 -53.64
C ASP C 277 -4.36 29.42 -54.78
N CYS C 278 -4.60 28.11 -54.93
CA CYS C 278 -3.83 27.28 -55.85
C CYS C 278 -4.76 26.39 -56.65
N GLN C 279 -4.29 26.00 -57.83
CA GLN C 279 -5.06 25.24 -58.80
C GLN C 279 -4.39 23.89 -59.05
N ASP C 280 -5.20 22.90 -59.40
CA ASP C 280 -4.70 21.58 -59.75
C ASP C 280 -5.47 21.03 -60.94
N GLU C 281 -4.82 20.13 -61.67
CA GLU C 281 -5.48 19.50 -62.81
C GLU C 281 -6.67 18.67 -62.38
N GLU C 282 -6.50 17.88 -61.33
CA GLU C 282 -7.57 17.04 -60.79
C GLU C 282 -8.16 17.69 -59.54
N GLY C 283 -9.26 17.12 -59.06
CA GLY C 283 -9.94 17.70 -57.92
C GLY C 283 -10.41 19.10 -58.24
N ARG C 284 -10.21 20.00 -57.29
CA ARG C 284 -10.63 21.40 -57.46
C ARG C 284 -9.57 22.33 -56.88
N LYS C 285 -9.91 23.61 -56.71
CA LYS C 285 -8.98 24.57 -56.15
C LYS C 285 -8.61 24.17 -54.71
N GLY C 286 -7.61 24.88 -54.18
CA GLY C 286 -7.18 24.67 -52.81
C GLY C 286 -6.51 25.92 -52.30
N ASN C 287 -6.05 25.86 -51.05
CA ASN C 287 -5.40 27.01 -50.44
C ASN C 287 -4.15 26.57 -49.69
N LYS C 288 -3.19 27.48 -49.61
CA LYS C 288 -1.93 27.26 -48.93
C LYS C 288 -1.72 28.37 -47.91
N LEU C 289 -1.23 27.99 -46.73
CA LEU C 289 -0.91 28.93 -45.66
C LEU C 289 0.59 29.02 -45.52
N TYR C 290 1.12 30.24 -45.43
CA TYR C 290 2.54 30.47 -45.37
C TYR C 290 2.88 31.35 -44.17
N TYR C 291 4.03 31.09 -43.58
CA TYR C 291 4.61 31.95 -42.56
C TYR C 291 5.89 32.56 -43.11
N ASN C 292 6.07 33.85 -42.87
CA ASN C 292 7.21 34.60 -43.43
C ASN C 292 8.38 34.50 -42.46
N PHE C 293 9.20 33.47 -42.64
CA PHE C 293 10.43 33.37 -41.90
C PHE C 293 11.41 34.43 -42.38
N PRO C 294 12.44 34.74 -41.59
CA PRO C 294 13.37 35.82 -41.98
C PRO C 294 13.99 35.65 -43.36
N TRP C 295 13.93 34.45 -43.95
CA TRP C 295 14.51 34.22 -45.27
C TRP C 295 13.48 34.10 -46.38
N GLY C 296 12.19 34.04 -46.05
CA GLY C 296 11.15 33.96 -47.06
C GLY C 296 9.92 33.28 -46.51
N LYS C 297 8.91 33.18 -47.37
CA LYS C 297 7.68 32.49 -47.01
C LYS C 297 7.90 30.98 -47.05
N GLU C 298 7.32 30.29 -46.07
CA GLU C 298 7.40 28.83 -46.01
C GLU C 298 6.02 28.27 -45.75
N LEU C 299 5.69 27.19 -46.47
CA LEU C 299 4.40 26.55 -46.33
C LEU C 299 4.27 25.88 -44.97
N ILE C 300 3.08 26.00 -44.37
CA ILE C 300 2.82 25.37 -43.09
C ILE C 300 1.51 24.57 -43.08
N GLU C 301 0.64 24.73 -44.06
CA GLU C 301 -0.63 24.02 -44.09
C GLU C 301 -1.27 24.19 -45.45
N THR C 302 -2.01 23.17 -45.87
CA THR C 302 -2.67 23.17 -47.16
C THR C 302 -4.08 22.64 -47.04
N LEU C 303 -4.98 23.21 -47.84
CA LEU C 303 -6.35 22.74 -47.97
C LEU C 303 -6.59 22.33 -49.41
N TRP C 304 -7.06 21.11 -49.62
CA TRP C 304 -7.33 20.58 -50.95
C TRP C 304 -8.73 20.01 -51.00
N ASN C 305 -9.44 20.30 -52.08
CA ASN C 305 -10.76 19.74 -52.35
C ASN C 305 -10.56 18.56 -53.29
N LEU C 306 -10.27 17.39 -52.72
CA LEU C 306 -9.93 16.22 -53.53
C LEU C 306 -11.11 15.76 -54.37
N GLY C 307 -12.31 15.70 -53.80
CA GLY C 307 -13.49 15.32 -54.55
C GLY C 307 -13.93 13.90 -54.24
N ASP C 308 -14.10 13.09 -55.29
CA ASP C 308 -14.63 11.75 -55.12
C ASP C 308 -13.78 10.65 -55.75
N HIS C 309 -12.72 10.99 -56.47
CA HIS C 309 -11.95 9.97 -57.17
C HIS C 309 -11.30 9.00 -56.19
N GLU C 310 -10.71 9.50 -55.11
CA GLU C 310 -9.99 8.63 -54.18
C GLU C 310 -10.94 7.67 -53.49
N LEU C 311 -12.08 8.17 -53.01
CA LEU C 311 -13.03 7.30 -52.31
C LEU C 311 -13.59 6.24 -53.25
N LEU C 312 -13.90 6.62 -54.50
CA LEU C 312 -14.39 5.65 -55.46
C LEU C 312 -13.33 4.59 -55.76
N HIS C 313 -12.07 5.01 -55.91
CA HIS C 313 -11.00 4.06 -56.18
C HIS C 313 -10.83 3.09 -55.02
N MET C 314 -10.91 3.57 -53.79
CA MET C 314 -10.66 2.71 -52.64
C MET C 314 -11.75 1.67 -52.46
N TYR C 315 -12.96 1.92 -52.99
CA TYR C 315 -14.09 1.02 -52.84
C TYR C 315 -14.76 0.80 -54.19
N PRO C 316 -14.11 0.06 -55.10
CA PRO C 316 -14.74 -0.23 -56.39
C PRO C 316 -15.91 -1.18 -56.23
N GLY C 317 -16.82 -1.14 -57.20
CA GLY C 317 -17.96 -2.02 -57.22
C GLY C 317 -19.26 -1.32 -56.89
N ASN C 318 -20.06 -1.93 -56.00
CA ASN C 318 -21.34 -1.34 -55.64
C ASN C 318 -21.11 -0.01 -54.94
N VAL C 319 -21.42 1.10 -55.61
CA VAL C 319 -21.17 2.41 -55.06
C VAL C 319 -22.14 2.75 -53.94
N SER C 320 -23.25 2.02 -53.82
CA SER C 320 -24.28 2.37 -52.85
C SER C 320 -23.74 2.41 -51.43
N LYS C 321 -22.72 1.60 -51.14
CA LYS C 321 -22.17 1.58 -49.78
C LYS C 321 -21.53 2.90 -49.38
N LEU C 322 -21.19 3.75 -50.34
CA LEU C 322 -20.55 5.02 -50.06
C LEU C 322 -21.55 6.17 -49.90
N HIS C 323 -22.84 5.89 -50.00
CA HIS C 323 -23.85 6.94 -50.01
C HIS C 323 -24.11 7.48 -48.61
N GLY C 324 -24.02 8.80 -48.47
CA GLY C 324 -24.55 9.49 -47.32
C GLY C 324 -25.85 10.21 -47.66
N ARG C 325 -26.46 10.80 -46.63
CA ARG C 325 -27.78 11.39 -46.75
C ARG C 325 -27.68 12.92 -46.69
N ASP C 326 -28.28 13.58 -47.67
CA ASP C 326 -28.37 15.03 -47.70
C ASP C 326 -29.68 15.41 -48.38
N GLY C 327 -30.47 16.26 -47.73
CA GLY C 327 -31.74 16.66 -48.31
C GLY C 327 -32.65 15.50 -48.63
N ARG C 328 -32.66 14.48 -47.77
CA ARG C 328 -33.45 13.27 -47.94
C ARG C 328 -33.08 12.50 -49.19
N LYS C 329 -31.91 12.76 -49.77
CA LYS C 329 -31.46 12.02 -50.96
C LYS C 329 -30.04 11.52 -50.74
N ASN C 330 -29.72 10.41 -51.40
CA ASN C 330 -28.42 9.79 -51.28
C ASN C 330 -27.41 10.49 -52.19
N VAL C 331 -26.20 10.69 -51.69
CA VAL C 331 -25.13 11.35 -52.42
C VAL C 331 -23.81 10.71 -52.04
N VAL C 332 -22.91 10.59 -53.02
CA VAL C 332 -21.54 10.18 -52.76
C VAL C 332 -20.77 11.40 -52.26
N PRO C 333 -20.19 11.36 -51.07
CA PRO C 333 -19.58 12.58 -50.53
C PRO C 333 -18.39 13.05 -51.33
N CYS C 334 -18.19 14.37 -51.31
CA CYS C 334 -16.93 14.98 -51.70
C CYS C 334 -16.04 15.08 -50.47
N VAL C 335 -14.73 14.98 -50.70
CA VAL C 335 -13.73 14.94 -49.65
C VAL C 335 -12.82 16.15 -49.80
N LEU C 336 -12.64 16.88 -48.69
CA LEU C 336 -11.64 17.92 -48.55
C LEU C 336 -10.65 17.51 -47.47
N SER C 337 -9.39 17.91 -47.62
CA SER C 337 -8.34 17.56 -46.69
C SER C 337 -7.65 18.82 -46.19
N VAL C 338 -7.50 18.94 -44.88
CA VAL C 338 -6.78 20.05 -44.26
C VAL C 338 -5.63 19.46 -43.46
N ASN C 339 -4.41 19.70 -43.91
CA ASN C 339 -3.23 19.10 -43.28
C ASN C 339 -2.24 20.20 -42.93
N GLY C 340 -1.86 20.26 -41.66
CA GLY C 340 -0.92 21.27 -41.20
C GLY C 340 0.24 20.64 -40.45
N ASP C 341 1.45 21.15 -40.74
CA ASP C 341 2.67 20.63 -40.16
C ASP C 341 2.92 21.33 -38.83
N LEU C 342 2.87 20.57 -37.73
CA LEU C 342 3.01 21.16 -36.41
C LEU C 342 4.46 21.52 -36.09
N ASP C 343 5.43 20.77 -36.60
CA ASP C 343 6.84 21.13 -36.39
C ASP C 343 7.14 22.48 -37.02
N ARG C 344 6.69 22.67 -38.26
CA ARG C 344 6.89 23.97 -38.92
C ARG C 344 6.21 25.08 -38.16
N GLY C 345 4.99 24.83 -37.67
CA GLY C 345 4.29 25.85 -36.90
C GLY C 345 5.00 26.21 -35.62
N MET C 346 5.53 25.19 -34.92
CA MET C 346 6.27 25.45 -33.69
C MET C 346 7.52 26.29 -33.98
N LEU C 347 8.24 25.96 -35.05
CA LEU C 347 9.42 26.74 -35.40
C LEU C 347 9.03 28.17 -35.78
N ALA C 348 7.91 28.32 -36.49
CA ALA C 348 7.46 29.66 -36.88
C ALA C 348 7.09 30.48 -35.64
N TYR C 349 6.42 29.87 -34.67
CA TYR C 349 6.08 30.60 -33.45
C TYR C 349 7.33 30.95 -32.66
N LEU C 350 8.31 30.05 -32.62
CA LEU C 350 9.57 30.38 -31.95
C LEU C 350 10.24 31.59 -32.60
N TYR C 351 10.26 31.62 -33.94
CA TYR C 351 10.84 32.78 -34.62
C TYR C 351 10.01 34.04 -34.36
N ASP C 352 8.68 33.91 -34.35
CA ASP C 352 7.82 35.06 -34.15
C ASP C 352 8.03 35.69 -32.78
N SER C 353 8.12 34.86 -31.74
CA SER C 353 8.18 35.35 -30.37
C SER C 353 9.55 35.87 -29.97
N PHE C 354 10.48 36.00 -30.92
CA PHE C 354 11.83 36.46 -30.62
C PHE C 354 12.15 37.83 -31.21
N GLN C 355 11.34 38.34 -32.13
CA GLN C 355 11.63 39.60 -32.80
C GLN C 355 11.87 40.71 -31.78
N HIS C 368 16.54 45.76 -26.10
CA HIS C 368 17.95 45.38 -26.13
C HIS C 368 18.23 44.24 -25.18
N ARG C 369 17.34 43.25 -25.15
CA ARG C 369 17.53 42.06 -24.34
C ARG C 369 16.94 40.88 -25.08
N LYS C 370 17.59 39.73 -24.96
CA LYS C 370 17.16 38.52 -25.66
C LYS C 370 16.08 37.83 -24.83
N VAL C 371 14.84 37.94 -25.28
CA VAL C 371 13.69 37.39 -24.55
C VAL C 371 12.72 36.77 -25.55
N LEU C 372 12.16 35.63 -25.17
CA LEU C 372 11.16 34.93 -25.98
C LEU C 372 9.79 35.22 -25.41
N LYS C 373 9.02 36.07 -26.09
CA LYS C 373 7.68 36.44 -25.63
C LYS C 373 6.64 35.50 -26.23
N LEU C 374 6.77 34.22 -25.91
CA LEU C 374 5.78 33.24 -26.35
C LEU C 374 4.42 33.57 -25.74
N HIS C 375 3.37 33.23 -26.47
CA HIS C 375 2.03 33.49 -25.99
C HIS C 375 1.79 32.71 -24.69
N PRO C 376 1.09 33.30 -23.71
CA PRO C 376 0.91 32.59 -22.43
C PRO C 376 0.27 31.23 -22.58
N CYS C 377 -0.66 31.08 -23.53
CA CYS C 377 -1.30 29.77 -23.74
C CYS C 377 -0.29 28.74 -24.22
N LEU C 378 0.62 29.14 -25.10
CA LEU C 378 1.55 28.20 -25.71
C LEU C 378 2.86 28.04 -24.95
N ALA C 379 3.17 28.95 -24.03
CA ALA C 379 4.43 28.86 -23.31
C ALA C 379 4.50 27.54 -22.55
N PRO C 380 5.66 26.86 -22.54
CA PRO C 380 5.71 25.56 -21.87
C PRO C 380 5.74 25.65 -20.35
N ILE C 381 6.40 26.66 -19.81
CA ILE C 381 6.52 26.85 -18.36
C ILE C 381 6.04 28.26 -18.04
N LYS C 382 5.15 28.36 -17.05
CA LYS C 382 4.53 29.64 -16.72
C LYS C 382 5.36 30.43 -15.70
N VAL C 383 5.60 29.85 -14.54
CA VAL C 383 6.22 30.56 -13.43
C VAL C 383 7.41 29.77 -12.90
N ALA C 384 8.38 30.49 -12.34
CA ALA C 384 9.58 29.89 -11.76
C ALA C 384 9.70 30.35 -10.31
N LEU C 385 10.04 29.42 -9.42
CA LEU C 385 10.17 29.69 -8.00
C LEU C 385 11.64 29.71 -7.59
N ASP C 386 11.94 30.50 -6.56
CA ASP C 386 13.31 30.65 -6.09
C ASP C 386 13.29 31.01 -4.61
N VAL C 387 14.45 30.92 -3.98
CA VAL C 387 14.61 31.18 -2.56
C VAL C 387 15.50 32.40 -2.38
N GLY C 388 15.47 32.95 -1.16
CA GLY C 388 16.27 34.11 -0.82
C GLY C 388 17.17 33.88 0.37
N ARG C 389 17.72 34.97 0.92
CA ARG C 389 18.65 34.89 2.04
C ARG C 389 17.89 34.65 3.34
N GLY C 390 18.28 33.60 4.06
CA GLY C 390 17.64 33.24 5.31
C GLY C 390 17.76 31.77 5.61
N PRO C 391 16.99 31.29 6.60
CA PRO C 391 17.04 29.86 6.96
C PRO C 391 16.54 28.99 5.81
N THR C 392 17.33 27.97 5.48
CA THR C 392 17.03 27.15 4.30
C THR C 392 15.81 26.26 4.53
N LEU C 393 15.72 25.61 5.68
CA LEU C 393 14.69 24.61 5.93
C LEU C 393 13.32 25.21 6.23
N GLU C 394 13.15 26.52 6.04
CA GLU C 394 11.85 27.17 6.10
C GLU C 394 11.43 27.74 4.76
N LEU C 395 12.34 28.46 4.10
CA LEU C 395 12.09 28.92 2.74
C LEU C 395 11.86 27.74 1.80
N ARG C 396 12.60 26.64 2.00
CA ARG C 396 12.40 25.46 1.17
C ARG C 396 11.01 24.89 1.34
N GLN C 397 10.51 24.83 2.59
CA GLN C 397 9.16 24.31 2.82
C GLN C 397 8.11 25.25 2.24
N VAL C 398 8.32 26.55 2.36
CA VAL C 398 7.38 27.51 1.76
C VAL C 398 7.33 27.30 0.25
N CYS C 399 8.50 27.16 -0.38
CA CYS C 399 8.55 26.95 -1.82
C CYS C 399 7.89 25.64 -2.20
N GLN C 400 8.09 24.58 -1.40
CA GLN C 400 7.45 23.30 -1.68
C GLN C 400 5.93 23.44 -1.64
N GLY C 401 5.41 24.13 -0.63
CA GLY C 401 3.97 24.33 -0.54
C GLY C 401 3.42 25.10 -1.72
N LEU C 402 4.11 26.19 -2.09
CA LEU C 402 3.66 26.98 -3.23
C LEU C 402 3.73 26.16 -4.52
N PHE C 403 4.77 25.35 -4.67
CA PHE C 403 4.93 24.50 -5.84
C PHE C 403 3.76 23.52 -5.95
N ASN C 404 3.44 22.84 -4.85
CA ASN C 404 2.33 21.90 -4.87
C ASN C 404 1.01 22.61 -5.17
N GLU C 405 0.79 23.77 -4.55
CA GLU C 405 -0.46 24.50 -4.79
C GLU C 405 -0.58 24.90 -6.26
N LEU C 406 0.50 25.41 -6.84
CA LEU C 406 0.46 25.85 -8.23
C LEU C 406 0.23 24.68 -9.17
N LEU C 407 0.85 23.53 -8.88
CA LEU C 407 0.69 22.39 -9.79
C LEU C 407 -0.68 21.74 -9.66
N GLU C 408 -1.29 21.79 -8.47
CA GLU C 408 -2.59 21.16 -8.29
C GLU C 408 -3.65 21.76 -9.21
N ASN C 409 -3.47 23.00 -9.66
CA ASN C 409 -4.45 23.68 -10.49
C ASN C 409 -4.08 23.69 -11.97
N GLY C 410 -3.07 22.93 -12.37
CA GLY C 410 -2.71 22.83 -13.78
C GLY C 410 -1.74 23.89 -14.27
N ILE C 411 -0.98 24.52 -13.38
CA ILE C 411 -0.01 25.53 -13.77
C ILE C 411 1.38 24.90 -13.74
N SER C 412 2.06 24.89 -14.89
CA SER C 412 3.42 24.37 -14.96
C SER C 412 4.38 25.29 -14.20
N VAL C 413 5.36 24.68 -13.54
CA VAL C 413 6.26 25.41 -12.64
C VAL C 413 7.68 24.93 -12.87
N TRP C 414 8.64 25.84 -12.74
CA TRP C 414 10.06 25.50 -12.79
C TRP C 414 10.61 25.50 -11.39
N PRO C 415 11.01 24.36 -10.83
CA PRO C 415 11.47 24.32 -9.42
C PRO C 415 12.85 24.92 -9.25
N GLY C 416 12.95 26.24 -9.45
CA GLY C 416 14.21 26.93 -9.28
C GLY C 416 14.67 27.02 -7.84
N TYR C 417 13.77 26.78 -6.89
CA TYR C 417 14.15 26.85 -5.48
C TYR C 417 15.14 25.76 -5.10
N LEU C 418 15.24 24.69 -5.90
CA LEU C 418 16.19 23.62 -5.61
C LEU C 418 17.63 24.04 -5.85
N GLU C 419 17.86 25.03 -6.71
CA GLU C 419 19.21 25.45 -7.04
C GLU C 419 19.78 26.33 -5.93
N THR C 420 21.09 26.25 -5.77
CA THR C 420 21.79 27.11 -4.82
C THR C 420 22.00 28.49 -5.42
N MET C 421 22.28 29.47 -4.55
CA MET C 421 22.52 30.85 -4.98
C MET C 421 23.90 30.89 -5.62
N GLN C 422 23.98 30.40 -6.86
CA GLN C 422 25.25 30.32 -7.56
C GLN C 422 25.59 31.60 -8.31
N SER C 423 24.60 32.35 -8.76
CA SER C 423 24.84 33.54 -9.58
C SER C 423 23.98 34.69 -9.09
N SER C 424 24.20 35.85 -9.69
CA SER C 424 23.46 37.05 -9.30
C SER C 424 22.02 36.95 -9.80
N LEU C 425 21.19 37.87 -9.28
CA LEU C 425 19.78 37.87 -9.64
C LEU C 425 19.56 38.22 -11.10
N GLU C 426 20.36 39.12 -11.65
CA GLU C 426 20.17 39.53 -13.04
C GLU C 426 20.35 38.38 -14.00
N GLN C 427 21.35 37.53 -13.76
CA GLN C 427 21.55 36.37 -14.62
C GLN C 427 20.36 35.41 -14.54
N LEU C 428 19.79 35.25 -13.35
CA LEU C 428 18.59 34.43 -13.20
C LEU C 428 17.43 35.01 -14.00
N TYR C 429 17.25 36.34 -13.93
CA TYR C 429 16.21 36.99 -14.72
C TYR C 429 16.43 36.76 -16.21
N SER C 430 17.68 36.90 -16.68
CA SER C 430 17.96 36.72 -18.09
C SER C 430 17.70 35.29 -18.52
N LYS C 431 18.11 34.31 -17.71
CA LYS C 431 17.85 32.92 -18.04
C LYS C 431 16.37 32.65 -18.15
N TYR C 432 15.58 33.18 -17.21
CA TYR C 432 14.13 32.96 -17.27
C TYR C 432 13.51 33.69 -18.45
N ASP C 433 14.04 34.87 -18.82
CA ASP C 433 13.54 35.56 -20.00
C ASP C 433 13.78 34.74 -21.26
N GLU C 434 14.96 34.14 -21.39
CA GLU C 434 15.23 33.32 -22.56
C GLU C 434 14.33 32.09 -22.59
N MET C 435 14.06 31.48 -21.44
CA MET C 435 13.17 30.33 -21.40
C MET C 435 11.71 30.69 -21.61
N SER C 436 11.38 31.98 -21.67
CA SER C 436 10.00 32.44 -21.89
C SER C 436 9.14 32.25 -20.66
N ILE C 437 9.73 32.33 -19.46
CA ILE C 437 8.96 32.20 -18.23
C ILE C 437 8.09 33.44 -18.05
N LEU C 438 6.80 33.23 -17.81
CA LEU C 438 5.87 34.35 -17.71
C LEU C 438 6.16 35.20 -16.49
N PHE C 439 6.27 34.58 -15.32
CA PHE C 439 6.47 35.29 -14.07
C PHE C 439 7.57 34.63 -13.25
N THR C 440 8.27 35.44 -12.48
CA THR C 440 9.34 34.99 -11.60
C THR C 440 8.96 35.32 -10.16
N VAL C 441 9.03 34.32 -9.29
CA VAL C 441 8.66 34.44 -7.88
C VAL C 441 9.92 34.36 -7.03
N LEU C 442 10.06 35.31 -6.11
CA LEU C 442 11.20 35.36 -5.18
C LEU C 442 10.67 35.29 -3.76
N VAL C 443 11.10 34.26 -3.03
CA VAL C 443 10.78 34.12 -1.62
C VAL C 443 11.97 34.59 -0.78
N THR C 444 11.66 35.20 0.36
CA THR C 444 12.68 35.77 1.23
C THR C 444 12.25 35.56 2.68
N GLU C 445 13.19 35.78 3.60
CA GLU C 445 12.83 35.76 5.02
C GLU C 445 11.70 36.74 5.32
N THR C 446 11.61 37.82 4.54
CA THR C 446 10.48 38.72 4.67
C THR C 446 9.16 38.03 4.35
N THR C 447 9.18 36.97 3.55
CA THR C 447 7.98 36.17 3.37
C THR C 447 7.56 35.52 4.68
N LEU C 448 8.52 34.99 5.44
CA LEU C 448 8.21 34.42 6.74
C LEU C 448 7.74 35.48 7.72
N GLU C 449 8.35 36.67 7.66
CA GLU C 449 8.03 37.71 8.63
C GLU C 449 6.66 38.34 8.35
N ASN C 450 6.34 38.57 7.08
CA ASN C 450 5.11 39.27 6.71
C ASN C 450 4.23 38.50 5.74
N GLY C 451 4.73 37.47 5.06
CA GLY C 451 3.95 36.76 4.07
C GLY C 451 4.04 37.29 2.67
N LEU C 452 4.84 38.31 2.42
CA LEU C 452 4.95 38.91 1.09
C LEU C 452 5.96 38.16 0.24
N ILE C 453 5.72 38.16 -1.07
CA ILE C 453 6.55 37.48 -2.04
C ILE C 453 6.80 38.44 -3.21
N HIS C 454 8.05 38.47 -3.68
CA HIS C 454 8.41 39.33 -4.79
C HIS C 454 8.02 38.68 -6.12
N LEU C 455 7.53 39.51 -7.05
CA LEU C 455 7.05 39.05 -8.33
C LEU C 455 7.65 39.91 -9.44
N ARG C 456 8.05 39.24 -10.53
CA ARG C 456 8.51 39.93 -11.73
C ARG C 456 7.76 39.39 -12.93
N SER C 457 7.39 40.30 -13.83
CA SER C 457 6.63 39.95 -15.03
C SER C 457 7.53 39.97 -16.25
N ARG C 458 7.37 38.95 -17.10
CA ARG C 458 8.24 38.80 -18.27
C ARG C 458 8.08 39.98 -19.23
N ASP C 459 6.86 40.44 -19.44
CA ASP C 459 6.59 41.41 -20.51
C ASP C 459 6.87 42.84 -20.10
N THR C 460 7.01 43.13 -18.81
CA THR C 460 7.16 44.49 -18.34
C THR C 460 8.46 44.76 -17.61
N THR C 461 9.04 43.76 -16.95
CA THR C 461 10.25 43.88 -16.14
C THR C 461 10.03 44.71 -14.88
N MET C 462 8.78 44.97 -14.50
CA MET C 462 8.51 45.71 -13.28
C MET C 462 8.32 44.75 -12.11
N LYS C 463 8.77 45.18 -10.94
CA LYS C 463 8.75 44.35 -9.73
C LYS C 463 7.54 44.71 -8.88
N GLU C 464 6.97 43.71 -8.23
CA GLU C 464 5.77 43.88 -7.41
C GLU C 464 5.87 42.98 -6.19
N MET C 465 5.00 43.24 -5.21
CA MET C 465 4.90 42.43 -4.01
C MET C 465 3.47 41.91 -3.88
N MET C 466 3.33 40.63 -3.52
CA MET C 466 2.00 40.05 -3.41
C MET C 466 1.96 39.05 -2.26
N HIS C 467 0.78 38.88 -1.69
CA HIS C 467 0.58 37.88 -0.66
C HIS C 467 0.46 36.49 -1.29
N ILE C 468 1.01 35.49 -0.59
CA ILE C 468 1.10 34.15 -1.16
C ILE C 468 -0.28 33.61 -1.49
N SER C 469 -1.22 33.73 -0.55
CA SER C 469 -2.53 33.10 -0.72
C SER C 469 -3.25 33.57 -1.96
N LYS C 470 -2.89 34.74 -2.49
CA LYS C 470 -3.52 35.29 -3.68
C LYS C 470 -2.88 34.77 -4.96
N LEU C 471 -1.56 34.54 -4.95
CA LEU C 471 -0.81 34.42 -6.19
C LEU C 471 -1.47 33.42 -7.14
N LYS C 472 -1.77 32.22 -6.65
CA LYS C 472 -2.39 31.20 -7.48
C LYS C 472 -3.51 31.80 -8.30
N ASP C 473 -4.54 32.31 -7.63
CA ASP C 473 -5.68 32.87 -8.34
C ASP C 473 -5.22 33.86 -9.40
N PHE C 474 -4.38 34.81 -9.00
CA PHE C 474 -3.91 35.83 -9.93
C PHE C 474 -3.39 35.18 -11.21
N LEU C 475 -2.50 34.20 -11.05
CA LEU C 475 -1.92 33.56 -12.23
C LEU C 475 -3.02 33.08 -13.16
N ILE C 476 -3.98 32.32 -12.63
CA ILE C 476 -5.04 31.79 -13.48
C ILE C 476 -5.70 32.94 -14.22
N LYS C 477 -6.08 33.98 -13.49
CA LYS C 477 -6.75 35.11 -14.12
C LYS C 477 -5.93 35.59 -15.32
N TYR C 478 -4.64 35.81 -15.11
CA TYR C 478 -3.78 36.24 -16.20
C TYR C 478 -3.98 35.36 -17.42
N ILE C 479 -3.74 34.06 -17.27
CA ILE C 479 -3.88 33.15 -18.40
C ILE C 479 -5.28 33.28 -18.98
N SER C 480 -6.30 33.27 -18.12
CA SER C 480 -7.66 33.36 -18.60
C SER C 480 -7.84 34.59 -19.48
N SER C 481 -7.35 35.73 -19.01
CA SER C 481 -7.45 36.94 -19.81
C SER C 481 -6.79 36.75 -21.17
N ALA C 482 -5.57 36.21 -21.17
CA ALA C 482 -4.88 35.98 -22.43
C ALA C 482 -5.68 35.12 -23.37
N LYS C 483 -6.47 34.17 -22.82
CA LYS C 483 -7.27 33.30 -23.67
C LYS C 483 -8.48 34.02 -24.21
N ASN C 484 -9.06 34.92 -23.41
CA ASN C 484 -10.28 35.61 -23.84
C ASN C 484 -9.98 36.80 -24.75
N VAL C 485 -8.85 37.48 -24.54
CA VAL C 485 -8.49 38.61 -25.39
C VAL C 485 -8.27 38.20 -26.83
#